data_8ISJ
#
_entry.id   8ISJ
#
_cell.length_a   1.00
_cell.length_b   1.00
_cell.length_c   1.00
_cell.angle_alpha   90.00
_cell.angle_beta   90.00
_cell.angle_gamma   90.00
#
_symmetry.space_group_name_H-M   'P 1'
#
loop_
_entity.id
_entity.type
_entity.pdbx_description
1 polymer 'Phytochrome A'
2 non-polymer '3-[5-[[(3~{R},4~{R})-3-ethyl-4-methyl-5-oxidanylidene-3,4-dihydropyrrol-2-yl]methyl]-2-[[5-[(4-ethyl-3-methyl-5-oxidanylidene-pyrrol-2-yl)methyl]-3-(3-hydroxy-3-oxopropyl)-4-methyl-1~{H}-pyrrol-2-yl]methyl]-4-methyl-1~{H}-pyrrol-3-yl]propanoic acid'
#
_entity_poly.entity_id   1
_entity_poly.type   'polypeptide(L)'
_entity_poly.pdbx_seq_one_letter_code
;MSGSRPTQSSEGSRRSRHSARIIAQTTVDAKLHADFEESGSSFDYSTSVRVTGPVVENQPPRSDKVTTTYLHHIQKGKLI
QPFGCLLALDEKTFKVIAYSENASELLTMASHAVPSVGEHPVLGIGTDIRSLFTAPSASALQKALGFGDVSLLNPILVHC
RTSAKPFYAIIHRVTGSIIIDFEPVKPYEVPMTAAGALQSYKLAAKAITRLQSLPSGSMERLCDTMVQEVFELTGYDRVM
AYKFHEDDHGEVVSEVTKPGLEPYLGLHYPATDIPQAARFLFMKNKVRMIVDCNAKHARVLQDEKLSFDLTLCGSTLRAP
HSCHLQYMANMDSIASLVMAVVVNEEDGEGDAPDATTQPQKRKRLWGLVVCHNTTPRFVPFPLRYACEFLAQVFAIHVNK
EVELDNQMVEKNILRTQTLLCDMLMRDAPLGIVSQSPNIMDLVKCDGAALLYKDKIWKLGTTPSEFHLQEIASWLCEYHM
DSTGLSTDSLHDAGFPRALSLGDSVCGMAAVRISSKDMIFWFRSHTAGEVRWGGAKHDPDDRDDARRMHPRSSFKAFLEV
VKTRSLPWKDYEMDAIHSLQLILRNAFKDSETTDVNTKVIYSKLNDLKIDGIQELEAVTSEMVRLIETATVPILAVDSDG
LVNGWNTKIAELTGLSVDEAIGKHFLTLVEDSSVEIVKRMLENALEGTEEQNVQFEIKTHLSRADAGPISLVVNACASRD
LHENVVGVCFVAHDLTGQKTVMDKFTRIEGDYKAIIQNPNPLIPPIFGTDEFGWCTEWNPAMSKLTGLKREEVIDKMLLG
EVFGTQKSCCRLKNQEAFVNLGIVLNNAVTSQDPEKVSFAFFTRGGKYVECLLCVSKKLDREGVVTGVFCFLQLASHELQ
QALHVQRLAERTAVKRLKALAYIKRQIRNPLSGIMFTRKMIEGTELGPEQRRILQTSALCQKQLSKILDDSDLESIIEGC
LDLEMKEFTLNEVLTASTSQVMMKSNGKSVRITNETGEEVMSDTLYGDSIRLQQVLADFMLMAVNFTPSGGQLTVSASLR
KDQLGRSVHLANLEIRLTHTGAGIPEFLLNQMFGTEEDVSEEGLSLMVSRKLVKLMNGDVQYLRQAGKSSFIITAELAAA
;
_entity_poly.pdbx_strand_id   A,B
#
loop_
_chem_comp.id
_chem_comp.type
_chem_comp.name
_chem_comp.formula
O6E non-polymer '3-[5-[[(3~{R},4~{R})-3-ethyl-4-methyl-5-oxidanylidene-3,4-dihydropyrrol-2-yl]methyl]-2-[[5-[(4-ethyl-3-methyl-5-oxidanylidene-pyrrol-2-yl)methyl]-3-(3-hydroxy-3-oxopropyl)-4-methyl-1~{H}-pyrrol-2-yl]methyl]-4-methyl-1~{H}-pyrrol-3-yl]propanoic acid' 'C33 H38 N4 O6'
#
# COMPACT_ATOMS: atom_id res chain seq x y z
N HIS A 73 -13.24 -43.32 30.83
CA HIS A 73 -13.20 -44.65 31.44
C HIS A 73 -12.03 -45.45 30.90
N ILE A 74 -11.12 -44.79 30.18
CA ILE A 74 -9.96 -45.45 29.61
C ILE A 74 -8.79 -45.53 30.59
N GLN A 75 -8.91 -44.89 31.75
CA GLN A 75 -7.82 -44.90 32.73
C GLN A 75 -7.57 -46.29 33.30
N LYS A 76 -8.52 -47.21 33.17
CA LYS A 76 -8.35 -48.56 33.67
C LYS A 76 -7.66 -49.48 32.67
N GLY A 77 -7.44 -49.03 31.44
CA GLY A 77 -6.80 -49.88 30.45
C GLY A 77 -5.35 -50.15 30.80
N LYS A 78 -4.96 -51.42 30.65
CA LYS A 78 -3.60 -51.87 30.95
C LYS A 78 -3.08 -52.76 29.83
N LEU A 79 -3.30 -52.31 28.59
CA LEU A 79 -2.90 -53.05 27.40
C LEU A 79 -2.27 -52.08 26.42
N ILE A 80 -1.16 -52.48 25.79
CA ILE A 80 -0.38 -51.60 24.94
C ILE A 80 -0.15 -52.26 23.58
N GLN A 81 0.14 -51.42 22.59
CA GLN A 81 0.46 -51.90 21.26
C GLN A 81 1.86 -52.53 21.26
N PRO A 82 2.12 -53.45 20.33
CA PRO A 82 3.37 -54.22 20.37
C PRO A 82 4.52 -53.65 19.53
N PHE A 83 4.40 -52.45 18.97
CA PHE A 83 5.47 -51.92 18.14
C PHE A 83 6.60 -51.29 18.95
N GLY A 84 6.45 -51.19 20.27
CA GLY A 84 7.49 -50.66 21.12
C GLY A 84 7.43 -51.21 22.52
N CYS A 85 8.05 -50.52 23.47
CA CYS A 85 8.02 -50.93 24.87
C CYS A 85 7.76 -49.72 25.77
N LEU A 86 7.18 -50.01 26.93
CA LEU A 86 6.83 -48.99 27.91
C LEU A 86 7.55 -49.28 29.23
N LEU A 87 8.10 -48.26 29.85
CA LEU A 87 8.85 -48.41 31.09
C LEU A 87 8.49 -47.27 32.03
N ALA A 88 8.04 -47.59 33.23
CA ALA A 88 7.69 -46.58 34.21
C ALA A 88 8.76 -46.48 35.29
N LEU A 89 8.98 -45.26 35.77
CA LEU A 89 9.98 -44.96 36.78
C LEU A 89 9.33 -44.19 37.92
N ASP A 90 9.71 -44.55 39.15
CA ASP A 90 9.27 -43.80 40.31
C ASP A 90 9.87 -42.40 40.29
N GLU A 91 9.06 -41.42 40.67
CA GLU A 91 9.49 -40.02 40.58
C GLU A 91 10.68 -39.74 41.49
N LYS A 92 10.77 -40.42 42.63
CA LYS A 92 11.81 -40.13 43.60
C LYS A 92 13.15 -40.75 43.21
N THR A 93 13.21 -42.09 43.17
CA THR A 93 14.48 -42.80 43.13
C THR A 93 14.88 -43.28 41.74
N PHE A 94 14.07 -43.02 40.71
CA PHE A 94 14.40 -43.37 39.33
C PHE A 94 14.67 -44.87 39.18
N LYS A 95 13.74 -45.69 39.67
CA LYS A 95 13.82 -47.13 39.57
C LYS A 95 12.62 -47.68 38.81
N VAL A 96 12.81 -48.87 38.25
CA VAL A 96 11.76 -49.49 37.44
C VAL A 96 10.66 -50.00 38.35
N ILE A 97 9.42 -49.58 38.09
CA ILE A 97 8.25 -50.06 38.83
C ILE A 97 7.17 -50.60 37.90
N ALA A 98 7.38 -50.60 36.58
CA ALA A 98 6.44 -51.17 35.64
C ALA A 98 7.10 -51.39 34.29
N TYR A 99 7.05 -52.62 33.78
CA TYR A 99 7.68 -52.97 32.53
C TYR A 99 6.74 -53.86 31.72
N SER A 100 6.62 -53.55 30.43
CA SER A 100 5.82 -54.38 29.54
C SER A 100 6.52 -55.70 29.26
N GLU A 101 5.72 -56.72 28.92
CA GLU A 101 6.29 -58.02 28.58
C GLU A 101 7.15 -57.94 27.32
N ASN A 102 6.88 -56.98 26.44
CA ASN A 102 7.68 -56.79 25.24
C ASN A 102 9.04 -56.20 25.54
N ALA A 103 9.19 -55.47 26.66
CA ALA A 103 10.43 -54.77 26.95
C ALA A 103 11.58 -55.74 27.18
N SER A 104 11.31 -56.88 27.81
CA SER A 104 12.38 -57.83 28.12
C SER A 104 13.06 -58.33 26.85
N GLU A 105 12.26 -58.69 25.83
CA GLU A 105 12.84 -59.17 24.58
C GLU A 105 13.36 -58.02 23.73
N LEU A 106 12.65 -56.88 23.72
CA LEU A 106 12.99 -55.80 22.80
C LEU A 106 14.33 -55.16 23.14
N LEU A 107 14.62 -54.96 24.42
CA LEU A 107 15.80 -54.21 24.84
C LEU A 107 16.93 -55.12 25.29
N THR A 108 16.68 -55.99 26.29
CA THR A 108 17.75 -56.75 26.92
C THR A 108 18.41 -57.73 25.95
N MET A 109 17.61 -58.44 25.16
CA MET A 109 18.13 -59.48 24.30
C MET A 109 19.04 -58.90 23.22
N ALA A 110 20.13 -59.59 22.95
CA ALA A 110 21.09 -59.15 21.94
C ALA A 110 21.32 -60.24 20.90
N PRO A 121 21.13 -58.49 32.58
CA PRO A 121 20.28 -58.37 33.78
C PRO A 121 18.81 -58.66 33.50
N VAL A 122 18.09 -59.14 34.51
CA VAL A 122 16.68 -59.44 34.38
C VAL A 122 15.86 -58.23 34.78
N LEU A 123 14.91 -57.85 33.93
CA LEU A 123 14.08 -56.67 34.17
C LEU A 123 13.00 -57.01 35.19
N GLY A 124 13.07 -56.39 36.36
CA GLY A 124 12.07 -56.61 37.39
C GLY A 124 11.57 -55.32 37.99
N ILE A 125 11.49 -55.26 39.32
CA ILE A 125 11.05 -54.09 40.05
C ILE A 125 12.26 -53.46 40.72
N GLY A 126 12.43 -52.16 40.54
CA GLY A 126 13.54 -51.45 41.13
C GLY A 126 14.85 -51.54 40.39
N THR A 127 14.84 -52.06 39.16
CA THR A 127 16.07 -52.17 38.39
C THR A 127 16.61 -50.79 38.04
N ASP A 128 17.94 -50.67 38.05
CA ASP A 128 18.58 -49.39 37.71
C ASP A 128 18.51 -49.17 36.21
N ILE A 129 17.91 -48.05 35.80
CA ILE A 129 17.76 -47.75 34.39
C ILE A 129 19.12 -47.52 33.73
N ARG A 130 20.10 -47.03 34.49
CA ARG A 130 21.42 -46.77 33.94
C ARG A 130 22.06 -48.04 33.39
N SER A 131 21.79 -49.19 34.01
CA SER A 131 22.33 -50.45 33.53
C SER A 131 21.69 -50.93 32.24
N LEU A 132 20.60 -50.29 31.80
CA LEU A 132 19.93 -50.73 30.58
C LEU A 132 20.65 -50.27 29.32
N PHE A 133 21.30 -49.10 29.36
CA PHE A 133 21.90 -48.51 28.18
C PHE A 133 23.33 -48.11 28.47
N THR A 134 24.07 -47.78 27.42
CA THR A 134 25.45 -47.33 27.56
C THR A 134 25.52 -46.01 28.31
N ALA A 135 26.66 -45.79 28.97
CA ALA A 135 26.86 -44.54 29.70
C ALA A 135 26.70 -43.30 28.82
N PRO A 136 27.30 -43.22 27.63
CA PRO A 136 27.03 -42.05 26.78
C PRO A 136 25.56 -41.88 26.43
N SER A 137 24.85 -42.98 26.19
CA SER A 137 23.42 -42.88 25.90
C SER A 137 22.62 -42.58 27.15
N ALA A 138 22.95 -43.23 28.27
CA ALA A 138 22.22 -43.02 29.51
C ALA A 138 22.45 -41.62 30.09
N SER A 139 23.52 -40.94 29.69
CA SER A 139 23.81 -39.61 30.23
C SER A 139 22.71 -38.62 29.87
N ALA A 140 22.19 -38.70 28.64
CA ALA A 140 21.13 -37.80 28.23
C ALA A 140 19.84 -38.04 29.01
N LEU A 141 19.61 -39.29 29.44
CA LEU A 141 18.36 -39.60 30.14
C LEU A 141 18.23 -38.79 31.43
N GLN A 142 19.19 -38.94 32.34
CA GLN A 142 19.11 -38.25 33.64
C GLN A 142 18.95 -36.76 33.45
N LYS A 143 19.60 -36.19 32.43
CA LYS A 143 19.37 -34.79 32.10
C LYS A 143 17.91 -34.56 31.72
N ALA A 144 17.33 -35.46 30.92
CA ALA A 144 15.95 -35.28 30.49
C ALA A 144 14.98 -35.32 31.66
N LEU A 145 15.13 -36.30 32.55
CA LEU A 145 14.26 -36.33 33.73
C LEU A 145 14.56 -35.18 34.68
N GLY A 146 15.78 -34.67 34.67
CA GLY A 146 16.08 -33.50 35.49
C GLY A 146 15.56 -32.19 34.94
N PHE A 147 15.09 -32.19 33.70
CA PHE A 147 14.60 -30.97 33.07
C PHE A 147 13.24 -30.57 33.63
N GLY A 148 12.93 -29.29 33.49
CA GLY A 148 11.64 -28.77 33.93
C GLY A 148 10.51 -29.13 33.00
N ASP A 149 10.62 -28.74 31.73
CA ASP A 149 9.62 -29.04 30.71
C ASP A 149 10.27 -30.00 29.71
N VAL A 150 10.15 -31.29 29.99
CA VAL A 150 10.80 -32.31 29.17
C VAL A 150 10.25 -32.35 27.75
N SER A 151 9.02 -31.85 27.53
CA SER A 151 8.38 -31.98 26.23
C SER A 151 9.15 -31.25 25.13
N LEU A 152 10.05 -30.34 25.49
CA LEU A 152 10.85 -29.62 24.50
C LEU A 152 11.98 -30.45 23.93
N LEU A 153 12.30 -31.60 24.53
CA LEU A 153 13.37 -32.47 24.05
C LEU A 153 12.91 -33.92 24.12
N ASN A 154 11.69 -34.19 23.64
CA ASN A 154 11.11 -35.52 23.79
C ASN A 154 11.86 -36.59 23.02
N PRO A 155 11.98 -36.54 21.68
CA PRO A 155 12.58 -37.68 20.97
C PRO A 155 14.07 -37.79 21.21
N ILE A 156 14.50 -38.79 21.98
CA ILE A 156 15.89 -38.95 22.36
C ILE A 156 16.42 -40.24 21.75
N LEU A 157 17.51 -40.11 20.98
CA LEU A 157 18.15 -41.32 20.39
C LEU A 157 18.97 -42.00 21.49
N VAL A 158 18.74 -43.29 21.71
CA VAL A 158 19.38 -44.03 22.79
C VAL A 158 19.80 -45.39 22.27
N HIS A 159 21.03 -45.81 22.62
CA HIS A 159 21.54 -47.12 22.27
C HIS A 159 21.58 -48.00 23.52
N CYS A 160 21.25 -49.28 23.35
CA CYS A 160 21.25 -50.20 24.47
C CYS A 160 22.69 -50.51 24.91
N ARG A 161 22.82 -51.06 26.12
CA ARG A 161 24.12 -51.19 26.74
C ARG A 161 25.04 -52.12 25.95
N THR A 162 24.52 -53.26 25.48
CA THR A 162 25.34 -54.27 24.84
C THR A 162 25.21 -54.28 23.33
N SER A 163 23.99 -54.43 22.81
CA SER A 163 23.78 -54.51 21.37
C SER A 163 23.86 -53.14 20.70
N ALA A 164 23.67 -52.06 21.44
CA ALA A 164 23.71 -50.69 20.91
C ALA A 164 22.70 -50.49 19.79
N LYS A 165 21.53 -51.14 19.90
CA LYS A 165 20.49 -50.94 18.90
C LYS A 165 19.82 -49.59 19.12
N PRO A 166 19.67 -48.77 18.08
CA PRO A 166 19.09 -47.43 18.27
C PRO A 166 17.61 -47.51 18.60
N PHE A 167 17.16 -46.60 19.46
CA PHE A 167 15.76 -46.46 19.81
C PHE A 167 15.43 -45.00 20.02
N TYR A 168 14.17 -44.64 19.79
CA TYR A 168 13.65 -43.35 20.15
C TYR A 168 12.96 -43.46 21.51
N ALA A 169 13.35 -42.60 22.45
CA ALA A 169 12.76 -42.55 23.77
C ALA A 169 11.92 -41.29 23.87
N ILE A 170 10.69 -41.44 24.37
CA ILE A 170 9.76 -40.35 24.57
C ILE A 170 9.32 -40.38 26.03
N ILE A 171 9.43 -39.24 26.71
CA ILE A 171 9.24 -39.17 28.15
C ILE A 171 8.07 -38.25 28.47
N HIS A 172 7.22 -38.67 29.41
CA HIS A 172 6.18 -37.81 29.92
C HIS A 172 5.96 -38.13 31.40
N ARG A 173 5.26 -37.24 32.09
CA ARG A 173 5.09 -37.32 33.54
C ARG A 173 3.63 -37.57 33.87
N VAL A 174 3.38 -38.60 34.68
CA VAL A 174 2.07 -38.83 35.26
C VAL A 174 2.18 -38.62 36.77
N THR A 175 1.03 -38.61 37.44
CA THR A 175 1.00 -38.32 38.87
C THR A 175 1.88 -39.29 39.64
N GLY A 176 3.01 -38.78 40.15
CA GLY A 176 3.93 -39.61 40.91
C GLY A 176 4.72 -40.61 40.12
N SER A 177 4.87 -40.42 38.81
CA SER A 177 5.64 -41.36 38.01
C SER A 177 6.09 -40.71 36.71
N ILE A 178 7.09 -41.32 36.08
CA ILE A 178 7.61 -40.87 34.80
C ILE A 178 7.55 -42.04 33.83
N ILE A 179 6.79 -41.89 32.75
CA ILE A 179 6.58 -42.95 31.77
C ILE A 179 7.44 -42.67 30.54
N ILE A 180 8.16 -43.69 30.09
CA ILE A 180 9.02 -43.61 28.92
C ILE A 180 8.57 -44.66 27.91
N ASP A 181 8.43 -44.25 26.66
CA ASP A 181 8.10 -45.15 25.57
C ASP A 181 9.29 -45.25 24.63
N PHE A 182 9.72 -46.48 24.37
CA PHE A 182 10.84 -46.75 23.48
C PHE A 182 10.31 -47.36 22.18
N GLU A 183 10.70 -46.78 21.05
CA GLU A 183 10.27 -47.22 19.75
C GLU A 183 11.49 -47.54 18.89
N PRO A 184 11.53 -48.70 18.24
CA PRO A 184 12.67 -49.02 17.36
C PRO A 184 12.83 -47.97 16.27
N VAL A 185 14.08 -47.66 15.95
CA VAL A 185 14.41 -46.72 14.88
C VAL A 185 14.55 -47.50 13.58
N LYS A 186 13.66 -47.23 12.63
CA LYS A 186 13.72 -47.91 11.35
C LYS A 186 14.99 -47.49 10.60
N PRO A 187 15.58 -48.41 9.83
CA PRO A 187 16.79 -48.07 9.06
C PRO A 187 16.54 -47.23 7.83
N TYR A 188 15.34 -46.64 7.68
CA TYR A 188 15.10 -45.70 6.60
C TYR A 188 16.11 -44.55 6.64
N GLU A 189 16.23 -43.90 7.80
CA GLU A 189 17.28 -42.92 8.07
C GLU A 189 17.65 -43.10 9.55
N VAL A 190 18.64 -43.94 9.82
CA VAL A 190 19.07 -44.18 11.19
C VAL A 190 19.98 -43.06 11.70
N PRO A 191 20.91 -42.47 10.90
CA PRO A 191 21.64 -41.31 11.43
C PRO A 191 20.90 -40.01 11.19
N MET A 192 21.50 -38.93 11.72
CA MET A 192 20.92 -37.57 11.60
C MET A 192 19.49 -37.53 12.14
N THR A 193 18.53 -37.16 11.29
CA THR A 193 17.11 -37.01 11.63
C THR A 193 17.02 -35.97 12.75
N ALA A 194 16.02 -36.08 13.62
CA ALA A 194 15.75 -35.08 14.63
C ALA A 194 15.98 -35.64 16.03
N ALA A 195 16.37 -34.75 16.95
CA ALA A 195 16.59 -35.14 18.34
C ALA A 195 15.99 -34.12 19.30
N GLY A 196 15.02 -33.32 18.87
CA GLY A 196 14.40 -32.33 19.71
C GLY A 196 13.06 -31.92 19.15
N ALA A 197 12.43 -30.96 19.83
CA ALA A 197 11.12 -30.48 19.40
C ALA A 197 11.20 -29.42 18.31
N LEU A 198 12.39 -28.88 18.03
CA LEU A 198 12.56 -27.90 16.97
C LEU A 198 13.11 -28.50 15.68
N GLN A 199 13.97 -29.52 15.79
CA GLN A 199 14.44 -30.22 14.60
C GLN A 199 13.30 -30.95 13.90
N SER A 200 12.38 -31.53 14.69
CA SER A 200 11.25 -32.24 14.11
C SER A 200 10.28 -31.31 13.41
N TYR A 201 10.11 -30.09 13.93
CA TYR A 201 9.22 -29.12 13.29
C TYR A 201 9.67 -28.76 11.88
N LYS A 202 10.95 -28.98 11.55
CA LYS A 202 11.48 -28.56 10.27
C LYS A 202 10.90 -29.37 9.10
N LEU A 203 10.36 -30.56 9.37
CA LEU A 203 9.86 -31.42 8.31
C LEU A 203 8.58 -30.89 7.67
N ALA A 204 7.92 -29.90 8.28
CA ALA A 204 6.66 -29.36 7.77
C ALA A 204 6.84 -27.97 7.16
N ALA A 205 8.07 -27.59 6.82
CA ALA A 205 8.32 -26.25 6.31
C ALA A 205 7.62 -26.00 4.99
N LYS A 206 7.66 -26.98 4.07
CA LYS A 206 7.01 -26.82 2.78
C LYS A 206 5.50 -26.67 2.93
N ALA A 207 4.89 -27.50 3.77
CA ALA A 207 3.45 -27.41 3.99
C ALA A 207 3.08 -26.08 4.64
N ILE A 208 3.89 -25.61 5.59
CA ILE A 208 3.61 -24.33 6.25
C ILE A 208 3.71 -23.19 5.25
N THR A 209 4.73 -23.22 4.38
CA THR A 209 4.88 -22.18 3.37
C THR A 209 3.70 -22.19 2.40
N ARG A 210 3.28 -23.39 1.97
CA ARG A 210 2.15 -23.47 1.05
C ARG A 210 0.87 -22.95 1.69
N LEU A 211 0.66 -23.27 2.97
CA LEU A 211 -0.52 -22.77 3.67
C LEU A 211 -0.48 -21.25 3.82
N GLN A 212 0.69 -20.70 4.14
CA GLN A 212 0.81 -19.26 4.35
C GLN A 212 0.72 -18.47 3.04
N SER A 213 1.11 -19.06 1.92
CA SER A 213 1.07 -18.37 0.64
C SER A 213 -0.32 -18.33 0.02
N LEU A 214 -1.30 -19.01 0.61
CA LEU A 214 -2.64 -19.06 0.05
C LEU A 214 -3.40 -17.78 0.35
N PRO A 215 -3.96 -17.11 -0.65
CA PRO A 215 -4.75 -15.90 -0.38
C PRO A 215 -6.01 -16.20 0.41
N SER A 216 -6.36 -15.29 1.31
CA SER A 216 -7.46 -15.50 2.23
C SER A 216 -8.80 -15.28 1.53
N GLY A 217 -9.88 -15.68 2.22
CA GLY A 217 -11.22 -15.43 1.74
C GLY A 217 -12.15 -16.64 1.74
N SER A 218 -11.63 -17.82 1.40
CA SER A 218 -12.44 -19.02 1.26
C SER A 218 -11.91 -20.13 2.16
N MET A 219 -12.82 -20.78 2.89
CA MET A 219 -12.43 -21.89 3.75
C MET A 219 -12.17 -23.17 2.98
N GLU A 220 -12.85 -23.36 1.85
CA GLU A 220 -12.70 -24.59 1.08
C GLU A 220 -11.28 -24.76 0.56
N ARG A 221 -10.68 -23.68 0.06
CA ARG A 221 -9.31 -23.75 -0.41
C ARG A 221 -8.36 -24.14 0.71
N LEU A 222 -8.56 -23.54 1.90
CA LEU A 222 -7.73 -23.88 3.05
C LEU A 222 -7.87 -25.35 3.41
N CYS A 223 -9.10 -25.87 3.44
CA CYS A 223 -9.32 -27.26 3.80
C CYS A 223 -8.67 -28.21 2.78
N ASP A 224 -8.87 -27.93 1.49
CA ASP A 224 -8.27 -28.80 0.48
C ASP A 224 -6.75 -28.74 0.53
N THR A 225 -6.18 -27.55 0.73
CA THR A 225 -4.72 -27.44 0.84
C THR A 225 -4.19 -28.21 2.04
N MET A 226 -4.86 -28.08 3.19
CA MET A 226 -4.42 -28.79 4.38
C MET A 226 -4.47 -30.30 4.17
N VAL A 227 -5.56 -30.78 3.58
CA VAL A 227 -5.71 -32.21 3.32
C VAL A 227 -4.65 -32.69 2.34
N GLN A 228 -4.39 -31.92 1.29
CA GLN A 228 -3.40 -32.32 0.29
C GLN A 228 -1.99 -32.37 0.90
N GLU A 229 -1.65 -31.38 1.73
CA GLU A 229 -0.33 -31.40 2.36
C GLU A 229 -0.18 -32.56 3.32
N VAL A 230 -1.24 -32.87 4.08
CA VAL A 230 -1.20 -34.05 4.94
C VAL A 230 -1.01 -35.32 4.11
N PHE A 231 -1.73 -35.41 2.99
CA PHE A 231 -1.60 -36.56 2.10
C PHE A 231 -0.16 -36.71 1.60
N GLU A 232 0.44 -35.61 1.16
CA GLU A 232 1.82 -35.66 0.67
C GLU A 232 2.79 -36.02 1.78
N LEU A 233 2.60 -35.48 2.97
CA LEU A 233 3.57 -35.67 4.05
C LEU A 233 3.50 -37.08 4.63
N THR A 234 2.32 -37.48 5.11
CA THR A 234 2.21 -38.77 5.79
C THR A 234 2.32 -39.93 4.81
N GLY A 235 1.62 -39.84 3.67
CA GLY A 235 1.65 -40.89 2.68
C GLY A 235 0.63 -41.99 2.89
N TYR A 236 -0.42 -41.75 3.65
CA TYR A 236 -1.46 -42.76 3.85
C TYR A 236 -2.34 -42.86 2.61
N ASP A 237 -3.21 -43.87 2.62
CA ASP A 237 -4.08 -44.09 1.47
C ASP A 237 -5.16 -43.01 1.38
N ARG A 238 -5.81 -42.69 2.49
CA ARG A 238 -6.91 -41.75 2.50
C ARG A 238 -6.72 -40.72 3.60
N VAL A 239 -7.02 -39.46 3.29
CA VAL A 239 -7.01 -38.38 4.28
C VAL A 239 -8.31 -37.59 4.16
N MET A 240 -8.95 -37.33 5.30
CA MET A 240 -10.23 -36.63 5.34
C MET A 240 -10.18 -35.54 6.40
N ALA A 241 -11.05 -34.55 6.21
CA ALA A 241 -11.09 -33.36 7.07
C ALA A 241 -12.40 -33.29 7.84
N TYR A 242 -12.79 -34.42 8.44
CA TYR A 242 -13.99 -34.54 9.26
C TYR A 242 -14.17 -33.33 10.18
N LYS A 243 -15.36 -32.72 10.11
CA LYS A 243 -15.65 -31.49 10.83
C LYS A 243 -16.93 -31.64 11.63
N PHE A 244 -16.92 -31.10 12.85
CA PHE A 244 -18.08 -31.17 13.74
C PHE A 244 -19.02 -30.00 13.50
N HIS A 245 -20.31 -30.25 13.68
CA HIS A 245 -21.33 -29.22 13.63
C HIS A 245 -21.78 -28.88 15.06
N GLU A 246 -22.82 -28.05 15.16
CA GLU A 246 -23.30 -27.62 16.47
C GLU A 246 -23.85 -28.78 17.28
N ASP A 247 -24.56 -29.70 16.64
CA ASP A 247 -25.11 -30.87 17.31
C ASP A 247 -24.09 -32.00 17.46
N ASP A 248 -22.81 -31.70 17.29
CA ASP A 248 -21.71 -32.66 17.43
C ASP A 248 -21.78 -33.78 16.40
N HIS A 249 -22.54 -33.60 15.33
CA HIS A 249 -22.60 -34.56 14.25
C HIS A 249 -21.64 -34.12 13.14
N GLY A 250 -20.90 -35.08 12.59
CA GLY A 250 -19.81 -34.76 11.70
C GLY A 250 -20.20 -34.75 10.24
N GLU A 251 -19.40 -34.03 9.46
CA GLU A 251 -19.61 -33.92 8.02
C GLU A 251 -18.26 -33.81 7.33
N VAL A 252 -17.94 -34.78 6.46
CA VAL A 252 -16.70 -34.71 5.70
C VAL A 252 -16.73 -33.49 4.81
N VAL A 253 -15.72 -32.62 4.96
CA VAL A 253 -15.70 -31.35 4.24
C VAL A 253 -14.74 -31.46 3.06
N SER A 254 -13.74 -32.33 3.17
CA SER A 254 -12.76 -32.50 2.11
C SER A 254 -12.17 -33.90 2.19
N GLU A 255 -11.52 -34.31 1.10
CA GLU A 255 -10.92 -35.63 1.01
C GLU A 255 -10.01 -35.67 -0.20
N VAL A 256 -8.87 -36.34 -0.06
CA VAL A 256 -7.94 -36.61 -1.16
C VAL A 256 -7.44 -38.04 -0.97
N THR A 257 -7.84 -38.93 -1.85
CA THR A 257 -7.52 -40.34 -1.72
C THR A 257 -6.62 -40.80 -2.85
N LYS A 258 -6.06 -42.00 -2.67
CA LYS A 258 -5.32 -42.66 -3.73
C LYS A 258 -6.27 -43.02 -4.86
N PRO A 259 -5.77 -43.05 -6.11
CA PRO A 259 -6.65 -43.42 -7.23
C PRO A 259 -7.34 -44.75 -6.98
N GLY A 260 -8.64 -44.78 -7.28
CA GLY A 260 -9.47 -45.91 -6.93
C GLY A 260 -10.21 -45.70 -5.63
N LEU A 261 -10.44 -46.79 -4.90
CA LEU A 261 -11.05 -46.75 -3.57
C LEU A 261 -12.47 -46.19 -3.68
N GLU A 262 -12.94 -45.49 -2.65
CA GLU A 262 -14.30 -44.99 -2.59
C GLU A 262 -14.32 -43.62 -1.94
N PRO A 263 -14.92 -42.61 -2.63
CA PRO A 263 -15.04 -41.28 -2.06
C PRO A 263 -15.99 -41.24 -0.87
N TYR A 264 -15.74 -40.29 0.02
CA TYR A 264 -16.59 -40.09 1.20
C TYR A 264 -17.07 -38.64 1.31
N LEU A 265 -16.78 -37.79 0.33
CA LEU A 265 -17.09 -36.38 0.45
C LEU A 265 -18.59 -36.14 0.55
N GLY A 266 -18.99 -35.28 1.48
CA GLY A 266 -20.37 -34.88 1.64
C GLY A 266 -21.16 -35.67 2.65
N LEU A 267 -20.70 -36.85 3.04
CA LEU A 267 -21.46 -37.70 3.96
C LEU A 267 -21.53 -37.08 5.35
N HIS A 268 -22.61 -37.39 6.05
CA HIS A 268 -22.82 -36.96 7.43
C HIS A 268 -22.84 -38.17 8.35
N TYR A 269 -22.38 -37.98 9.58
CA TYR A 269 -22.30 -39.09 10.52
C TYR A 269 -22.92 -38.71 11.85
N PRO A 270 -23.50 -39.67 12.56
CA PRO A 270 -24.13 -39.36 13.86
C PRO A 270 -23.10 -38.96 14.90
N ALA A 271 -23.59 -38.20 15.89
CA ALA A 271 -22.74 -37.77 17.00
C ALA A 271 -22.35 -38.92 17.92
N THR A 272 -22.98 -40.09 17.79
CA THR A 272 -22.64 -41.22 18.63
C THR A 272 -21.43 -42.00 18.13
N ASP A 273 -20.89 -41.64 16.96
CA ASP A 273 -19.66 -42.28 16.50
C ASP A 273 -18.45 -41.80 17.29
N ILE A 274 -18.49 -40.56 17.77
CA ILE A 274 -17.41 -40.01 18.60
C ILE A 274 -17.93 -39.89 20.03
N PRO A 275 -17.56 -40.82 20.92
CA PRO A 275 -17.98 -40.68 22.32
C PRO A 275 -17.38 -39.42 22.94
N GLN A 276 -18.11 -38.86 23.92
CA GLN A 276 -17.63 -37.65 24.60
C GLN A 276 -16.27 -37.88 25.25
N ALA A 277 -15.97 -39.13 25.64
CA ALA A 277 -14.67 -39.42 26.22
C ALA A 277 -13.54 -39.12 25.22
N ALA A 278 -13.72 -39.54 23.96
CA ALA A 278 -12.70 -39.25 22.95
C ALA A 278 -12.58 -37.76 22.67
N ARG A 279 -13.71 -37.05 22.58
CA ARG A 279 -13.67 -35.62 22.35
C ARG A 279 -12.97 -34.88 23.48
N PHE A 280 -13.14 -35.34 24.72
CA PHE A 280 -12.43 -34.72 25.83
C PHE A 280 -10.96 -35.11 25.85
N LEU A 281 -10.65 -36.36 25.46
CA LEU A 281 -9.27 -36.82 25.47
C LEU A 281 -8.43 -36.13 24.41
N PHE A 282 -9.03 -35.77 23.28
CA PHE A 282 -8.25 -35.22 22.17
C PHE A 282 -7.69 -33.84 22.47
N MET A 283 -8.28 -33.11 23.42
CA MET A 283 -7.75 -31.79 23.76
C MET A 283 -6.42 -31.87 24.50
N LYS A 284 -6.01 -33.06 24.94
CA LYS A 284 -4.74 -33.24 25.63
C LYS A 284 -3.72 -34.02 24.83
N ASN A 285 -4.14 -35.04 24.08
CA ASN A 285 -3.28 -35.80 23.19
C ASN A 285 -3.76 -35.54 21.76
N LYS A 286 -3.11 -34.59 21.10
CA LYS A 286 -3.60 -34.09 19.82
C LYS A 286 -3.26 -34.98 18.63
N VAL A 287 -2.49 -36.05 18.85
CA VAL A 287 -2.14 -36.99 17.79
C VAL A 287 -2.34 -38.40 18.33
N ARG A 288 -3.07 -39.23 17.57
CA ARG A 288 -3.31 -40.61 17.96
C ARG A 288 -2.99 -41.53 16.80
N MET A 289 -2.26 -42.60 17.06
CA MET A 289 -1.84 -43.55 16.04
C MET A 289 -2.22 -44.95 16.44
N ILE A 290 -2.77 -45.71 15.48
CA ILE A 290 -3.01 -47.13 15.62
C ILE A 290 -2.32 -47.84 14.47
N VAL A 291 -1.48 -48.82 14.79
CA VAL A 291 -0.66 -49.47 13.77
C VAL A 291 -1.31 -50.74 13.23
N ASP A 292 -2.05 -51.47 14.07
CA ASP A 292 -2.64 -52.73 13.64
C ASP A 292 -3.81 -53.06 14.56
N CYS A 293 -5.02 -53.13 14.00
CA CYS A 293 -6.20 -53.40 14.82
C CYS A 293 -6.19 -54.84 15.34
N ASN A 294 -5.65 -55.77 14.57
CA ASN A 294 -5.58 -57.18 14.95
C ASN A 294 -4.12 -57.56 15.13
N ALA A 295 -3.58 -57.29 16.32
CA ALA A 295 -2.19 -57.59 16.63
C ALA A 295 -2.10 -58.13 18.04
N LYS A 296 -1.04 -58.89 18.30
CA LYS A 296 -0.85 -59.49 19.61
C LYS A 296 -0.41 -58.41 20.60
N HIS A 297 -1.20 -58.23 21.66
CA HIS A 297 -0.97 -57.17 22.63
C HIS A 297 -0.11 -57.68 23.79
N ALA A 298 0.32 -56.73 24.63
CA ALA A 298 1.14 -57.02 25.79
C ALA A 298 0.52 -56.41 27.04
N ARG A 299 0.95 -56.89 28.20
CA ARG A 299 0.42 -56.46 29.48
C ARG A 299 1.45 -55.60 30.21
N VAL A 300 0.94 -54.63 30.98
CA VAL A 300 1.80 -53.65 31.63
C VAL A 300 2.59 -54.27 32.78
N LEU A 301 2.02 -55.26 33.47
CA LEU A 301 2.66 -55.90 34.63
C LEU A 301 3.01 -54.86 35.70
N GLN A 302 1.97 -54.25 36.27
CA GLN A 302 2.16 -53.22 37.28
C GLN A 302 2.76 -53.80 38.55
N ASP A 303 3.52 -52.96 39.26
CA ASP A 303 4.09 -53.36 40.53
C ASP A 303 2.99 -53.66 41.55
N GLU A 304 3.25 -54.65 42.41
CA GLU A 304 2.31 -54.99 43.46
C GLU A 304 2.37 -53.99 44.62
N LYS A 305 3.51 -53.33 44.81
CA LYS A 305 3.69 -52.42 45.93
C LYS A 305 3.06 -51.05 45.69
N LEU A 306 2.66 -50.74 44.46
CA LEU A 306 2.07 -49.44 44.18
C LEU A 306 0.67 -49.36 44.78
N SER A 307 0.39 -48.26 45.46
CA SER A 307 -0.93 -48.01 46.03
C SER A 307 -1.86 -47.29 45.07
N PHE A 308 -1.41 -47.00 43.86
CA PHE A 308 -2.20 -46.29 42.86
C PHE A 308 -2.08 -47.00 41.52
N ASP A 309 -3.14 -46.89 40.71
CA ASP A 309 -3.14 -47.48 39.38
C ASP A 309 -2.37 -46.58 38.42
N LEU A 310 -1.54 -47.20 37.58
CA LEU A 310 -0.68 -46.47 36.66
C LEU A 310 -1.48 -46.07 35.43
N THR A 311 -1.73 -44.77 35.29
CA THR A 311 -2.49 -44.27 34.14
C THR A 311 -1.67 -44.42 32.86
N LEU A 312 -2.31 -44.91 31.80
CA LEU A 312 -1.68 -45.08 30.50
C LEU A 312 -2.35 -44.23 29.43
N CYS A 313 -3.16 -43.24 29.83
CA CYS A 313 -3.89 -42.44 28.85
C CYS A 313 -2.96 -41.60 27.98
N GLY A 314 -1.93 -41.01 28.59
CA GLY A 314 -1.06 -40.12 27.84
C GLY A 314 -0.01 -40.81 26.99
N SER A 315 0.21 -42.09 27.20
CA SER A 315 1.22 -42.81 26.45
C SER A 315 0.83 -42.95 24.99
N THR A 316 1.83 -42.95 24.12
CA THR A 316 1.60 -43.13 22.69
C THR A 316 1.45 -44.60 22.30
N LEU A 317 1.69 -45.52 23.22
CA LEU A 317 1.59 -46.94 22.96
C LEU A 317 0.29 -47.55 23.45
N ARG A 318 -0.65 -46.73 23.92
CA ARG A 318 -1.89 -47.23 24.49
C ARG A 318 -2.74 -47.92 23.42
N ALA A 319 -3.31 -49.06 23.78
CA ALA A 319 -4.18 -49.79 22.89
C ALA A 319 -5.58 -49.18 22.88
N PRO A 320 -6.26 -49.21 21.74
CA PRO A 320 -7.61 -48.64 21.65
C PRO A 320 -8.67 -49.63 22.16
N HIS A 321 -9.93 -49.21 22.03
CA HIS A 321 -11.05 -50.03 22.46
C HIS A 321 -11.36 -51.10 21.42
N SER A 322 -11.84 -52.25 21.90
CA SER A 322 -12.18 -53.35 21.00
C SER A 322 -13.34 -52.96 20.08
N CYS A 323 -14.31 -52.21 20.61
CA CYS A 323 -15.39 -51.71 19.78
C CYS A 323 -14.85 -50.87 18.62
N HIS A 324 -13.87 -50.01 18.90
CA HIS A 324 -13.26 -49.22 17.84
C HIS A 324 -12.44 -50.09 16.89
N LEU A 325 -11.88 -51.18 17.38
CA LEU A 325 -11.20 -52.12 16.49
C LEU A 325 -12.18 -52.75 15.50
N GLN A 326 -13.36 -53.14 16.01
CA GLN A 326 -14.39 -53.67 15.13
C GLN A 326 -14.87 -52.61 14.14
N TYR A 327 -14.97 -51.36 14.60
CA TYR A 327 -15.40 -50.29 13.71
C TYR A 327 -14.37 -50.08 12.60
N MET A 328 -13.08 -50.11 12.94
CA MET A 328 -12.04 -50.05 11.91
C MET A 328 -12.17 -51.22 10.94
N ALA A 329 -12.44 -52.41 11.45
CA ALA A 329 -12.61 -53.58 10.59
C ALA A 329 -13.77 -53.38 9.62
N ASN A 330 -14.87 -52.80 10.10
CA ASN A 330 -16.02 -52.54 9.24
C ASN A 330 -15.67 -51.53 8.14
N MET A 331 -14.88 -50.51 8.47
CA MET A 331 -14.49 -49.50 7.50
C MET A 331 -13.47 -50.00 6.49
N ASP A 332 -12.96 -51.22 6.65
CA ASP A 332 -11.95 -51.80 5.76
C ASP A 332 -10.65 -50.99 5.80
N SER A 333 -10.26 -50.62 7.02
CA SER A 333 -8.99 -49.94 7.25
C SER A 333 -8.30 -50.58 8.43
N ILE A 334 -6.97 -50.54 8.44
CA ILE A 334 -6.19 -51.15 9.50
C ILE A 334 -5.41 -50.08 10.26
N ALA A 335 -4.52 -49.38 9.56
CA ALA A 335 -3.73 -48.33 10.19
C ALA A 335 -4.55 -47.04 10.28
N SER A 336 -4.19 -46.21 11.26
CA SER A 336 -4.89 -44.95 11.46
C SER A 336 -3.96 -43.95 12.13
N LEU A 337 -4.08 -42.68 11.73
CA LEU A 337 -3.34 -41.58 12.35
C LEU A 337 -4.22 -40.35 12.30
N VAL A 338 -4.83 -40.03 13.46
CA VAL A 338 -5.78 -38.90 13.61
C VAL A 338 -5.11 -37.72 14.31
N MET A 339 -5.46 -36.49 13.95
CA MET A 339 -4.86 -35.28 14.49
C MET A 339 -5.96 -34.28 14.81
N ALA A 340 -6.14 -33.98 16.09
CA ALA A 340 -7.18 -33.05 16.50
C ALA A 340 -6.83 -31.63 16.09
N VAL A 341 -7.85 -30.85 15.74
CA VAL A 341 -7.71 -29.44 15.43
C VAL A 341 -8.45 -28.65 16.51
N VAL A 342 -7.73 -27.78 17.21
CA VAL A 342 -8.26 -27.04 18.35
C VAL A 342 -8.17 -25.56 18.04
N VAL A 343 -9.30 -24.88 17.98
CA VAL A 343 -9.35 -23.45 17.77
C VAL A 343 -9.63 -22.76 19.09
N ASN A 344 -9.45 -21.44 19.12
CA ASN A 344 -9.64 -20.64 20.32
C ASN A 344 -10.82 -19.71 20.09
N GLU A 345 -11.96 -20.04 20.69
CA GLU A 345 -13.16 -19.23 20.61
C GLU A 345 -13.22 -18.30 21.81
N GLU A 346 -13.48 -17.02 21.55
CA GLU A 346 -13.55 -16.04 22.62
C GLU A 346 -14.74 -16.31 23.53
N ASP A 347 -14.54 -16.13 24.82
CA ASP A 347 -15.59 -16.36 25.81
C ASP A 347 -16.67 -15.29 25.72
N LYS A 361 -9.84 -16.92 26.75
CA LYS A 361 -10.27 -17.64 25.56
C LYS A 361 -10.49 -19.11 25.87
N ARG A 362 -11.41 -19.75 25.14
CA ARG A 362 -11.81 -21.12 25.39
C ARG A 362 -11.43 -22.01 24.23
N LYS A 363 -10.82 -23.15 24.53
CA LYS A 363 -10.50 -24.13 23.50
C LYS A 363 -11.79 -24.74 22.95
N ARG A 364 -11.74 -25.10 21.66
CA ARG A 364 -12.88 -25.75 21.04
C ARG A 364 -12.37 -26.69 19.95
N LEU A 365 -12.85 -27.93 19.98
CA LEU A 365 -12.47 -28.94 18.99
C LEU A 365 -13.17 -28.62 17.68
N TRP A 366 -12.45 -27.99 16.75
CA TRP A 366 -13.04 -27.65 15.47
C TRP A 366 -13.40 -28.90 14.66
N GLY A 367 -12.53 -29.90 14.68
CA GLY A 367 -12.78 -31.13 13.96
C GLY A 367 -11.62 -32.10 14.05
N LEU A 368 -11.35 -32.82 12.96
CA LEU A 368 -10.28 -33.80 12.93
C LEU A 368 -9.66 -33.84 11.54
N VAL A 369 -8.51 -34.51 11.44
CA VAL A 369 -7.86 -34.81 10.18
C VAL A 369 -7.51 -36.29 10.26
N VAL A 370 -8.32 -37.13 9.61
CA VAL A 370 -8.26 -38.57 9.80
C VAL A 370 -7.53 -39.20 8.61
N CYS A 371 -6.55 -40.05 8.91
CA CYS A 371 -5.79 -40.77 7.89
C CYS A 371 -6.05 -42.26 8.02
N HIS A 372 -6.39 -42.90 6.91
CA HIS A 372 -6.72 -44.31 6.87
C HIS A 372 -5.84 -45.03 5.86
N ASN A 373 -5.43 -46.25 6.22
CA ASN A 373 -4.62 -47.11 5.36
C ASN A 373 -5.17 -48.52 5.43
N THR A 374 -5.22 -49.19 4.27
CA THR A 374 -5.73 -50.55 4.21
C THR A 374 -4.73 -51.59 4.70
N THR A 375 -3.45 -51.23 4.79
CA THR A 375 -2.39 -52.11 5.23
C THR A 375 -1.71 -51.52 6.45
N PRO A 376 -1.06 -52.35 7.29
CA PRO A 376 -0.35 -51.81 8.45
C PRO A 376 0.71 -50.80 8.03
N ARG A 377 0.84 -49.73 8.83
CA ARG A 377 1.75 -48.64 8.51
C ARG A 377 2.39 -48.13 9.79
N PHE A 378 3.64 -47.69 9.68
CA PHE A 378 4.38 -47.12 10.79
C PHE A 378 5.00 -45.80 10.37
N VAL A 379 4.96 -44.82 11.28
CA VAL A 379 5.47 -43.48 11.03
C VAL A 379 6.39 -43.08 12.18
N PRO A 380 7.59 -42.57 11.91
CA PRO A 380 8.48 -42.15 12.99
C PRO A 380 7.94 -40.95 13.74
N PHE A 381 8.37 -40.83 15.00
CA PHE A 381 7.90 -39.76 15.87
C PHE A 381 8.11 -38.36 15.31
N PRO A 382 9.26 -38.01 14.70
CA PRO A 382 9.41 -36.65 14.17
C PRO A 382 8.34 -36.25 13.19
N LEU A 383 7.88 -37.18 12.35
CA LEU A 383 6.83 -36.84 11.39
C LEU A 383 5.51 -36.57 12.09
N ARG A 384 5.21 -37.37 13.12
CA ARG A 384 3.97 -37.19 13.93
C ARG A 384 4.22 -36.11 14.98
N TYR A 385 5.21 -35.24 14.77
CA TYR A 385 5.45 -34.08 15.65
C TYR A 385 5.47 -32.88 14.72
N ALA A 386 5.71 -33.14 13.44
CA ALA A 386 5.63 -32.06 12.43
C ALA A 386 4.19 -31.98 11.97
N CYS A 387 3.40 -33.00 12.30
CA CYS A 387 1.96 -33.02 11.95
C CYS A 387 1.20 -32.35 13.09
N GLU A 388 1.71 -32.42 14.31
CA GLU A 388 1.09 -31.69 15.44
C GLU A 388 1.40 -30.20 15.29
N PHE A 389 2.48 -29.84 14.62
CA PHE A 389 2.78 -28.41 14.40
C PHE A 389 1.99 -27.87 13.21
N LEU A 390 1.88 -28.66 12.14
CA LEU A 390 1.10 -28.25 10.97
C LEU A 390 -0.37 -28.09 11.34
N ALA A 391 -0.89 -28.97 12.19
CA ALA A 391 -2.28 -28.85 12.65
C ALA A 391 -2.47 -27.58 13.46
N GLN A 392 -1.48 -27.22 14.29
CA GLN A 392 -1.57 -25.95 15.02
C GLN A 392 -1.62 -24.77 14.06
N VAL A 393 -0.77 -24.77 13.03
CA VAL A 393 -0.79 -23.68 12.05
C VAL A 393 -2.12 -23.63 11.33
N PHE A 394 -2.65 -24.80 10.97
CA PHE A 394 -3.95 -24.85 10.28
C PHE A 394 -5.06 -24.32 11.17
N ALA A 395 -5.02 -24.63 12.47
CA ALA A 395 -6.02 -24.09 13.39
C ALA A 395 -5.91 -22.57 13.47
N ILE A 396 -4.69 -22.05 13.50
CA ILE A 396 -4.50 -20.60 13.51
C ILE A 396 -5.14 -19.97 12.27
N HIS A 397 -4.86 -20.53 11.09
CA HIS A 397 -5.41 -19.97 9.86
C HIS A 397 -6.92 -20.15 9.77
N VAL A 398 -7.51 -21.14 10.44
CA VAL A 398 -8.98 -21.41 10.30
C VAL A 398 -9.76 -20.54 11.27
N ASN A 399 -9.11 -19.60 11.95
CA ASN A 399 -9.80 -18.67 12.89
C ASN A 399 -9.58 -17.26 12.38
N LYS A 400 -8.98 -17.12 11.20
CA LYS A 400 -8.80 -15.79 10.58
C LYS A 400 -9.68 -15.77 9.34
N GLU A 401 -10.36 -16.87 9.04
CA GLU A 401 -11.34 -16.89 7.92
C GLU A 401 -12.70 -16.88 8.59
N VAL A 402 -12.73 -16.70 9.91
CA VAL A 402 -14.01 -16.58 10.64
C VAL A 402 -14.14 -15.09 10.98
N GLU A 403 -13.02 -14.41 11.25
CA GLU A 403 -13.13 -12.95 11.48
C GLU A 403 -13.41 -12.27 10.14
N LEU A 404 -12.92 -12.83 9.05
CA LEU A 404 -13.23 -12.23 7.76
C LEU A 404 -14.69 -12.43 7.35
N ASP A 405 -15.41 -13.34 8.02
CA ASP A 405 -16.83 -13.51 7.78
C ASP A 405 -17.69 -12.69 8.73
N ASN A 406 -17.11 -12.17 9.80
CA ASN A 406 -17.80 -11.23 10.67
C ASN A 406 -17.67 -9.79 10.18
N GLN A 407 -16.86 -9.55 9.15
CA GLN A 407 -16.75 -8.23 8.56
C GLN A 407 -17.68 -8.04 7.37
N MET A 408 -18.01 -9.13 6.66
CA MET A 408 -19.00 -9.04 5.58
C MET A 408 -20.36 -8.66 6.13
N VAL A 409 -20.72 -9.21 7.29
CA VAL A 409 -22.00 -8.85 7.91
C VAL A 409 -22.03 -7.37 8.26
N GLU A 410 -20.94 -6.86 8.84
CA GLU A 410 -20.88 -5.43 9.18
C GLU A 410 -20.94 -4.55 7.93
N LYS A 411 -20.25 -4.97 6.87
CA LYS A 411 -20.33 -4.23 5.61
C LYS A 411 -21.74 -4.21 5.05
N ASN A 412 -22.44 -5.35 5.14
CA ASN A 412 -23.83 -5.40 4.70
C ASN A 412 -24.72 -4.49 5.54
N ILE A 413 -24.48 -4.45 6.85
CA ILE A 413 -25.22 -3.54 7.71
C ILE A 413 -24.99 -2.09 7.31
N LEU A 414 -23.73 -1.73 7.05
CA LEU A 414 -23.43 -0.36 6.64
C LEU A 414 -24.09 -0.02 5.31
N ARG A 415 -24.07 -0.96 4.36
CA ARG A 415 -24.72 -0.72 3.08
C ARG A 415 -26.22 -0.56 3.24
N THR A 416 -26.85 -1.38 4.10
CA THR A 416 -28.27 -1.25 4.35
C THR A 416 -28.59 0.10 5.01
N GLN A 417 -27.74 0.55 5.93
CA GLN A 417 -27.95 1.85 6.56
C GLN A 417 -27.86 2.97 5.53
N THR A 418 -26.88 2.88 4.63
CA THR A 418 -26.75 3.88 3.57
C THR A 418 -27.98 3.90 2.67
N LEU A 419 -28.49 2.71 2.31
CA LEU A 419 -29.67 2.65 1.47
C LEU A 419 -30.90 3.19 2.19
N LEU A 420 -31.02 2.93 3.48
CA LEU A 420 -32.12 3.48 4.27
C LEU A 420 -32.06 5.00 4.31
N CYS A 421 -30.85 5.55 4.50
CA CYS A 421 -30.69 7.00 4.46
C CYS A 421 -31.02 7.55 3.08
N ASP A 422 -30.74 6.78 2.03
CA ASP A 422 -31.12 7.20 0.68
C ASP A 422 -32.64 7.29 0.55
N MET A 423 -33.36 6.25 0.99
CA MET A 423 -34.82 6.34 0.98
C MET A 423 -35.38 7.36 1.95
N LEU A 424 -34.59 7.83 2.93
CA LEU A 424 -35.13 8.81 3.87
C LEU A 424 -35.52 10.11 3.18
N MET A 425 -34.79 10.50 2.15
CA MET A 425 -35.06 11.72 1.38
C MET A 425 -35.60 11.31 0.03
N ARG A 426 -36.93 11.11 -0.04
CA ARG A 426 -37.61 10.76 -1.28
C ARG A 426 -39.05 11.20 -1.17
N ASP A 427 -39.70 11.30 -2.33
CA ASP A 427 -41.07 11.84 -2.41
C ASP A 427 -42.04 10.69 -2.24
N ALA A 428 -42.59 10.54 -1.02
CA ALA A 428 -43.71 9.67 -0.72
C ALA A 428 -43.41 8.21 -1.10
N PRO A 429 -44.41 7.31 -1.11
CA PRO A 429 -44.24 6.05 -1.84
C PRO A 429 -44.19 6.28 -3.34
N LEU A 430 -44.13 5.19 -4.11
CA LEU A 430 -44.01 5.16 -5.57
C LEU A 430 -42.68 5.71 -6.06
N GLY A 431 -41.82 6.22 -5.17
CA GLY A 431 -40.45 6.52 -5.51
C GLY A 431 -39.56 5.46 -4.90
N ILE A 432 -40.12 4.74 -3.94
CA ILE A 432 -39.44 3.59 -3.36
C ILE A 432 -39.33 2.47 -4.37
N VAL A 433 -40.37 2.28 -5.19
CA VAL A 433 -40.40 1.21 -6.17
C VAL A 433 -39.76 1.64 -7.49
N SER A 434 -40.08 2.85 -7.97
CA SER A 434 -39.71 3.23 -9.33
C SER A 434 -38.23 3.51 -9.46
N GLN A 435 -37.62 4.14 -8.45
CA GLN A 435 -36.25 4.63 -8.59
C GLN A 435 -35.26 3.46 -8.72
N SER A 436 -34.01 3.81 -9.00
CA SER A 436 -33.00 2.77 -9.29
C SER A 436 -32.76 1.85 -8.11
N PRO A 437 -32.47 2.33 -6.88
CA PRO A 437 -32.47 1.41 -5.74
C PRO A 437 -33.86 1.28 -5.14
N ASN A 438 -34.41 0.07 -5.15
CA ASN A 438 -35.78 -0.17 -4.71
C ASN A 438 -35.79 -1.12 -3.52
N ILE A 439 -37.00 -1.47 -3.10
CA ILE A 439 -37.19 -2.40 -1.97
C ILE A 439 -36.43 -3.71 -2.23
N MET A 440 -36.30 -4.16 -3.49
CA MET A 440 -35.63 -5.41 -3.80
C MET A 440 -34.16 -5.38 -3.39
N ASP A 441 -33.60 -4.20 -3.18
CA ASP A 441 -32.22 -4.06 -2.74
C ASP A 441 -32.08 -3.95 -1.23
N LEU A 442 -33.20 -3.91 -0.50
CA LEU A 442 -33.14 -3.80 0.95
C LEU A 442 -32.73 -5.12 1.59
N VAL A 443 -33.51 -6.16 1.37
CA VAL A 443 -33.20 -7.50 1.86
C VAL A 443 -33.05 -8.41 0.65
N LYS A 444 -32.28 -9.48 0.84
CA LYS A 444 -32.01 -10.44 -0.24
C LYS A 444 -33.28 -11.24 -0.51
N CYS A 445 -33.98 -10.88 -1.58
CA CYS A 445 -35.24 -11.53 -1.95
C CYS A 445 -35.26 -11.75 -3.45
N ASP A 446 -36.22 -12.58 -3.89
CA ASP A 446 -36.42 -12.86 -5.30
C ASP A 446 -37.57 -12.08 -5.90
N GLY A 447 -38.45 -11.51 -5.08
CA GLY A 447 -39.53 -10.68 -5.57
C GLY A 447 -40.02 -9.74 -4.51
N ALA A 448 -40.64 -8.65 -4.95
CA ALA A 448 -41.14 -7.65 -4.04
C ALA A 448 -42.49 -7.15 -4.53
N ALA A 449 -43.28 -6.60 -3.61
CA ALA A 449 -44.61 -6.11 -3.97
C ALA A 449 -45.06 -5.06 -2.97
N LEU A 450 -45.83 -4.10 -3.47
CA LEU A 450 -46.38 -3.03 -2.66
C LEU A 450 -47.88 -2.93 -2.91
N LEU A 451 -48.66 -2.85 -1.84
CA LEU A 451 -50.11 -2.70 -1.90
C LEU A 451 -50.46 -1.33 -1.36
N TYR A 452 -50.91 -0.44 -2.26
CA TYR A 452 -51.15 0.96 -1.95
C TYR A 452 -52.51 1.36 -2.51
N LYS A 453 -53.45 1.63 -1.62
CA LYS A 453 -54.78 2.16 -1.97
C LYS A 453 -55.43 1.33 -3.08
N ASP A 454 -55.60 0.04 -2.79
CA ASP A 454 -56.24 -0.91 -3.70
C ASP A 454 -55.49 -1.00 -5.03
N LYS A 455 -54.19 -0.72 -5.02
CA LYS A 455 -53.37 -0.81 -6.23
C LYS A 455 -52.13 -1.63 -5.92
N ILE A 456 -51.59 -2.27 -6.94
CA ILE A 456 -50.49 -3.24 -6.80
C ILE A 456 -49.30 -2.75 -7.62
N TRP A 457 -48.12 -2.74 -6.98
CA TRP A 457 -46.87 -2.52 -7.67
C TRP A 457 -46.00 -3.75 -7.49
N LYS A 458 -45.38 -4.21 -8.58
CA LYS A 458 -44.58 -5.43 -8.58
C LYS A 458 -43.18 -5.14 -9.11
N LEU A 459 -42.22 -5.95 -8.68
CA LEU A 459 -40.83 -5.74 -9.08
C LEU A 459 -40.08 -7.03 -9.40
N GLY A 460 -40.78 -8.15 -9.59
CA GLY A 460 -40.08 -9.38 -9.88
C GLY A 460 -40.99 -10.59 -9.75
N THR A 461 -40.38 -11.73 -9.42
CA THR A 461 -41.10 -12.99 -9.32
C THR A 461 -42.04 -12.94 -8.11
N THR A 462 -43.32 -12.74 -8.38
CA THR A 462 -44.36 -12.67 -7.37
C THR A 462 -45.57 -13.44 -7.87
N PRO A 463 -46.42 -13.92 -6.96
CA PRO A 463 -47.66 -14.57 -7.40
C PRO A 463 -48.63 -13.60 -8.07
N SER A 464 -49.79 -14.09 -8.49
CA SER A 464 -50.75 -13.27 -9.19
C SER A 464 -51.29 -12.17 -8.28
N GLU A 465 -51.83 -11.13 -8.91
CA GLU A 465 -52.39 -10.01 -8.15
C GLU A 465 -53.54 -10.47 -7.27
N PHE A 466 -54.42 -11.31 -7.81
CA PHE A 466 -55.49 -11.90 -7.00
C PHE A 466 -54.91 -12.71 -5.85
N HIS A 467 -53.80 -13.40 -6.09
CA HIS A 467 -53.14 -14.13 -5.01
C HIS A 467 -52.59 -13.17 -3.96
N LEU A 468 -52.10 -12.00 -4.39
CA LEU A 468 -51.66 -10.99 -3.43
C LEU A 468 -52.83 -10.50 -2.58
N GLN A 469 -53.99 -10.25 -3.19
CA GLN A 469 -55.16 -9.84 -2.42
C GLN A 469 -55.59 -10.93 -1.46
N GLU A 470 -55.54 -12.19 -1.89
CA GLU A 470 -55.90 -13.29 -1.00
C GLU A 470 -54.92 -13.40 0.16
N ILE A 471 -53.62 -13.21 -0.10
CA ILE A 471 -52.63 -13.25 0.96
C ILE A 471 -52.90 -12.14 1.97
N ALA A 472 -53.18 -10.93 1.48
CA ALA A 472 -53.47 -9.81 2.37
C ALA A 472 -54.72 -10.08 3.20
N SER A 473 -55.77 -10.62 2.56
CA SER A 473 -57.01 -10.93 3.28
C SER A 473 -56.78 -11.98 4.35
N TRP A 474 -56.02 -13.03 4.04
CA TRP A 474 -55.72 -14.05 5.02
C TRP A 474 -54.92 -13.50 6.19
N LEU A 475 -53.90 -12.68 5.89
CA LEU A 475 -53.08 -12.11 6.95
C LEU A 475 -53.90 -11.19 7.84
N CYS A 476 -54.83 -10.43 7.25
CA CYS A 476 -55.69 -9.57 8.05
C CYS A 476 -56.65 -10.39 8.90
N GLU A 477 -57.31 -11.37 8.29
CA GLU A 477 -58.34 -12.13 9.04
C GLU A 477 -57.70 -12.99 10.13
N TYR A 478 -56.38 -13.21 10.09
CA TYR A 478 -55.78 -14.15 11.08
C TYR A 478 -54.77 -13.45 11.98
N HIS A 479 -54.30 -12.27 11.59
CA HIS A 479 -53.23 -11.61 12.41
C HIS A 479 -53.53 -10.11 12.56
N MET A 480 -54.13 -9.71 13.68
CA MET A 480 -54.36 -8.30 13.94
C MET A 480 -53.41 -7.69 14.96
N ASP A 481 -52.82 -8.50 15.85
CA ASP A 481 -51.95 -8.00 16.91
C ASP A 481 -50.49 -7.95 16.49
N SER A 482 -50.22 -8.01 15.20
CA SER A 482 -48.85 -7.94 14.69
C SER A 482 -48.80 -6.98 13.52
N THR A 483 -47.72 -6.19 13.46
CA THR A 483 -47.50 -5.26 12.36
C THR A 483 -46.58 -5.85 11.28
N GLY A 484 -45.93 -6.97 11.55
CA GLY A 484 -45.07 -7.60 10.57
C GLY A 484 -44.94 -9.08 10.85
N LEU A 485 -44.77 -9.84 9.79
CA LEU A 485 -44.71 -11.30 9.89
C LEU A 485 -43.64 -11.83 8.95
N SER A 486 -43.03 -12.94 9.35
CA SER A 486 -41.99 -13.60 8.57
C SER A 486 -42.21 -15.10 8.62
N THR A 487 -42.51 -15.70 7.48
CA THR A 487 -42.71 -17.14 7.36
C THR A 487 -41.74 -17.70 6.34
N ASP A 488 -41.06 -18.78 6.71
CA ASP A 488 -40.15 -19.45 5.78
C ASP A 488 -40.91 -20.28 4.76
N SER A 489 -42.02 -20.89 5.16
CA SER A 489 -42.86 -21.66 4.25
C SER A 489 -44.30 -21.24 4.43
N LEU A 490 -44.97 -20.93 3.31
CA LEU A 490 -46.37 -20.52 3.38
C LEU A 490 -47.29 -21.71 3.63
N HIS A 491 -46.91 -22.90 3.15
CA HIS A 491 -47.71 -24.09 3.40
C HIS A 491 -47.74 -24.41 4.90
N ASP A 492 -46.57 -24.47 5.52
CA ASP A 492 -46.50 -24.70 6.96
C ASP A 492 -47.04 -23.53 7.77
N ALA A 493 -47.13 -22.34 7.16
CA ALA A 493 -47.66 -21.18 7.86
C ALA A 493 -49.12 -21.37 8.24
N GLY A 494 -49.92 -21.91 7.32
CA GLY A 494 -51.34 -22.05 7.54
C GLY A 494 -52.15 -21.40 6.43
N PHE A 495 -51.47 -20.98 5.38
CA PHE A 495 -52.15 -20.37 4.25
C PHE A 495 -52.94 -21.43 3.50
N PRO A 496 -54.28 -21.30 3.38
CA PRO A 496 -55.07 -22.36 2.74
C PRO A 496 -54.70 -22.62 1.29
N ARG A 497 -54.32 -21.58 0.55
CA ARG A 497 -54.06 -21.70 -0.88
C ARG A 497 -52.58 -21.65 -1.22
N ALA A 498 -51.73 -22.12 -0.30
CA ALA A 498 -50.29 -22.08 -0.54
C ALA A 498 -49.88 -23.02 -1.66
N LEU A 499 -50.55 -24.16 -1.79
CA LEU A 499 -50.20 -25.13 -2.82
C LEU A 499 -50.46 -24.62 -4.23
N SER A 500 -51.32 -23.61 -4.38
CA SER A 500 -51.58 -23.07 -5.71
C SER A 500 -50.39 -22.27 -6.24
N LEU A 501 -49.62 -21.65 -5.34
CA LEU A 501 -48.47 -20.85 -5.77
C LEU A 501 -47.42 -21.73 -6.46
N GLY A 502 -47.14 -22.89 -5.90
CA GLY A 502 -46.16 -23.80 -6.49
C GLY A 502 -44.73 -23.51 -6.07
N ASP A 503 -43.79 -23.74 -6.98
CA ASP A 503 -42.37 -23.57 -6.71
C ASP A 503 -41.92 -22.13 -6.84
N SER A 504 -42.79 -21.22 -7.30
CA SER A 504 -42.38 -19.83 -7.53
C SER A 504 -42.04 -19.13 -6.22
N VAL A 505 -42.94 -19.20 -5.24
CA VAL A 505 -42.75 -18.54 -3.95
C VAL A 505 -42.96 -19.55 -2.83
N CYS A 506 -42.07 -19.51 -1.84
CA CYS A 506 -42.21 -20.33 -0.64
C CYS A 506 -42.19 -19.53 0.65
N GLY A 507 -41.33 -18.53 0.76
CA GLY A 507 -41.20 -17.75 1.97
C GLY A 507 -41.62 -16.31 1.74
N MET A 508 -42.18 -15.69 2.78
CA MET A 508 -42.67 -14.33 2.65
C MET A 508 -42.45 -13.55 3.94
N ALA A 509 -42.03 -12.30 3.78
CA ALA A 509 -41.93 -11.34 4.87
C ALA A 509 -42.78 -10.13 4.53
N ALA A 510 -43.72 -9.79 5.39
CA ALA A 510 -44.70 -8.75 5.10
C ALA A 510 -44.80 -7.77 6.26
N VAL A 511 -45.02 -6.50 5.93
CA VAL A 511 -45.24 -5.47 6.93
C VAL A 511 -46.41 -4.60 6.50
N ARG A 512 -47.01 -3.92 7.49
CA ARG A 512 -48.21 -3.11 7.29
C ARG A 512 -47.87 -1.65 7.59
N ILE A 513 -47.68 -0.84 6.54
CA ILE A 513 -47.45 0.58 6.74
C ILE A 513 -48.73 1.26 7.24
N SER A 514 -49.88 0.82 6.75
CA SER A 514 -51.17 1.38 7.15
C SER A 514 -52.13 0.23 7.41
N SER A 515 -53.41 0.56 7.57
CA SER A 515 -54.41 -0.45 7.88
C SER A 515 -54.54 -1.47 6.76
N LYS A 516 -54.58 -1.01 5.51
CA LYS A 516 -54.70 -1.88 4.35
C LYS A 516 -53.47 -1.92 3.47
N ASP A 517 -52.70 -0.83 3.50
CA ASP A 517 -51.49 -0.74 2.64
C ASP A 517 -50.38 -1.59 3.23
N MET A 518 -49.71 -2.41 2.42
CA MET A 518 -48.72 -3.32 2.96
C MET A 518 -47.55 -3.48 1.98
N ILE A 519 -46.48 -4.12 2.47
CA ILE A 519 -45.30 -4.39 1.67
C ILE A 519 -44.91 -5.86 1.85
N PHE A 520 -44.60 -6.53 0.74
CA PHE A 520 -44.26 -7.95 0.73
C PHE A 520 -42.89 -8.16 0.09
N TRP A 521 -42.10 -9.05 0.68
CA TRP A 521 -40.92 -9.62 0.05
C TRP A 521 -41.13 -11.13 -0.05
N PHE A 522 -40.96 -11.67 -1.26
CA PHE A 522 -41.15 -13.08 -1.54
C PHE A 522 -39.82 -13.72 -1.91
N ARG A 523 -39.48 -14.81 -1.23
CA ARG A 523 -38.27 -15.56 -1.49
C ARG A 523 -38.66 -16.96 -1.97
N SER A 524 -38.03 -17.39 -3.06
CA SER A 524 -38.44 -18.60 -3.77
C SER A 524 -38.00 -19.86 -3.01
N HIS A 525 -38.64 -20.96 -3.36
CA HIS A 525 -38.34 -22.25 -2.76
C HIS A 525 -36.95 -22.73 -3.20
N THR A 526 -36.23 -23.34 -2.26
CA THR A 526 -34.94 -23.94 -2.54
C THR A 526 -34.94 -25.38 -2.06
N ALA A 527 -34.10 -26.20 -2.68
CA ALA A 527 -34.06 -27.63 -2.39
C ALA A 527 -32.97 -27.93 -1.36
N GLY A 528 -33.34 -28.64 -0.30
CA GLY A 528 -32.39 -29.05 0.71
C GLY A 528 -32.15 -30.54 0.71
N GLU A 529 -30.96 -30.96 0.28
CA GLU A 529 -30.61 -32.38 0.18
C GLU A 529 -29.34 -32.64 0.98
N VAL A 530 -29.37 -33.71 1.78
CA VAL A 530 -28.22 -34.12 2.57
C VAL A 530 -27.96 -35.59 2.25
N ARG A 531 -26.72 -35.92 1.89
CA ARG A 531 -26.38 -37.29 1.53
C ARG A 531 -26.56 -38.22 2.73
N TRP A 532 -25.96 -37.88 3.87
CA TRP A 532 -26.16 -38.57 5.14
C TRP A 532 -25.85 -40.06 5.03
N GLY A 533 -24.58 -40.36 4.78
CA GLY A 533 -24.14 -41.74 4.74
C GLY A 533 -24.11 -42.39 6.10
N GLY A 534 -24.19 -43.72 6.11
CA GLY A 534 -24.16 -44.47 7.35
C GLY A 534 -25.52 -44.71 7.96
N ALA A 535 -25.85 -43.97 9.00
CA ALA A 535 -27.13 -44.13 9.70
C ALA A 535 -27.62 -42.77 10.15
N LYS A 536 -28.81 -42.75 10.75
CA LYS A 536 -29.46 -41.51 11.15
C LYS A 536 -29.02 -41.09 12.54
N HIS A 537 -28.94 -39.77 12.74
CA HIS A 537 -28.61 -39.18 14.03
C HIS A 537 -29.86 -38.55 14.63
N ASP A 538 -30.17 -38.91 15.86
CA ASP A 538 -31.33 -38.38 16.55
C ASP A 538 -31.00 -38.17 18.03
N PRO A 539 -31.13 -36.95 18.56
CA PRO A 539 -30.82 -36.62 19.95
C PRO A 539 -31.61 -37.46 20.94
N ARG A 546 -21.03 -48.82 27.32
CA ARG A 546 -21.86 -50.03 27.29
C ARG A 546 -21.22 -51.11 26.43
N ARG A 547 -22.01 -52.09 26.01
CA ARG A 547 -21.55 -53.18 25.16
C ARG A 547 -22.10 -53.05 23.74
N MET A 548 -22.49 -51.85 23.32
CA MET A 548 -23.00 -51.65 21.98
C MET A 548 -21.93 -51.98 20.95
N HIS A 549 -22.31 -52.76 19.94
CA HIS A 549 -21.35 -53.09 18.90
C HIS A 549 -21.53 -52.18 17.69
N PRO A 550 -20.43 -51.84 17.02
CA PRO A 550 -20.55 -50.92 15.87
C PRO A 550 -21.35 -51.55 14.74
N ARG A 551 -22.08 -50.70 14.03
CA ARG A 551 -22.86 -51.16 12.89
C ARG A 551 -21.94 -51.62 11.76
N SER A 552 -22.42 -52.56 10.94
CA SER A 552 -21.52 -53.14 9.91
C SER A 552 -21.74 -52.49 8.54
N SER A 553 -22.70 -51.58 8.42
CA SER A 553 -22.99 -50.99 7.13
C SER A 553 -22.93 -49.48 7.22
N PHE A 554 -22.40 -48.85 6.17
CA PHE A 554 -22.32 -47.40 6.10
C PHE A 554 -23.12 -46.91 4.89
N LYS A 555 -24.32 -47.43 4.73
CA LYS A 555 -25.14 -47.12 3.56
C LYS A 555 -25.51 -45.65 3.54
N ALA A 556 -25.47 -45.06 2.35
CA ALA A 556 -25.77 -43.64 2.18
C ALA A 556 -27.25 -43.43 1.89
N PHE A 557 -28.09 -43.45 2.92
CA PHE A 557 -29.51 -43.18 2.77
C PHE A 557 -29.74 -41.67 2.88
N LEU A 558 -30.51 -41.12 1.93
CA LEU A 558 -30.61 -39.68 1.79
C LEU A 558 -31.73 -39.11 2.67
N GLU A 559 -31.66 -37.80 2.90
CA GLU A 559 -32.68 -37.07 3.63
C GLU A 559 -33.09 -35.84 2.83
N VAL A 560 -34.37 -35.49 2.90
CA VAL A 560 -34.93 -34.38 2.15
C VAL A 560 -35.96 -33.67 3.00
N VAL A 561 -35.95 -32.34 2.93
CA VAL A 561 -36.88 -31.51 3.67
C VAL A 561 -38.04 -31.14 2.75
N LYS A 562 -39.12 -30.64 3.35
CA LYS A 562 -40.33 -30.31 2.61
C LYS A 562 -40.14 -28.98 1.89
N THR A 563 -41.24 -28.40 1.39
CA THR A 563 -41.17 -27.13 0.69
C THR A 563 -40.70 -26.03 1.64
N ARG A 564 -39.46 -25.59 1.47
CA ARG A 564 -38.83 -24.67 2.39
C ARG A 564 -37.89 -23.74 1.63
N SER A 565 -37.67 -22.55 2.20
CA SER A 565 -36.75 -21.56 1.64
C SER A 565 -35.69 -21.25 2.68
N LEU A 566 -34.81 -20.30 2.35
CA LEU A 566 -33.81 -19.86 3.29
C LEU A 566 -34.46 -19.06 4.42
N PRO A 567 -33.90 -19.11 5.62
CA PRO A 567 -34.48 -18.35 6.74
C PRO A 567 -34.12 -16.87 6.66
N TRP A 568 -35.02 -16.05 7.20
CA TRP A 568 -34.81 -14.61 7.25
C TRP A 568 -33.90 -14.30 8.43
N LYS A 569 -32.79 -13.62 8.16
CA LYS A 569 -31.79 -13.37 9.19
C LYS A 569 -32.31 -12.34 10.20
N ASP A 570 -31.51 -12.10 11.23
CA ASP A 570 -31.94 -11.25 12.34
C ASP A 570 -31.97 -9.78 11.93
N TYR A 571 -30.96 -9.32 11.19
CA TYR A 571 -30.88 -7.91 10.83
C TYR A 571 -31.75 -7.54 9.64
N GLU A 572 -32.18 -8.51 8.85
CA GLU A 572 -33.12 -8.22 7.76
C GLU A 572 -34.45 -7.73 8.30
N MET A 573 -34.93 -8.35 9.39
CA MET A 573 -36.14 -7.86 10.04
C MET A 573 -35.94 -6.47 10.60
N ASP A 574 -34.73 -6.18 11.10
CA ASP A 574 -34.44 -4.83 11.60
C ASP A 574 -34.49 -3.81 10.47
N ALA A 575 -33.94 -4.16 9.31
CA ALA A 575 -34.00 -3.25 8.16
C ALA A 575 -35.44 -3.02 7.72
N ILE A 576 -36.25 -4.08 7.66
CA ILE A 576 -37.64 -3.93 7.27
C ILE A 576 -38.39 -3.07 8.28
N HIS A 577 -38.12 -3.26 9.58
CA HIS A 577 -38.75 -2.44 10.60
C HIS A 577 -38.33 -0.98 10.49
N SER A 578 -37.06 -0.73 10.15
CA SER A 578 -36.61 0.64 9.95
C SER A 578 -37.34 1.30 8.79
N LEU A 579 -37.50 0.58 7.68
CA LEU A 579 -38.26 1.11 6.56
C LEU A 579 -39.71 1.37 6.97
N GLN A 580 -40.28 0.47 7.77
CA GLN A 580 -41.64 0.67 8.27
C GLN A 580 -41.75 1.94 9.09
N LEU A 581 -40.78 2.17 9.99
CA LEU A 581 -40.80 3.38 10.81
C LEU A 581 -40.64 4.62 9.95
N ILE A 582 -39.75 4.57 8.96
CA ILE A 582 -39.54 5.73 8.08
C ILE A 582 -40.84 6.08 7.36
N LEU A 583 -41.50 5.07 6.78
CA LEU A 583 -42.75 5.34 6.05
C LEU A 583 -43.84 5.81 7.00
N ARG A 584 -43.91 5.22 8.20
CA ARG A 584 -44.93 5.62 9.17
C ARG A 584 -44.76 7.08 9.57
N ASN A 585 -43.51 7.51 9.80
CA ASN A 585 -43.26 8.90 10.12
C ASN A 585 -43.55 9.82 8.93
N ALA A 586 -43.22 9.37 7.71
CA ALA A 586 -43.40 10.22 6.55
C ALA A 586 -44.87 10.37 6.17
N PHE A 587 -45.71 9.39 6.51
CA PHE A 587 -47.12 9.46 6.12
C PHE A 587 -47.89 10.53 6.88
N LYS A 588 -47.46 10.84 8.12
CA LYS A 588 -48.20 11.82 8.92
C LYS A 588 -48.18 13.20 8.28
N ASP A 589 -47.02 13.62 7.77
CA ASP A 589 -46.89 14.94 7.16
C ASP A 589 -47.60 15.01 5.81
N MET A 742 -45.98 -2.13 21.48
CA MET A 742 -45.02 -1.77 20.44
C MET A 742 -45.49 -2.24 19.07
N ASP A 743 -44.72 -3.13 18.45
CA ASP A 743 -45.02 -3.66 17.14
C ASP A 743 -45.28 -5.16 17.14
N LYS A 744 -44.46 -5.93 17.86
CA LYS A 744 -44.65 -7.37 18.03
C LYS A 744 -44.65 -8.09 16.67
N PHE A 745 -43.49 -8.04 16.02
CA PHE A 745 -43.27 -8.84 14.83
C PHE A 745 -43.40 -10.32 15.16
N THR A 746 -44.03 -11.08 14.27
CA THR A 746 -44.12 -12.52 14.38
C THR A 746 -43.18 -13.19 13.39
N ARG A 747 -42.47 -14.22 13.85
CA ARG A 747 -41.49 -14.92 13.05
C ARG A 747 -41.73 -16.42 13.25
N ILE A 748 -42.44 -17.05 12.32
CA ILE A 748 -42.81 -18.46 12.49
C ILE A 748 -41.72 -19.30 11.81
N GLU A 749 -40.64 -19.51 12.54
CA GLU A 749 -39.59 -20.42 12.11
C GLU A 749 -38.98 -21.23 13.25
N GLY A 750 -39.48 -21.10 14.47
CA GLY A 750 -38.95 -21.86 15.59
C GLY A 750 -39.48 -23.27 15.70
N ASP A 751 -40.29 -23.71 14.75
CA ASP A 751 -40.94 -25.03 14.69
C ASP A 751 -41.94 -25.23 15.82
N TYR A 752 -42.17 -24.23 16.66
CA TYR A 752 -43.14 -24.29 17.75
C TYR A 752 -44.26 -23.28 17.51
N LYS A 753 -44.70 -23.19 16.26
CA LYS A 753 -45.76 -22.27 15.82
C LYS A 753 -45.26 -20.84 16.02
N ALA A 754 -46.17 -19.92 16.34
CA ALA A 754 -45.86 -18.49 16.36
C ALA A 754 -45.07 -18.14 17.61
N ILE A 755 -43.90 -17.54 17.44
CA ILE A 755 -43.12 -16.96 18.52
C ILE A 755 -42.88 -15.49 18.18
N ILE A 756 -43.19 -14.61 19.13
CA ILE A 756 -43.18 -13.18 18.89
C ILE A 756 -41.88 -12.59 19.41
N GLN A 757 -41.17 -11.87 18.54
CA GLN A 757 -39.92 -11.20 18.88
C GLN A 757 -40.14 -9.70 18.89
N ASN A 758 -39.05 -8.96 19.09
CA ASN A 758 -39.07 -7.50 19.08
C ASN A 758 -37.82 -7.01 18.35
N PRO A 759 -37.97 -6.32 17.22
CA PRO A 759 -36.80 -5.84 16.47
C PRO A 759 -36.38 -4.44 16.89
N ASN A 760 -35.12 -4.12 16.57
CA ASN A 760 -34.53 -2.82 16.84
C ASN A 760 -34.14 -2.13 15.54
N PRO A 761 -34.35 -0.83 15.42
CA PRO A 761 -34.09 -0.15 14.15
C PRO A 761 -32.60 -0.05 13.84
N LEU A 762 -32.32 0.16 12.56
CA LEU A 762 -30.96 0.28 12.05
C LEU A 762 -30.58 1.71 11.69
N ILE A 763 -31.43 2.69 12.03
CA ILE A 763 -31.20 4.07 11.59
C ILE A 763 -29.90 4.59 12.21
N PRO A 764 -28.99 5.17 11.43
CA PRO A 764 -27.73 5.66 11.99
C PRO A 764 -27.88 7.07 12.53
N PRO A 765 -26.89 7.58 13.27
CA PRO A 765 -26.97 8.97 13.74
C PRO A 765 -26.98 9.94 12.57
N ILE A 766 -27.87 10.93 12.65
CA ILE A 766 -28.12 11.86 11.56
C ILE A 766 -28.13 13.28 12.12
N PHE A 767 -27.44 14.20 11.43
CA PHE A 767 -27.59 15.61 11.71
C PHE A 767 -27.57 16.38 10.40
N GLY A 768 -27.88 17.66 10.47
CA GLY A 768 -27.99 18.46 9.26
C GLY A 768 -28.14 19.94 9.51
N THR A 769 -27.50 20.72 8.63
CA THR A 769 -27.49 22.18 8.81
C THR A 769 -28.09 22.90 7.61
N ASP A 770 -28.44 24.17 7.75
CA ASP A 770 -28.90 25.01 6.67
C ASP A 770 -27.71 25.69 5.99
N GLU A 771 -28.00 26.54 5.01
CA GLU A 771 -26.93 27.11 4.18
C GLU A 771 -26.04 28.08 4.94
N PHE A 772 -26.48 28.61 6.08
CA PHE A 772 -25.67 29.55 6.84
C PHE A 772 -24.81 28.88 7.90
N GLY A 773 -25.02 27.60 8.18
CA GLY A 773 -24.22 26.87 9.13
C GLY A 773 -24.92 26.48 10.42
N TRP A 774 -26.09 27.04 10.70
CA TRP A 774 -26.81 26.70 11.92
C TRP A 774 -27.34 25.27 11.87
N CYS A 775 -27.40 24.65 13.04
CA CYS A 775 -27.97 23.31 13.14
C CYS A 775 -29.47 23.34 12.90
N THR A 776 -29.97 22.34 12.19
CA THR A 776 -31.40 22.22 11.93
C THR A 776 -31.96 20.81 12.14
N GLU A 777 -31.15 19.76 12.02
CA GLU A 777 -31.61 18.40 12.24
C GLU A 777 -30.65 17.69 13.17
N TRP A 778 -31.19 17.05 14.21
CA TRP A 778 -30.39 16.33 15.21
C TRP A 778 -31.28 15.20 15.73
N ASN A 779 -31.07 13.99 15.21
CA ASN A 779 -31.95 12.86 15.43
C ASN A 779 -31.63 12.15 16.74
N PRO A 780 -32.57 11.34 17.27
CA PRO A 780 -32.34 10.71 18.58
C PRO A 780 -31.12 9.81 18.65
N ALA A 781 -30.74 9.15 17.55
CA ALA A 781 -29.56 8.29 17.59
C ALA A 781 -28.30 9.09 17.87
N MET A 782 -28.18 10.28 17.26
CA MET A 782 -27.05 11.14 17.53
C MET A 782 -27.06 11.60 18.98
N SER A 783 -28.26 11.89 19.51
CA SER A 783 -28.37 12.27 20.92
C SER A 783 -27.91 11.16 21.84
N LYS A 784 -28.28 9.92 21.54
CA LYS A 784 -27.80 8.79 22.34
C LYS A 784 -26.29 8.64 22.24
N LEU A 785 -25.74 8.79 21.04
CA LEU A 785 -24.31 8.62 20.85
C LEU A 785 -23.51 9.68 21.59
N THR A 786 -23.97 10.94 21.56
CA THR A 786 -23.21 12.04 22.14
C THR A 786 -23.69 12.44 23.54
N GLY A 787 -24.92 12.11 23.91
CA GLY A 787 -25.45 12.49 25.20
C GLY A 787 -26.12 13.83 25.24
N LEU A 788 -26.07 14.60 24.16
CA LEU A 788 -26.67 15.94 24.12
C LEU A 788 -28.11 15.86 23.64
N LYS A 789 -29.01 16.43 24.43
CA LYS A 789 -30.41 16.54 23.99
C LYS A 789 -30.53 17.50 22.82
N ARG A 790 -31.54 17.26 21.99
CA ARG A 790 -31.67 18.04 20.75
C ARG A 790 -31.88 19.51 21.04
N GLU A 791 -32.71 19.84 22.04
CA GLU A 791 -33.01 21.24 22.32
C GLU A 791 -31.79 22.01 22.84
N GLU A 792 -30.74 21.31 23.25
CA GLU A 792 -29.51 21.96 23.69
C GLU A 792 -28.55 22.26 22.55
N VAL A 793 -28.87 21.83 21.32
CA VAL A 793 -27.96 21.93 20.19
C VAL A 793 -28.55 22.77 19.06
N ILE A 794 -29.84 22.60 18.76
CA ILE A 794 -30.44 23.23 17.59
C ILE A 794 -30.29 24.74 17.65
N ASP A 795 -30.26 25.36 16.46
CA ASP A 795 -30.05 26.80 16.30
C ASP A 795 -28.73 27.25 16.92
N LYS A 796 -27.67 26.51 16.59
CA LYS A 796 -26.31 26.88 16.97
C LYS A 796 -25.40 26.63 15.77
N MET A 797 -24.27 27.34 15.75
CA MET A 797 -23.29 27.16 14.70
C MET A 797 -22.67 25.77 14.83
N LEU A 798 -22.85 24.94 13.80
CA LEU A 798 -22.35 23.56 13.86
C LEU A 798 -20.84 23.53 13.98
N LEU A 799 -20.14 24.34 13.17
CA LEU A 799 -18.69 24.38 13.17
C LEU A 799 -18.25 25.62 13.94
N GLY A 800 -17.77 25.42 15.17
CA GLY A 800 -17.35 26.51 16.01
C GLY A 800 -18.01 26.54 17.36
N GLU A 801 -19.29 26.14 17.41
CA GLU A 801 -20.06 26.12 18.65
C GLU A 801 -20.46 24.72 19.06
N VAL A 802 -21.02 23.92 18.15
CA VAL A 802 -21.34 22.54 18.48
C VAL A 802 -20.09 21.67 18.41
N PHE A 803 -19.39 21.70 17.29
CA PHE A 803 -18.11 21.02 17.13
C PHE A 803 -17.00 22.06 17.16
N GLY A 804 -16.22 22.06 18.23
CA GLY A 804 -15.15 23.04 18.37
C GLY A 804 -14.06 22.54 19.28
N THR A 805 -12.95 23.28 19.27
CA THR A 805 -11.78 22.92 20.07
C THR A 805 -11.83 23.48 21.48
N GLN A 806 -12.79 24.37 21.78
CA GLN A 806 -12.89 24.95 23.11
C GLN A 806 -14.28 25.54 23.29
N LYS A 807 -14.83 25.40 24.49
CA LYS A 807 -16.14 25.94 24.85
C LYS A 807 -17.21 25.48 23.87
N SER A 808 -17.18 24.19 23.56
CA SER A 808 -18.09 23.59 22.60
C SER A 808 -18.75 22.37 23.20
N CYS A 809 -19.90 22.00 22.64
CA CYS A 809 -20.64 20.83 23.12
C CYS A 809 -19.81 19.56 22.95
N CYS A 810 -19.46 19.22 21.72
CA CYS A 810 -18.55 18.12 21.43
C CYS A 810 -17.19 18.69 21.07
N ARG A 811 -16.16 18.23 21.76
CA ARG A 811 -14.82 18.81 21.65
C ARG A 811 -14.00 18.03 20.64
N LEU A 812 -13.53 18.72 19.60
CA LEU A 812 -12.59 18.12 18.67
C LEU A 812 -11.21 18.03 19.31
N LYS A 813 -10.36 17.18 18.73
CA LYS A 813 -9.05 16.92 19.33
C LYS A 813 -8.13 18.13 19.19
N ASN A 814 -7.87 18.56 17.96
CA ASN A 814 -6.96 19.67 17.70
C ASN A 814 -7.50 20.51 16.56
N GLN A 815 -6.67 21.43 16.07
CA GLN A 815 -7.08 22.38 15.04
C GLN A 815 -7.22 21.73 13.67
N GLU A 816 -6.45 20.68 13.42
CA GLU A 816 -6.53 20.00 12.13
C GLU A 816 -7.90 19.38 11.90
N ALA A 817 -8.52 18.86 12.97
CA ALA A 817 -9.88 18.34 12.85
C ALA A 817 -10.87 19.44 12.49
N PHE A 818 -10.71 20.62 13.11
CA PHE A 818 -11.54 21.77 12.77
C PHE A 818 -11.41 22.13 11.30
N VAL A 819 -10.16 22.22 10.82
CA VAL A 819 -9.93 22.60 9.43
C VAL A 819 -10.51 21.54 8.48
N ASN A 820 -10.31 20.26 8.80
CA ASN A 820 -10.81 19.20 7.94
C ASN A 820 -12.33 19.17 7.91
N LEU A 821 -12.98 19.40 9.06
CA LEU A 821 -14.43 19.44 9.10
C LEU A 821 -14.97 20.60 8.26
N GLY A 822 -14.34 21.77 8.36
CA GLY A 822 -14.75 22.88 7.51
C GLY A 822 -14.57 22.56 6.04
N ILE A 823 -13.43 21.96 5.69
CA ILE A 823 -13.15 21.62 4.29
C ILE A 823 -14.19 20.64 3.76
N VAL A 824 -14.54 19.63 4.55
CA VAL A 824 -15.52 18.64 4.11
C VAL A 824 -16.90 19.29 3.96
N LEU A 825 -17.29 20.10 4.94
CA LEU A 825 -18.60 20.74 4.89
C LEU A 825 -18.71 21.69 3.70
N ASN A 826 -17.60 22.29 3.28
CA ASN A 826 -17.65 23.18 2.11
C ASN A 826 -17.60 22.39 0.80
N ASN A 827 -16.79 21.34 0.75
CA ASN A 827 -16.65 20.57 -0.48
C ASN A 827 -17.91 19.75 -0.79
N ALA A 828 -18.68 19.40 0.24
CA ALA A 828 -19.89 18.61 0.00
C ALA A 828 -20.92 19.37 -0.82
N VAL A 829 -20.91 20.70 -0.73
CA VAL A 829 -21.89 21.50 -1.47
C VAL A 829 -21.65 21.39 -2.97
N THR A 830 -20.40 21.33 -3.40
CA THR A 830 -20.08 21.25 -4.81
C THR A 830 -19.98 19.83 -5.34
N SER A 831 -19.37 18.91 -4.56
CA SER A 831 -19.14 17.57 -5.06
C SER A 831 -20.44 16.76 -5.13
N GLN A 832 -21.31 16.93 -4.13
CA GLN A 832 -22.64 16.30 -4.07
C GLN A 832 -22.55 14.80 -3.80
N ASP A 833 -21.36 14.24 -3.91
CA ASP A 833 -21.24 12.80 -3.70
C ASP A 833 -21.16 12.50 -2.20
N PRO A 834 -21.75 11.38 -1.76
CA PRO A 834 -21.57 10.98 -0.35
C PRO A 834 -20.14 10.52 -0.12
N GLU A 835 -19.35 11.34 0.56
CA GLU A 835 -17.92 11.11 0.73
C GLU A 835 -17.64 10.67 2.16
N LYS A 836 -17.11 9.46 2.29
CA LYS A 836 -16.77 8.91 3.60
C LYS A 836 -15.42 9.48 4.04
N VAL A 837 -15.41 10.20 5.16
CA VAL A 837 -14.19 10.76 5.70
C VAL A 837 -14.04 10.31 7.14
N SER A 838 -12.80 10.26 7.62
CA SER A 838 -12.55 9.88 9.00
C SER A 838 -12.95 11.01 9.93
N PHE A 839 -13.68 10.69 10.99
CA PHE A 839 -14.14 11.67 11.96
C PHE A 839 -13.86 11.15 13.36
N ALA A 840 -13.61 12.08 14.29
CA ALA A 840 -13.29 11.71 15.66
C ALA A 840 -13.61 12.88 16.57
N PHE A 841 -14.26 12.60 17.69
CA PHE A 841 -14.63 13.67 18.60
C PHE A 841 -14.83 13.12 20.00
N PHE A 842 -14.83 14.04 20.96
CA PHE A 842 -15.04 13.69 22.38
C PHE A 842 -16.47 14.04 22.76
N THR A 843 -17.12 13.11 23.47
CA THR A 843 -18.48 13.34 23.96
C THR A 843 -18.41 14.20 25.22
N ARG A 844 -19.53 14.28 25.94
CA ARG A 844 -19.55 15.05 27.19
C ARG A 844 -18.52 14.52 28.17
N GLY A 845 -18.53 13.22 28.44
CA GLY A 845 -17.53 12.64 29.30
C GLY A 845 -16.51 11.75 28.60
N GLY A 846 -15.33 12.29 28.35
CA GLY A 846 -14.13 11.54 27.98
C GLY A 846 -14.28 10.33 27.07
N LYS A 847 -15.12 10.41 26.04
CA LYS A 847 -15.33 9.29 25.14
C LYS A 847 -14.83 9.68 23.75
N TYR A 848 -13.72 9.08 23.32
CA TYR A 848 -13.10 9.38 22.03
C TYR A 848 -13.78 8.53 20.95
N VAL A 849 -14.89 9.05 20.43
CA VAL A 849 -15.64 8.35 19.38
C VAL A 849 -14.93 8.55 18.06
N GLU A 850 -14.68 7.44 17.35
CA GLU A 850 -13.99 7.42 16.07
C GLU A 850 -14.90 6.75 15.05
N CYS A 851 -15.32 7.49 14.04
CA CYS A 851 -16.30 6.98 13.09
C CYS A 851 -16.05 7.51 11.67
N LEU A 852 -17.02 7.30 10.78
CA LEU A 852 -16.93 7.70 9.39
C LEU A 852 -18.09 8.65 9.08
N LEU A 853 -17.75 9.87 8.69
CA LEU A 853 -18.75 10.87 8.34
C LEU A 853 -19.08 10.79 6.86
N CYS A 854 -20.38 10.89 6.54
CA CYS A 854 -20.86 10.95 5.18
C CYS A 854 -21.74 12.19 5.03
N VAL A 855 -21.39 13.05 4.08
CA VAL A 855 -22.06 14.34 3.89
C VAL A 855 -22.59 14.41 2.46
N SER A 856 -23.79 14.94 2.31
CA SER A 856 -24.34 15.21 0.99
C SER A 856 -25.21 16.46 1.06
N LYS A 857 -25.30 17.18 -0.05
CA LYS A 857 -26.07 18.40 -0.06
C LYS A 857 -27.57 18.09 0.08
N LYS A 858 -28.35 19.16 0.25
CA LYS A 858 -29.78 19.02 0.48
C LYS A 858 -30.55 19.69 -0.65
N LEU A 859 -30.17 19.39 -1.89
CA LEU A 859 -30.78 20.02 -3.06
C LEU A 859 -32.28 19.78 -3.06
N ASP A 860 -33.04 20.83 -3.36
CA ASP A 860 -34.49 20.80 -3.33
C ASP A 860 -35.04 20.67 -4.76
N ARG A 861 -36.37 20.77 -4.87
CA ARG A 861 -37.01 20.62 -6.17
C ARG A 861 -36.60 21.71 -7.15
N GLU A 862 -36.51 22.95 -6.68
CA GLU A 862 -36.21 24.08 -7.54
C GLU A 862 -34.76 24.12 -7.99
N GLY A 863 -33.90 23.27 -7.45
CA GLY A 863 -32.49 23.28 -7.80
C GLY A 863 -31.63 24.25 -7.02
N VAL A 864 -32.08 24.67 -5.84
CA VAL A 864 -31.31 25.56 -4.97
C VAL A 864 -31.03 24.83 -3.67
N VAL A 865 -29.77 24.86 -3.23
CA VAL A 865 -29.38 24.15 -2.03
C VAL A 865 -29.93 24.86 -0.79
N THR A 866 -30.12 24.10 0.29
CA THR A 866 -30.59 24.67 1.54
C THR A 866 -29.86 24.10 2.75
N GLY A 867 -28.62 23.66 2.59
CA GLY A 867 -27.84 23.14 3.69
C GLY A 867 -27.19 21.84 3.30
N VAL A 868 -26.72 21.12 4.33
CA VAL A 868 -26.10 19.81 4.14
C VAL A 868 -26.73 18.81 5.10
N PHE A 869 -26.62 17.54 4.74
CA PHE A 869 -27.19 16.43 5.49
C PHE A 869 -26.08 15.40 5.70
N CYS A 870 -25.78 15.10 6.96
CA CYS A 870 -24.64 14.27 7.31
C CYS A 870 -25.11 13.14 8.23
N PHE A 871 -24.45 11.99 8.09
CA PHE A 871 -24.69 10.88 9.00
C PHE A 871 -23.39 10.12 9.24
N LEU A 872 -23.29 9.53 10.42
CA LEU A 872 -22.11 8.78 10.82
C LEU A 872 -22.28 7.30 10.52
N GLN A 873 -21.16 6.58 10.53
CA GLN A 873 -21.16 5.14 10.30
C GLN A 873 -20.18 4.52 11.29
N LEU A 874 -20.71 4.06 12.42
CA LEU A 874 -19.89 3.47 13.47
C LEU A 874 -19.31 2.16 12.98
N ALA A 875 -18.02 2.17 12.63
CA ALA A 875 -17.33 1.00 12.09
C ALA A 875 -16.20 0.60 13.03
N SER A 876 -15.91 -0.70 13.03
CA SER A 876 -14.83 -1.21 13.86
C SER A 876 -13.47 -0.83 13.26
N HIS A 877 -12.44 -0.92 14.10
CA HIS A 877 -11.10 -0.49 13.69
C HIS A 877 -10.57 -1.34 12.54
N GLU A 878 -10.81 -2.65 12.59
CA GLU A 878 -10.30 -3.53 11.54
C GLU A 878 -10.94 -3.21 10.20
N LEU A 879 -12.25 -2.96 10.18
CA LEU A 879 -12.92 -2.61 8.93
C LEU A 879 -12.40 -1.29 8.37
N GLN A 880 -12.18 -0.31 9.25
CA GLN A 880 -11.63 0.96 8.81
C GLN A 880 -10.24 0.79 8.20
N GLN A 881 -9.39 -0.01 8.85
CA GLN A 881 -8.05 -0.24 8.32
C GLN A 881 -8.10 -0.97 6.99
N ALA A 882 -9.01 -1.95 6.86
CA ALA A 882 -9.14 -2.66 5.58
C ALA A 882 -9.61 -1.73 4.47
N LEU A 883 -10.56 -0.86 4.77
CA LEU A 883 -11.02 0.11 3.78
C LEU A 883 -9.89 1.04 3.37
N HIS A 884 -9.10 1.50 4.35
CA HIS A 884 -7.95 2.36 4.05
C HIS A 884 -6.95 1.64 3.17
N VAL A 885 -6.68 0.37 3.44
CA VAL A 885 -5.72 -0.40 2.65
C VAL A 885 -6.22 -0.56 1.22
N GLN A 886 -7.51 -0.87 1.06
CA GLN A 886 -8.07 -1.01 -0.28
C GLN A 886 -7.99 0.30 -1.05
N ARG A 887 -8.31 1.42 -0.39
CA ARG A 887 -8.22 2.72 -1.02
C ARG A 887 -6.79 3.02 -1.44
N LEU A 888 -5.82 2.67 -0.60
CA LEU A 888 -4.42 2.89 -0.94
C LEU A 888 -4.01 2.06 -2.15
N ALA A 889 -4.46 0.80 -2.21
CA ALA A 889 -4.06 -0.08 -3.31
C ALA A 889 -4.71 0.33 -4.64
N GLU A 890 -5.92 0.90 -4.59
CA GLU A 890 -6.59 1.29 -5.84
C GLU A 890 -5.81 2.36 -6.58
N ARG A 891 -5.25 3.34 -5.85
CA ARG A 891 -4.47 4.39 -6.48
C ARG A 891 -3.24 3.82 -7.17
N THR A 892 -2.55 2.89 -6.53
CA THR A 892 -1.39 2.25 -7.14
C THR A 892 -1.79 1.50 -8.41
N ALA A 893 -2.92 0.80 -8.35
CA ALA A 893 -3.38 0.08 -9.54
C ALA A 893 -3.66 1.04 -10.69
N VAL A 894 -4.33 2.16 -10.40
CA VAL A 894 -4.64 3.14 -11.45
C VAL A 894 -3.35 3.73 -12.03
N LYS A 895 -2.40 4.09 -11.16
CA LYS A 895 -1.14 4.64 -11.63
C LYS A 895 -0.39 3.66 -12.52
N ARG A 896 -0.36 2.39 -12.12
CA ARG A 896 0.35 1.39 -12.93
C ARG A 896 -0.36 1.18 -14.27
N LEU A 897 -1.69 1.20 -14.28
CA LEU A 897 -2.42 1.09 -15.53
C LEU A 897 -2.07 2.24 -16.47
N LYS A 898 -2.04 3.46 -15.95
CA LYS A 898 -1.68 4.61 -16.78
C LYS A 898 -0.24 4.50 -17.29
N ALA A 899 0.67 4.06 -16.42
CA ALA A 899 2.07 3.90 -16.83
C ALA A 899 2.20 2.88 -17.95
N LEU A 900 1.48 1.77 -17.85
CA LEU A 900 1.51 0.77 -18.92
C LEU A 900 0.90 1.32 -20.20
N ALA A 901 -0.20 2.08 -20.09
CA ALA A 901 -0.84 2.65 -21.26
C ALA A 901 0.03 3.69 -21.95
N TYR A 902 0.98 4.28 -21.23
CA TYR A 902 1.87 5.27 -21.83
C TYR A 902 2.64 4.69 -23.02
N ILE A 903 3.30 3.55 -22.81
CA ILE A 903 4.37 3.10 -23.71
C ILE A 903 3.84 2.70 -25.08
N LYS A 904 2.58 2.29 -25.18
CA LYS A 904 2.08 1.73 -26.44
C LYS A 904 2.10 2.76 -27.56
N ARG A 905 1.71 4.01 -27.26
CA ARG A 905 1.69 5.03 -28.30
C ARG A 905 3.11 5.35 -28.78
N GLN A 906 4.06 5.47 -27.85
CA GLN A 906 5.44 5.79 -28.20
C GLN A 906 6.18 4.62 -28.83
N ILE A 907 5.63 3.41 -28.77
CA ILE A 907 6.15 2.33 -29.59
C ILE A 907 5.45 2.29 -30.95
N ARG A 908 4.16 2.63 -30.99
CA ARG A 908 3.41 2.52 -32.24
C ARG A 908 3.82 3.58 -33.25
N ASN A 909 4.08 4.80 -32.79
CA ASN A 909 4.45 5.87 -33.73
C ASN A 909 5.74 5.57 -34.49
N PRO A 910 6.85 5.21 -33.84
CA PRO A 910 8.03 4.79 -34.62
C PRO A 910 7.75 3.56 -35.46
N LEU A 911 6.86 2.69 -34.98
CA LEU A 911 6.47 1.51 -35.81
C LEU A 911 5.86 2.05 -37.11
N SER A 912 4.93 3.01 -36.99
CA SER A 912 4.34 3.59 -38.19
C SER A 912 5.43 4.20 -39.08
N GLY A 913 6.47 4.77 -38.48
CA GLY A 913 7.60 5.25 -39.28
C GLY A 913 8.27 4.13 -40.06
N ILE A 914 8.50 2.99 -39.40
CA ILE A 914 9.12 1.85 -40.07
C ILE A 914 8.24 1.37 -41.22
N MET A 915 6.93 1.29 -40.99
CA MET A 915 6.01 0.94 -42.07
C MET A 915 6.09 1.90 -43.24
N PHE A 916 6.08 3.21 -42.97
CA PHE A 916 6.10 4.16 -44.08
C PHE A 916 7.41 4.04 -44.87
N THR A 917 8.52 3.90 -44.16
CA THR A 917 9.80 3.70 -44.85
C THR A 917 9.79 2.42 -45.67
N ARG A 918 9.13 1.36 -45.17
CA ARG A 918 9.07 0.12 -45.93
C ARG A 918 8.24 0.27 -47.20
N LYS A 919 7.12 1.00 -47.13
CA LYS A 919 6.36 1.28 -48.35
C LYS A 919 7.19 2.10 -49.34
N MET A 920 7.93 3.10 -48.87
CA MET A 920 8.79 3.84 -49.79
C MET A 920 9.89 2.96 -50.38
N ILE A 921 10.42 2.02 -49.60
CA ILE A 921 11.41 1.09 -50.13
C ILE A 921 10.79 0.22 -51.21
N GLU A 922 9.56 -0.26 -50.98
CA GLU A 922 8.86 -1.00 -52.02
C GLU A 922 8.62 -0.16 -53.26
N GLY A 923 8.41 1.14 -53.08
CA GLY A 923 8.25 2.03 -54.23
C GLY A 923 9.51 2.11 -55.09
N THR A 924 10.68 2.00 -54.47
CA THR A 924 11.94 2.13 -55.18
C THR A 924 12.32 0.79 -55.81
N GLU A 925 13.55 0.71 -56.32
CA GLU A 925 14.04 -0.50 -56.95
C GLU A 925 14.24 -1.61 -55.92
N LEU A 926 13.99 -2.85 -56.35
CA LEU A 926 14.16 -4.01 -55.49
C LEU A 926 14.82 -5.13 -56.27
N GLY A 927 15.83 -5.76 -55.67
CA GLY A 927 16.52 -6.87 -56.26
C GLY A 927 15.87 -8.19 -55.92
N PRO A 928 16.34 -9.28 -56.54
CA PRO A 928 15.72 -10.60 -56.30
C PRO A 928 15.77 -11.03 -54.83
N GLU A 929 16.97 -11.11 -54.26
CA GLU A 929 17.09 -11.49 -52.86
C GLU A 929 16.62 -10.38 -51.93
N GLN A 930 16.78 -9.13 -52.38
CA GLN A 930 16.25 -8.01 -51.61
C GLN A 930 14.74 -8.10 -51.47
N ARG A 931 14.05 -8.63 -52.50
CA ARG A 931 12.61 -8.85 -52.38
C ARG A 931 12.30 -9.84 -51.28
N ARG A 932 13.03 -10.96 -51.23
CA ARG A 932 12.78 -11.95 -50.18
C ARG A 932 13.04 -11.37 -48.80
N ILE A 933 14.14 -10.61 -48.65
CA ILE A 933 14.41 -9.95 -47.38
C ILE A 933 13.30 -8.98 -47.04
N LEU A 934 12.73 -8.33 -48.06
CA LEU A 934 11.63 -7.39 -47.84
C LEU A 934 10.40 -8.09 -47.30
N GLN A 935 10.04 -9.25 -47.85
CA GLN A 935 8.82 -9.88 -47.29
C GLN A 935 9.15 -10.44 -45.90
N THR A 936 10.37 -10.93 -45.67
CA THR A 936 10.69 -11.37 -44.32
C THR A 936 10.58 -10.23 -43.32
N SER A 937 11.09 -9.06 -43.68
CA SER A 937 10.97 -7.89 -42.79
C SER A 937 9.52 -7.50 -42.60
N ALA A 938 8.73 -7.56 -43.67
CA ALA A 938 7.30 -7.24 -43.56
C ALA A 938 6.61 -8.19 -42.60
N LEU A 939 6.88 -9.49 -42.72
CA LEU A 939 6.28 -10.47 -41.81
C LEU A 939 6.69 -10.23 -40.38
N CYS A 940 7.98 -9.97 -40.15
CA CYS A 940 8.46 -9.77 -38.78
C CYS A 940 7.85 -8.51 -38.16
N GLN A 941 7.79 -7.42 -38.93
CA GLN A 941 7.23 -6.19 -38.39
C GLN A 941 5.71 -6.31 -38.22
N LYS A 942 5.04 -7.11 -39.06
CA LYS A 942 3.64 -7.39 -38.83
C LYS A 942 3.44 -8.16 -37.53
N GLN A 943 4.29 -9.15 -37.26
CA GLN A 943 4.21 -9.87 -36.00
C GLN A 943 4.40 -8.92 -34.82
N LEU A 944 5.36 -8.00 -34.94
CA LEU A 944 5.56 -7.00 -33.90
C LEU A 944 4.30 -6.14 -33.71
N SER A 945 3.67 -5.74 -34.82
CA SER A 945 2.49 -4.91 -34.74
C SER A 945 1.35 -5.63 -34.02
N LYS A 946 1.10 -6.89 -34.39
CA LYS A 946 0.05 -7.65 -33.70
C LYS A 946 0.35 -7.86 -32.23
N ILE A 947 1.60 -8.19 -31.88
CA ILE A 947 1.86 -8.45 -30.46
C ILE A 947 1.71 -7.17 -29.66
N LEU A 948 2.14 -6.03 -30.22
CA LEU A 948 1.98 -4.77 -29.50
C LEU A 948 0.51 -4.40 -29.36
N ASP A 949 -0.26 -4.50 -30.45
CA ASP A 949 -1.66 -4.06 -30.43
C ASP A 949 -2.52 -4.87 -29.45
N ASP A 950 -2.06 -6.04 -29.03
CA ASP A 950 -2.79 -6.80 -28.02
C ASP A 950 -2.82 -6.04 -26.70
N SER A 951 -3.98 -6.04 -26.05
CA SER A 951 -4.17 -5.32 -24.81
C SER A 951 -4.39 -6.23 -23.60
N ASP A 952 -4.88 -7.45 -23.81
CA ASP A 952 -5.19 -8.36 -22.71
C ASP A 952 -4.46 -9.67 -22.95
N LEU A 953 -3.48 -9.97 -22.08
CA LEU A 953 -2.82 -11.27 -22.11
C LEU A 953 -3.70 -12.36 -21.49
N GLU A 954 -4.51 -12.00 -20.50
CA GLU A 954 -5.39 -12.98 -19.87
C GLU A 954 -6.43 -13.53 -20.83
N SER A 955 -6.75 -12.79 -21.90
CA SER A 955 -7.63 -13.33 -22.92
C SER A 955 -7.01 -14.54 -23.61
N ILE A 956 -5.71 -14.46 -23.92
CA ILE A 956 -5.00 -15.62 -24.46
C ILE A 956 -4.83 -16.69 -23.39
N ILE A 957 -4.60 -16.27 -22.15
CA ILE A 957 -4.38 -17.22 -21.07
C ILE A 957 -5.61 -18.11 -20.87
N GLU A 958 -6.80 -17.51 -20.84
CA GLU A 958 -8.02 -18.28 -20.67
C GLU A 958 -8.31 -19.13 -21.90
N GLY A 959 -8.12 -18.58 -23.08
CA GLY A 959 -8.40 -19.30 -24.32
C GLY A 959 -9.42 -18.61 -25.19
N CYS A 960 -9.64 -17.31 -24.95
CA CYS A 960 -10.61 -16.53 -25.70
C CYS A 960 -9.98 -15.76 -26.85
N LEU A 961 -8.69 -15.96 -27.12
CA LEU A 961 -8.03 -15.26 -28.21
C LEU A 961 -8.56 -15.77 -29.54
N ASP A 962 -8.95 -14.83 -30.42
CA ASP A 962 -9.48 -15.15 -31.73
C ASP A 962 -8.34 -15.06 -32.74
N LEU A 963 -7.94 -16.21 -33.29
CA LEU A 963 -6.84 -16.25 -34.24
C LEU A 963 -7.27 -15.69 -35.58
N GLU A 964 -6.31 -15.14 -36.31
CA GLU A 964 -6.56 -14.54 -37.62
C GLU A 964 -6.37 -15.60 -38.69
N MET A 965 -7.47 -16.13 -39.21
CA MET A 965 -7.43 -17.18 -40.22
C MET A 965 -7.01 -16.57 -41.56
N LYS A 966 -5.99 -17.15 -42.18
CA LYS A 966 -5.45 -16.66 -43.45
C LYS A 966 -4.79 -17.81 -44.19
N GLU A 967 -4.05 -17.48 -45.24
CA GLU A 967 -3.29 -18.44 -46.04
C GLU A 967 -1.82 -18.08 -45.97
N PHE A 968 -0.96 -19.10 -45.96
CA PHE A 968 0.48 -18.85 -45.92
C PHE A 968 1.20 -20.12 -46.40
N THR A 969 2.52 -20.13 -46.21
CA THR A 969 3.34 -21.30 -46.47
C THR A 969 4.28 -21.51 -45.29
N LEU A 970 4.66 -22.77 -45.06
CA LEU A 970 5.54 -23.08 -43.94
C LEU A 970 6.94 -22.50 -44.15
N ASN A 971 7.40 -22.42 -45.39
CA ASN A 971 8.73 -21.88 -45.66
C ASN A 971 8.85 -20.43 -45.25
N GLU A 972 7.84 -19.61 -45.57
CA GLU A 972 7.89 -18.20 -45.23
C GLU A 972 7.89 -18.00 -43.72
N VAL A 973 7.03 -18.73 -43.00
CA VAL A 973 6.98 -18.62 -41.55
C VAL A 973 8.29 -19.08 -40.93
N LEU A 974 8.84 -20.17 -41.44
CA LEU A 974 10.12 -20.67 -40.92
C LEU A 974 11.23 -19.65 -41.14
N THR A 975 11.29 -19.04 -42.33
CA THR A 975 12.31 -18.04 -42.59
C THR A 975 12.15 -16.83 -41.68
N ALA A 976 10.91 -16.37 -41.51
CA ALA A 976 10.67 -15.22 -40.64
C ALA A 976 11.04 -15.51 -39.20
N SER A 977 10.74 -16.73 -38.72
CA SER A 977 11.08 -17.09 -37.36
C SER A 977 12.59 -17.25 -37.18
N THR A 978 13.27 -17.79 -38.18
CA THR A 978 14.72 -17.93 -38.08
C THR A 978 15.41 -16.58 -38.09
N SER A 979 14.99 -15.67 -38.97
CA SER A 979 15.65 -14.38 -39.08
C SER A 979 15.60 -13.58 -37.79
N GLN A 980 14.68 -13.91 -36.89
CA GLN A 980 14.60 -13.23 -35.59
C GLN A 980 15.69 -13.67 -34.63
N VAL A 981 16.33 -14.81 -34.87
CA VAL A 981 17.22 -15.41 -33.88
C VAL A 981 18.66 -15.58 -34.36
N MET A 982 18.95 -15.53 -35.66
CA MET A 982 20.30 -15.83 -36.11
C MET A 982 21.32 -14.79 -35.65
N MET A 983 20.88 -13.63 -35.17
CA MET A 983 21.83 -12.72 -34.53
C MET A 983 22.40 -13.32 -33.26
N LYS A 984 21.55 -13.98 -32.47
CA LYS A 984 22.03 -14.69 -31.29
C LYS A 984 22.74 -15.98 -31.65
N SER A 985 22.38 -16.58 -32.78
CA SER A 985 23.13 -17.73 -33.28
C SER A 985 24.56 -17.35 -33.63
N ASN A 986 24.74 -16.20 -34.29
CA ASN A 986 26.09 -15.69 -34.53
C ASN A 986 26.74 -15.22 -33.25
N GLY A 987 25.94 -14.80 -32.26
CA GLY A 987 26.51 -14.45 -30.96
C GLY A 987 27.17 -15.63 -30.27
N LYS A 988 26.55 -16.80 -30.36
CA LYS A 988 27.09 -18.02 -29.76
C LYS A 988 27.66 -18.98 -30.78
N SER A 989 27.81 -18.55 -32.04
CA SER A 989 28.39 -19.37 -33.11
C SER A 989 27.65 -20.70 -33.26
N VAL A 990 26.32 -20.64 -33.19
CA VAL A 990 25.49 -21.82 -33.33
C VAL A 990 25.04 -21.93 -34.79
N ARG A 991 25.21 -23.11 -35.38
CA ARG A 991 24.88 -23.35 -36.77
C ARG A 991 23.47 -23.94 -36.88
N ILE A 992 22.60 -23.27 -37.63
CA ILE A 992 21.22 -23.68 -37.82
C ILE A 992 21.09 -24.36 -39.17
N THR A 993 20.45 -25.53 -39.17
CA THR A 993 20.28 -26.34 -40.37
C THR A 993 18.82 -26.78 -40.49
N ASN A 994 18.39 -27.01 -41.72
CA ASN A 994 17.03 -27.45 -42.01
C ASN A 994 17.09 -28.70 -42.88
N GLU A 995 16.17 -29.64 -42.62
CA GLU A 995 16.10 -30.89 -43.37
C GLU A 995 14.72 -31.14 -43.94
N THR A 996 13.83 -30.14 -43.90
CA THR A 996 12.47 -30.32 -44.39
C THR A 996 12.47 -30.49 -45.92
N GLY A 997 11.60 -31.36 -46.40
CA GLY A 997 11.49 -31.59 -47.83
C GLY A 997 10.90 -30.41 -48.56
N GLU A 998 11.20 -30.35 -49.87
CA GLU A 998 10.75 -29.22 -50.69
C GLU A 998 9.24 -29.20 -50.84
N GLU A 999 8.59 -30.36 -50.81
CA GLU A 999 7.14 -30.40 -50.95
C GLU A 999 6.45 -29.69 -49.79
N VAL A 1000 6.96 -29.87 -48.57
CA VAL A 1000 6.39 -29.20 -47.41
C VAL A 1000 6.57 -27.70 -47.53
N MET A 1001 7.75 -27.25 -47.98
CA MET A 1001 7.97 -25.82 -48.18
C MET A 1001 7.01 -25.25 -49.21
N SER A 1002 6.81 -25.97 -50.32
CA SER A 1002 5.88 -25.52 -51.34
C SER A 1002 4.42 -25.73 -50.95
N ASP A 1003 4.16 -26.49 -49.90
CA ASP A 1003 2.78 -26.73 -49.47
C ASP A 1003 2.14 -25.45 -48.94
N THR A 1004 0.85 -25.27 -49.25
CA THR A 1004 0.08 -24.12 -48.79
C THR A 1004 -0.67 -24.49 -47.52
N LEU A 1005 -0.56 -23.64 -46.51
CA LEU A 1005 -1.18 -23.87 -45.21
C LEU A 1005 -2.31 -22.88 -44.98
N TYR A 1006 -3.36 -23.37 -44.32
CA TYR A 1006 -4.64 -22.70 -44.14
C TYR A 1006 -4.82 -22.43 -42.65
N GLY A 1007 -4.33 -21.28 -42.18
CA GLY A 1007 -4.39 -20.98 -40.77
C GLY A 1007 -3.79 -19.64 -40.39
N ASP A 1008 -3.36 -19.51 -39.14
CA ASP A 1008 -2.76 -18.28 -38.63
C ASP A 1008 -1.24 -18.44 -38.64
N SER A 1009 -0.56 -17.56 -39.37
CA SER A 1009 0.89 -17.63 -39.45
C SER A 1009 1.58 -16.82 -38.36
N ILE A 1010 0.90 -15.83 -37.80
CA ILE A 1010 1.54 -14.95 -36.81
C ILE A 1010 1.87 -15.73 -35.54
N ARG A 1011 0.90 -16.49 -35.02
CA ARG A 1011 1.13 -17.22 -33.79
C ARG A 1011 2.20 -18.30 -33.98
N LEU A 1012 2.15 -19.01 -35.09
CA LEU A 1012 3.17 -20.02 -35.38
C LEU A 1012 4.55 -19.38 -35.50
N GLN A 1013 4.62 -18.22 -36.16
CA GLN A 1013 5.90 -17.52 -36.28
C GLN A 1013 6.44 -17.11 -34.92
N GLN A 1014 5.58 -16.56 -34.06
CA GLN A 1014 6.01 -16.16 -32.72
C GLN A 1014 6.51 -17.37 -31.92
N VAL A 1015 5.76 -18.48 -31.98
CA VAL A 1015 6.12 -19.67 -31.23
C VAL A 1015 7.46 -20.22 -31.71
N LEU A 1016 7.63 -20.33 -33.04
CA LEU A 1016 8.88 -20.85 -33.58
C LEU A 1016 10.05 -19.93 -33.25
N ALA A 1017 9.85 -18.62 -33.36
CA ALA A 1017 10.93 -17.68 -33.06
C ALA A 1017 11.36 -17.82 -31.61
N ASP A 1018 10.41 -17.90 -30.68
CA ASP A 1018 10.77 -18.09 -29.28
C ASP A 1018 11.51 -19.42 -29.07
N PHE A 1019 11.03 -20.49 -29.72
CA PHE A 1019 11.64 -21.79 -29.52
C PHE A 1019 13.09 -21.81 -29.96
N MET A 1020 13.37 -21.38 -31.20
CA MET A 1020 14.77 -21.31 -31.62
C MET A 1020 15.57 -20.28 -30.82
N LEU A 1021 14.93 -19.22 -30.32
CA LEU A 1021 15.67 -18.26 -29.51
C LEU A 1021 16.24 -18.93 -28.26
N MET A 1022 15.37 -19.61 -27.49
CA MET A 1022 15.88 -20.24 -26.27
C MET A 1022 16.71 -21.49 -26.59
N ALA A 1023 16.47 -22.13 -27.73
CA ALA A 1023 17.33 -23.24 -28.14
C ALA A 1023 18.75 -22.77 -28.41
N VAL A 1024 18.89 -21.64 -29.09
CA VAL A 1024 20.21 -21.04 -29.30
C VAL A 1024 20.80 -20.59 -27.97
N ASN A 1025 19.95 -20.07 -27.07
CA ASN A 1025 20.43 -19.61 -25.77
C ASN A 1025 21.05 -20.77 -24.98
N PHE A 1026 20.42 -21.94 -25.01
CA PHE A 1026 20.93 -23.09 -24.27
C PHE A 1026 21.91 -23.94 -25.06
N THR A 1027 22.23 -23.56 -26.30
CA THR A 1027 23.17 -24.34 -27.11
C THR A 1027 24.59 -23.84 -26.86
N PRO A 1028 25.54 -24.73 -26.57
CA PRO A 1028 26.92 -24.31 -26.36
C PRO A 1028 27.54 -23.77 -27.64
N SER A 1029 28.63 -23.01 -27.46
CA SER A 1029 29.30 -22.38 -28.58
C SER A 1029 29.78 -23.42 -29.59
N GLY A 1030 29.57 -23.15 -30.87
CA GLY A 1030 29.92 -24.08 -31.92
C GLY A 1030 28.98 -25.24 -32.09
N GLY A 1031 27.81 -25.20 -31.45
CA GLY A 1031 26.87 -26.30 -31.49
C GLY A 1031 26.01 -26.32 -32.74
N GLN A 1032 25.18 -27.35 -32.82
CA GLN A 1032 24.28 -27.57 -33.95
C GLN A 1032 22.83 -27.41 -33.51
N LEU A 1033 22.01 -26.92 -34.44
CA LEU A 1033 20.57 -26.75 -34.21
C LEU A 1033 19.85 -27.10 -35.51
N THR A 1034 19.20 -28.26 -35.54
CA THR A 1034 18.56 -28.79 -36.73
C THR A 1034 17.04 -28.74 -36.60
N VAL A 1035 16.38 -28.35 -37.68
CA VAL A 1035 14.93 -28.25 -37.75
C VAL A 1035 14.43 -29.27 -38.76
N SER A 1036 13.44 -30.07 -38.36
CA SER A 1036 12.83 -31.05 -39.26
C SER A 1036 11.32 -30.90 -39.20
N ALA A 1037 10.70 -30.69 -40.35
CA ALA A 1037 9.25 -30.53 -40.44
C ALA A 1037 8.67 -31.61 -41.32
N SER A 1038 7.68 -32.33 -40.80
CA SER A 1038 7.00 -33.39 -41.53
C SER A 1038 5.52 -33.06 -41.63
N LEU A 1039 5.00 -33.09 -42.85
CA LEU A 1039 3.59 -32.80 -43.12
C LEU A 1039 2.92 -34.04 -43.71
N ARG A 1040 1.85 -34.48 -43.08
CA ARG A 1040 1.10 -35.65 -43.52
C ARG A 1040 -0.31 -35.22 -43.92
N LYS A 1041 -0.71 -35.61 -45.13
CA LYS A 1041 -2.04 -35.28 -45.63
C LYS A 1041 -2.89 -36.54 -45.81
N LEU A 1050 -7.28 -32.21 -44.13
CA LEU A 1050 -6.56 -32.08 -42.88
C LEU A 1050 -5.08 -32.46 -43.05
N ALA A 1051 -4.20 -31.54 -42.66
CA ALA A 1051 -2.76 -31.75 -42.74
C ALA A 1051 -2.17 -31.69 -41.34
N ASN A 1052 -1.48 -32.75 -40.94
CA ASN A 1052 -0.82 -32.81 -39.65
C ASN A 1052 0.64 -32.43 -39.79
N LEU A 1053 1.09 -31.49 -38.96
CA LEU A 1053 2.45 -30.97 -39.01
C LEU A 1053 3.18 -31.34 -37.72
N GLU A 1054 4.38 -31.89 -37.89
CA GLU A 1054 5.24 -32.27 -36.76
C GLU A 1054 6.59 -31.59 -36.96
N ILE A 1055 7.03 -30.84 -35.95
CA ILE A 1055 8.26 -30.07 -36.01
C ILE A 1055 9.19 -30.56 -34.90
N ARG A 1056 10.42 -30.89 -35.27
CA ARG A 1056 11.45 -31.33 -34.35
C ARG A 1056 12.61 -30.35 -34.39
N LEU A 1057 13.00 -29.88 -33.20
CA LEU A 1057 14.06 -28.88 -33.03
C LEU A 1057 15.13 -29.53 -32.16
N THR A 1058 16.20 -30.03 -32.78
CA THR A 1058 17.24 -30.76 -32.07
C THR A 1058 18.50 -29.92 -31.97
N HIS A 1059 18.92 -29.61 -30.75
CA HIS A 1059 20.10 -28.78 -30.53
C HIS A 1059 21.08 -29.50 -29.62
N THR A 1060 22.36 -29.20 -29.83
CA THR A 1060 23.40 -29.75 -28.98
C THR A 1060 23.36 -29.12 -27.59
N GLY A 1061 23.95 -29.82 -26.64
CA GLY A 1061 24.02 -29.35 -25.26
C GLY A 1061 23.43 -30.34 -24.28
N ALA A 1062 23.63 -30.02 -23.00
CA ALA A 1062 23.13 -30.89 -21.93
C ALA A 1062 21.61 -30.91 -21.89
N GLY A 1063 20.98 -29.73 -21.91
CA GLY A 1063 19.54 -29.66 -21.94
C GLY A 1063 18.94 -28.63 -21.01
N ILE A 1064 17.67 -28.29 -21.26
CA ILE A 1064 16.95 -27.27 -20.43
C ILE A 1064 16.58 -27.94 -19.10
N PRO A 1065 16.85 -27.30 -17.94
CA PRO A 1065 16.58 -27.93 -16.64
C PRO A 1065 15.13 -28.31 -16.47
N GLU A 1066 14.90 -29.36 -15.67
CA GLU A 1066 13.56 -29.91 -15.52
C GLU A 1066 12.58 -28.92 -14.90
N PHE A 1067 13.09 -27.96 -14.11
CA PHE A 1067 12.19 -26.97 -13.51
C PHE A 1067 11.56 -26.10 -14.58
N LEU A 1068 12.30 -25.78 -15.64
CA LEU A 1068 11.71 -25.03 -16.75
C LEU A 1068 10.61 -25.83 -17.44
N LEU A 1069 10.82 -27.14 -17.60
CA LEU A 1069 9.78 -27.98 -18.18
C LEU A 1069 8.54 -28.02 -17.28
N ASN A 1070 8.74 -28.12 -15.97
CA ASN A 1070 7.61 -28.10 -15.04
C ASN A 1070 6.86 -26.78 -15.12
N GLN A 1071 7.60 -25.67 -15.25
CA GLN A 1071 6.95 -24.38 -15.45
C GLN A 1071 6.18 -24.34 -16.77
N MET A 1072 6.73 -24.96 -17.81
CA MET A 1072 6.01 -25.08 -19.08
C MET A 1072 4.69 -25.82 -18.90
N PHE A 1073 4.71 -26.94 -18.16
CA PHE A 1073 3.48 -27.70 -17.95
C PHE A 1073 2.49 -27.02 -17.03
N GLY A 1074 2.89 -25.93 -16.36
CA GLY A 1074 1.97 -25.17 -15.54
C GLY A 1074 1.86 -25.68 -14.12
N THR A 1075 2.99 -25.79 -13.42
CA THR A 1075 3.01 -26.29 -12.05
C THR A 1075 3.80 -25.38 -11.11
N GLU A 1076 3.97 -24.11 -11.46
CA GLU A 1076 4.72 -23.18 -10.63
C GLU A 1076 4.02 -21.82 -10.63
N GLU A 1077 4.37 -20.99 -9.65
CA GLU A 1077 3.73 -19.69 -9.46
C GLU A 1077 4.50 -18.57 -10.15
N ASP A 1078 5.79 -18.41 -9.80
CA ASP A 1078 6.63 -17.37 -10.45
C ASP A 1078 6.73 -17.69 -11.94
N VAL A 1079 7.06 -18.94 -12.30
CA VAL A 1079 7.18 -19.39 -13.72
C VAL A 1079 8.40 -18.72 -14.38
N SER A 1080 8.61 -17.41 -14.19
CA SER A 1080 9.77 -16.65 -14.76
C SER A 1080 9.51 -16.33 -16.24
N GLU A 1081 10.20 -15.31 -16.76
CA GLU A 1081 10.00 -14.93 -18.15
C GLU A 1081 10.05 -16.13 -19.08
N GLU A 1082 11.12 -16.92 -18.98
CA GLU A 1082 11.30 -18.07 -19.87
C GLU A 1082 10.18 -19.08 -19.68
N GLY A 1083 9.85 -19.40 -18.43
CA GLY A 1083 8.80 -20.36 -18.17
C GLY A 1083 7.43 -19.89 -18.65
N LEU A 1084 7.13 -18.60 -18.44
CA LEU A 1084 5.86 -18.06 -18.89
C LEU A 1084 5.75 -18.06 -20.41
N SER A 1085 6.85 -17.72 -21.10
CA SER A 1085 6.85 -17.80 -22.55
C SER A 1085 6.67 -19.25 -23.02
N LEU A 1086 7.32 -20.18 -22.34
CA LEU A 1086 7.15 -21.60 -22.65
C LEU A 1086 5.69 -22.01 -22.50
N MET A 1087 5.05 -21.59 -21.40
CA MET A 1087 3.67 -21.94 -21.14
C MET A 1087 2.74 -21.33 -22.19
N VAL A 1088 3.00 -20.08 -22.57
CA VAL A 1088 2.17 -19.42 -23.58
C VAL A 1088 2.29 -20.14 -24.92
N SER A 1089 3.53 -20.48 -25.31
CA SER A 1089 3.72 -21.20 -26.56
C SER A 1089 3.06 -22.58 -26.52
N ARG A 1090 3.17 -23.27 -25.39
CA ARG A 1090 2.55 -24.59 -25.26
C ARG A 1090 1.02 -24.49 -25.33
N LYS A 1091 0.45 -23.45 -24.71
CA LYS A 1091 -0.99 -23.25 -24.78
C LYS A 1091 -1.43 -22.93 -26.20
N LEU A 1092 -0.66 -22.11 -26.92
CA LEU A 1092 -0.99 -21.82 -28.31
C LEU A 1092 -0.93 -23.07 -29.17
N VAL A 1093 0.05 -23.94 -28.91
CA VAL A 1093 0.11 -25.23 -29.61
C VAL A 1093 -1.10 -26.07 -29.25
N LYS A 1094 -1.51 -26.04 -27.97
CA LYS A 1094 -2.69 -26.79 -27.55
C LYS A 1094 -3.95 -26.27 -28.23
N LEU A 1095 -4.00 -24.98 -28.56
CA LEU A 1095 -5.12 -24.49 -29.36
C LEU A 1095 -5.15 -25.15 -30.73
N MET A 1096 -3.99 -25.52 -31.26
CA MET A 1096 -3.87 -26.37 -32.43
C MET A 1096 -3.97 -27.85 -32.09
N ASN A 1097 -4.53 -28.18 -30.93
CA ASN A 1097 -4.73 -29.56 -30.48
C ASN A 1097 -3.42 -30.34 -30.49
N GLY A 1098 -2.35 -29.71 -30.00
CA GLY A 1098 -1.06 -30.35 -29.92
C GLY A 1098 -0.38 -30.13 -28.57
N ASP A 1099 0.90 -30.45 -28.50
CA ASP A 1099 1.65 -30.26 -27.25
C ASP A 1099 3.13 -30.11 -27.58
N VAL A 1100 3.87 -29.58 -26.62
CA VAL A 1100 5.31 -29.41 -26.72
C VAL A 1100 5.97 -30.45 -25.83
N GLN A 1101 6.88 -31.23 -26.41
CA GLN A 1101 7.56 -32.30 -25.71
C GLN A 1101 9.07 -32.05 -25.72
N TYR A 1102 9.72 -32.36 -24.59
CA TYR A 1102 11.16 -32.18 -24.45
C TYR A 1102 11.80 -33.55 -24.32
N LEU A 1103 12.73 -33.86 -25.22
CA LEU A 1103 13.47 -35.11 -25.21
C LEU A 1103 14.94 -34.84 -24.93
N ARG A 1104 15.52 -35.63 -24.03
CA ARG A 1104 16.91 -35.48 -23.61
C ARG A 1104 17.71 -36.68 -24.04
N GLN A 1105 18.87 -36.44 -24.65
CA GLN A 1105 19.83 -37.47 -25.00
C GLN A 1105 21.23 -36.93 -24.74
N ALA A 1106 22.22 -37.82 -24.83
CA ALA A 1106 23.59 -37.43 -24.51
C ALA A 1106 24.07 -36.36 -25.48
N GLY A 1107 24.14 -35.12 -25.00
CA GLY A 1107 24.53 -34.00 -25.83
C GLY A 1107 23.46 -33.51 -26.79
N LYS A 1108 22.20 -33.94 -26.61
CA LYS A 1108 21.14 -33.55 -27.54
C LYS A 1108 19.87 -33.23 -26.77
N SER A 1109 19.13 -32.24 -27.26
CA SER A 1109 17.84 -31.88 -26.68
C SER A 1109 16.89 -31.52 -27.80
N SER A 1110 15.70 -32.11 -27.77
CA SER A 1110 14.74 -32.00 -28.85
C SER A 1110 13.42 -31.41 -28.35
N PHE A 1111 12.97 -30.34 -29.02
CA PHE A 1111 11.62 -29.83 -28.86
C PHE A 1111 10.73 -30.42 -29.95
N ILE A 1112 9.63 -31.04 -29.54
CA ILE A 1112 8.70 -31.69 -30.47
C ILE A 1112 7.37 -30.95 -30.39
N ILE A 1113 6.89 -30.50 -31.54
CA ILE A 1113 5.63 -29.75 -31.64
C ILE A 1113 4.74 -30.46 -32.65
N THR A 1114 3.47 -30.66 -32.27
CA THR A 1114 2.48 -31.29 -33.14
C THR A 1114 1.31 -30.36 -33.32
N ALA A 1115 0.77 -30.31 -34.54
CA ALA A 1115 -0.37 -29.44 -34.81
C ALA A 1115 -1.12 -29.99 -36.02
N GLU A 1116 -2.33 -29.47 -36.22
CA GLU A 1116 -3.13 -29.79 -37.40
C GLU A 1116 -3.65 -28.50 -38.02
N LEU A 1117 -3.75 -28.51 -39.35
CA LEU A 1117 -4.25 -27.38 -40.11
C LEU A 1117 -5.06 -27.91 -41.28
N ALA A 1118 -5.58 -27.01 -42.10
CA ALA A 1118 -6.33 -27.38 -43.29
C ALA A 1118 -5.43 -27.31 -44.53
N ALA A 1119 -5.73 -28.15 -45.51
CA ALA A 1119 -4.95 -28.22 -46.74
C ALA A 1119 -5.88 -28.43 -47.91
N ALA A 1120 -5.39 -28.06 -49.09
CA ALA A 1120 -6.15 -28.20 -50.33
C ALA A 1120 -5.43 -29.13 -51.30
N HIS B 73 3.24 53.34 18.63
CA HIS B 73 3.15 53.62 17.20
C HIS B 73 2.66 52.38 16.45
N ILE B 74 3.37 51.26 16.59
CA ILE B 74 2.91 49.99 15.96
C ILE B 74 1.73 49.48 16.78
N GLN B 75 1.74 49.77 18.08
CA GLN B 75 0.66 49.30 18.99
C GLN B 75 -0.56 50.21 18.87
N LYS B 76 -0.42 51.46 19.30
CA LYS B 76 -1.57 52.41 19.30
C LYS B 76 -1.47 53.37 18.11
N GLY B 77 -1.85 54.64 18.32
CA GLY B 77 -1.80 55.63 17.23
C GLY B 77 -3.19 55.97 16.73
N LYS B 78 -3.69 57.16 17.05
CA LYS B 78 -5.05 57.54 16.64
C LYS B 78 -5.05 57.94 15.18
N LEU B 79 -4.68 56.99 14.33
CA LEU B 79 -4.66 57.19 12.89
C LEU B 79 -5.05 55.89 12.22
N ILE B 80 -5.96 55.97 11.24
CA ILE B 80 -6.44 54.80 10.51
C ILE B 80 -6.44 55.10 9.03
N GLN B 81 -6.43 54.04 8.22
CA GLN B 81 -6.52 54.19 6.79
C GLN B 81 -7.89 54.71 6.39
N PRO B 82 -7.99 55.51 5.33
CA PRO B 82 -9.24 56.20 5.01
C PRO B 82 -10.22 55.45 4.11
N PHE B 83 -10.02 54.15 3.86
CA PHE B 83 -10.94 53.42 3.01
C PHE B 83 -12.09 52.80 3.80
N GLY B 84 -12.18 53.05 5.10
CA GLY B 84 -13.27 52.59 5.91
C GLY B 84 -13.42 53.46 7.13
N CYS B 85 -14.47 53.20 7.91
CA CYS B 85 -14.73 53.94 9.13
C CYS B 85 -14.69 53.01 10.33
N LEU B 86 -14.53 53.60 11.51
CA LEU B 86 -14.39 52.85 12.76
C LEU B 86 -15.33 53.42 13.81
N LEU B 87 -15.85 52.54 14.66
CA LEU B 87 -16.73 52.95 15.76
C LEU B 87 -16.47 52.05 16.96
N ALA B 88 -16.02 52.64 18.06
CA ALA B 88 -15.75 51.90 19.29
C ALA B 88 -16.81 52.26 20.32
N LEU B 89 -17.53 51.22 20.75
CA LEU B 89 -18.62 51.44 21.74
C LEU B 89 -18.31 50.69 23.03
N ASP B 90 -19.04 51.00 24.08
CA ASP B 90 -18.86 50.39 25.39
C ASP B 90 -19.48 48.99 25.41
N GLU B 91 -19.16 48.24 26.47
CA GLU B 91 -19.63 46.87 26.57
C GLU B 91 -21.12 46.79 26.92
N LYS B 92 -21.62 47.69 27.76
CA LYS B 92 -22.96 47.58 28.31
C LYS B 92 -23.95 48.60 27.75
N THR B 93 -23.56 49.88 27.66
CA THR B 93 -24.51 50.90 27.24
C THR B 93 -24.80 50.88 25.73
N PHE B 94 -23.95 50.22 24.94
CA PHE B 94 -24.12 50.13 23.49
C PHE B 94 -24.20 51.53 22.86
N LYS B 95 -23.44 52.47 23.40
CA LYS B 95 -23.39 53.84 22.92
C LYS B 95 -22.01 54.12 22.35
N VAL B 96 -21.96 54.91 21.27
CA VAL B 96 -20.68 55.21 20.63
C VAL B 96 -19.87 56.13 21.54
N ILE B 97 -18.59 55.80 21.70
CA ILE B 97 -17.67 56.68 22.42
C ILE B 97 -16.42 57.03 21.63
N ALA B 98 -16.05 56.25 20.61
CA ALA B 98 -14.98 56.65 19.72
C ALA B 98 -15.47 56.54 18.28
N TYR B 99 -15.28 57.59 17.50
CA TYR B 99 -15.71 57.59 16.10
C TYR B 99 -14.62 58.20 15.23
N SER B 100 -14.44 57.64 14.05
CA SER B 100 -13.45 58.16 13.12
C SER B 100 -13.90 59.50 12.55
N GLU B 101 -12.92 60.26 12.05
CA GLU B 101 -13.21 61.60 11.53
C GLU B 101 -14.08 61.53 10.27
N ASN B 102 -13.85 60.53 9.43
CA ASN B 102 -14.57 60.40 8.17
C ASN B 102 -15.84 59.56 8.29
N ALA B 103 -16.24 59.19 9.51
CA ALA B 103 -17.42 58.34 9.69
C ALA B 103 -18.68 59.04 9.20
N SER B 104 -18.81 60.35 9.48
CA SER B 104 -20.02 61.06 9.10
C SER B 104 -20.22 61.08 7.59
N GLU B 105 -19.15 61.33 6.84
CA GLU B 105 -19.25 61.33 5.38
C GLU B 105 -19.61 59.94 4.87
N LEU B 106 -18.97 58.91 5.41
CA LEU B 106 -19.17 57.55 4.90
C LEU B 106 -20.57 57.02 5.21
N LEU B 107 -21.09 57.29 6.41
CA LEU B 107 -22.30 56.64 6.88
C LEU B 107 -23.56 57.49 6.73
N THR B 108 -23.60 58.66 7.37
CA THR B 108 -24.85 59.40 7.47
C THR B 108 -25.03 60.44 6.39
N MET B 109 -24.05 60.66 5.51
CA MET B 109 -24.17 61.69 4.49
C MET B 109 -25.06 61.18 3.36
N ALA B 110 -26.20 61.82 3.16
CA ALA B 110 -27.15 61.43 2.12
C ALA B 110 -26.64 61.84 0.75
N HIS B 120 -30.90 64.36 10.98
CA HIS B 120 -30.08 63.16 11.20
C HIS B 120 -29.17 63.33 12.41
N PRO B 121 -29.05 62.28 13.22
CA PRO B 121 -28.18 62.34 14.40
C PRO B 121 -26.72 62.56 14.00
N VAL B 122 -26.00 63.30 14.83
CA VAL B 122 -24.59 63.58 14.58
C VAL B 122 -23.75 62.54 15.32
N LEU B 123 -22.72 62.02 14.65
CA LEU B 123 -21.85 60.99 15.22
C LEU B 123 -20.97 61.64 16.28
N GLY B 124 -21.53 61.82 17.48
CA GLY B 124 -20.81 62.33 18.61
C GLY B 124 -20.92 61.38 19.79
N ILE B 125 -20.10 61.64 20.81
CA ILE B 125 -20.08 60.78 21.99
C ILE B 125 -21.46 60.80 22.64
N GLY B 126 -21.99 59.61 22.91
CA GLY B 126 -23.33 59.45 23.45
C GLY B 126 -24.39 59.07 22.45
N THR B 127 -24.03 58.89 21.18
CA THR B 127 -24.97 58.49 20.14
C THR B 127 -25.09 56.96 20.12
N ASP B 128 -26.26 56.48 19.72
CA ASP B 128 -26.52 55.05 19.64
C ASP B 128 -26.14 54.51 18.27
N ILE B 129 -26.01 53.18 18.19
CA ILE B 129 -25.72 52.52 16.93
C ILE B 129 -26.99 52.20 16.16
N ARG B 130 -28.13 52.15 16.86
CA ARG B 130 -29.39 51.73 16.23
C ARG B 130 -29.98 52.79 15.31
N SER B 131 -29.74 54.07 15.60
CA SER B 131 -30.45 55.14 14.91
C SER B 131 -30.06 55.21 13.43
N LEU B 132 -28.79 55.04 13.12
CA LEU B 132 -28.30 55.27 11.77
C LEU B 132 -28.36 54.02 10.87
N PHE B 133 -29.02 52.96 11.33
CA PHE B 133 -29.16 51.75 10.55
C PHE B 133 -30.61 51.33 10.48
N THR B 134 -30.95 50.59 9.42
CA THR B 134 -32.31 50.13 9.22
C THR B 134 -32.67 49.07 10.26
N ALA B 135 -33.97 48.77 10.35
CA ALA B 135 -34.45 47.82 11.35
C ALA B 135 -33.84 46.43 11.20
N PRO B 136 -33.83 45.80 10.01
CA PRO B 136 -33.15 44.50 9.91
C PRO B 136 -31.65 44.57 10.21
N SER B 137 -30.98 45.63 9.73
CA SER B 137 -29.56 45.79 10.03
C SER B 137 -29.33 46.00 11.51
N ALA B 138 -30.18 46.82 12.15
CA ALA B 138 -30.04 47.03 13.59
C ALA B 138 -30.26 45.74 14.37
N SER B 139 -31.27 44.95 13.97
CA SER B 139 -31.52 43.68 14.65
C SER B 139 -30.34 42.72 14.47
N ALA B 140 -29.79 42.65 13.27
CA ALA B 140 -28.65 41.79 13.03
C ALA B 140 -27.44 42.22 13.86
N LEU B 141 -27.18 43.53 13.91
CA LEU B 141 -26.06 44.03 14.71
C LEU B 141 -26.27 43.75 16.19
N GLN B 142 -27.51 43.93 16.68
CA GLN B 142 -27.79 43.63 18.08
C GLN B 142 -27.58 42.16 18.39
N LYS B 143 -28.06 41.27 17.52
CA LYS B 143 -27.86 39.84 17.73
C LYS B 143 -26.38 39.48 17.71
N ALA B 144 -25.62 40.08 16.79
CA ALA B 144 -24.19 39.80 16.71
C ALA B 144 -23.47 40.29 17.96
N LEU B 145 -23.84 41.47 18.47
CA LEU B 145 -23.23 41.96 19.69
C LEU B 145 -23.57 41.07 20.88
N GLY B 146 -24.81 40.57 20.93
CA GLY B 146 -25.18 39.64 21.97
C GLY B 146 -24.53 38.27 21.85
N PHE B 147 -23.98 37.96 20.69
CA PHE B 147 -23.34 36.67 20.48
C PHE B 147 -22.06 36.54 21.30
N GLY B 148 -21.73 35.32 21.67
CA GLY B 148 -20.54 35.06 22.45
C GLY B 148 -19.25 35.15 21.66
N ASP B 149 -19.08 34.28 20.68
CA ASP B 149 -17.89 34.25 19.83
C ASP B 149 -18.22 34.97 18.53
N VAL B 150 -17.96 36.27 18.50
CA VAL B 150 -18.28 37.09 17.33
C VAL B 150 -17.35 36.82 16.16
N SER B 151 -16.28 36.05 16.36
CA SER B 151 -15.32 35.79 15.29
C SER B 151 -15.87 34.92 14.18
N LEU B 152 -17.03 34.30 14.38
CA LEU B 152 -17.61 33.41 13.37
C LEU B 152 -18.42 34.18 12.33
N LEU B 153 -19.41 34.95 12.79
CA LEU B 153 -20.25 35.73 11.89
C LEU B 153 -19.75 37.17 11.80
N ASN B 154 -18.53 37.31 11.29
CA ASN B 154 -17.87 38.61 11.21
C ASN B 154 -18.43 39.47 10.07
N PRO B 155 -18.42 39.02 8.80
CA PRO B 155 -18.85 39.91 7.71
C PRO B 155 -20.35 40.14 7.72
N ILE B 156 -20.83 40.98 8.62
CA ILE B 156 -22.26 41.26 8.74
C ILE B 156 -22.66 42.35 7.76
N LEU B 157 -23.18 41.95 6.60
CA LEU B 157 -23.61 42.92 5.60
C LEU B 157 -24.80 43.72 6.13
N VAL B 158 -24.58 45.02 6.39
CA VAL B 158 -25.62 45.90 6.89
C VAL B 158 -25.95 46.92 5.80
N HIS B 159 -27.02 47.67 6.03
CA HIS B 159 -27.50 48.68 5.10
C HIS B 159 -27.65 50.01 5.82
N CYS B 160 -27.26 51.09 5.13
CA CYS B 160 -27.38 52.41 5.72
C CYS B 160 -28.84 52.82 5.85
N ARG B 161 -29.12 53.70 6.83
CA ARG B 161 -30.47 54.20 7.00
C ARG B 161 -30.92 55.00 5.79
N THR B 162 -29.99 55.62 5.08
CA THR B 162 -30.28 56.33 3.85
C THR B 162 -30.38 55.31 2.71
N SER B 163 -30.41 55.79 1.47
CA SER B 163 -30.59 54.92 0.31
C SER B 163 -29.46 53.91 0.17
N ALA B 164 -29.78 52.63 0.40
CA ALA B 164 -28.85 51.51 0.23
C ALA B 164 -27.54 51.71 0.99
N LYS B 165 -26.45 51.90 0.25
CA LYS B 165 -25.10 52.04 0.80
C LYS B 165 -24.75 50.89 1.73
N PRO B 166 -24.55 49.68 1.20
CA PRO B 166 -24.19 48.54 2.05
C PRO B 166 -22.80 48.70 2.65
N PHE B 167 -22.60 48.06 3.80
CA PHE B 167 -21.33 48.12 4.51
C PHE B 167 -21.03 46.80 5.18
N TYR B 168 -19.81 46.30 4.99
CA TYR B 168 -19.31 45.23 5.84
C TYR B 168 -18.96 45.78 7.21
N ALA B 169 -19.23 44.98 8.24
CA ALA B 169 -19.33 45.44 9.63
C ALA B 169 -18.47 44.58 10.55
N ILE B 170 -17.19 44.42 10.20
CA ILE B 170 -16.31 43.54 10.96
C ILE B 170 -16.25 43.99 12.41
N ILE B 171 -16.20 43.02 13.33
CA ILE B 171 -16.37 43.28 14.76
C ILE B 171 -15.22 42.65 15.54
N HIS B 172 -14.65 43.40 16.49
CA HIS B 172 -13.64 42.90 17.40
C HIS B 172 -13.99 43.33 18.82
N ARG B 173 -13.51 42.56 19.80
CA ARG B 173 -13.72 42.84 21.22
C ARG B 173 -12.36 43.07 21.88
N VAL B 174 -12.27 44.12 22.70
CA VAL B 174 -11.11 44.36 23.54
C VAL B 174 -11.61 44.67 24.94
N THR B 175 -10.69 44.65 25.90
CA THR B 175 -11.06 44.88 27.30
C THR B 175 -11.74 46.23 27.45
N GLY B 176 -13.04 46.21 27.73
CA GLY B 176 -13.81 47.42 27.93
C GLY B 176 -14.34 48.08 26.68
N SER B 177 -14.17 47.48 25.51
CA SER B 177 -14.64 48.14 24.29
C SER B 177 -14.96 47.11 23.21
N ILE B 178 -15.85 47.53 22.30
CA ILE B 178 -16.20 46.74 21.12
C ILE B 178 -15.99 47.64 19.91
N ILE B 179 -15.10 47.23 19.01
CA ILE B 179 -14.73 48.04 17.85
C ILE B 179 -15.33 47.42 16.60
N ILE B 180 -16.07 48.23 15.85
CA ILE B 180 -16.68 47.80 14.59
C ILE B 180 -16.07 48.62 13.46
N ASP B 181 -15.52 47.93 12.46
CA ASP B 181 -14.97 48.55 11.27
C ASP B 181 -15.95 48.35 10.12
N PHE B 182 -16.34 49.46 9.50
CA PHE B 182 -17.28 49.47 8.40
C PHE B 182 -16.54 49.76 7.10
N GLU B 183 -16.74 48.91 6.11
CA GLU B 183 -16.14 49.05 4.80
C GLU B 183 -17.20 49.11 3.72
N PRO B 184 -17.08 50.01 2.75
CA PRO B 184 -18.06 50.06 1.66
C PRO B 184 -18.05 48.78 0.85
N VAL B 185 -19.23 48.38 0.39
CA VAL B 185 -19.41 47.15 -0.38
C VAL B 185 -19.53 47.53 -1.84
N LYS B 186 -18.58 47.10 -2.65
CA LYS B 186 -18.62 47.37 -4.08
C LYS B 186 -19.59 46.40 -4.75
N PRO B 187 -20.63 46.90 -5.43
CA PRO B 187 -21.65 45.99 -5.99
C PRO B 187 -21.12 45.03 -7.04
N TYR B 188 -20.09 45.40 -7.80
CA TYR B 188 -19.63 44.57 -8.91
C TYR B 188 -18.89 43.31 -8.46
N GLU B 189 -18.50 43.22 -7.19
CA GLU B 189 -17.72 42.09 -6.71
C GLU B 189 -18.42 41.44 -5.53
N VAL B 190 -18.72 40.15 -5.67
CA VAL B 190 -19.32 39.28 -4.66
C VAL B 190 -20.30 40.00 -3.74
N PRO B 191 -21.39 40.58 -4.26
CA PRO B 191 -22.37 41.24 -3.39
C PRO B 191 -23.21 40.20 -2.65
N MET B 192 -23.13 40.22 -1.32
CA MET B 192 -23.85 39.31 -0.44
C MET B 192 -23.48 37.84 -0.67
N THR B 193 -22.44 37.59 -1.46
CA THR B 193 -22.02 36.21 -1.72
C THR B 193 -21.55 35.53 -0.45
N ALA B 194 -20.79 36.23 0.39
CA ALA B 194 -20.30 35.69 1.65
C ALA B 194 -20.75 36.60 2.78
N ALA B 195 -21.37 36.00 3.81
CA ALA B 195 -21.82 36.75 4.98
C ALA B 195 -21.51 35.98 6.26
N GLY B 196 -20.47 35.16 6.25
CA GLY B 196 -20.11 34.39 7.42
C GLY B 196 -18.77 33.72 7.21
N ALA B 197 -18.35 32.96 8.22
CA ALA B 197 -17.06 32.28 8.16
C ALA B 197 -17.07 31.18 7.09
N LEU B 198 -18.14 30.40 7.02
CA LEU B 198 -18.17 29.27 6.10
C LEU B 198 -18.26 29.73 4.64
N GLN B 199 -19.12 30.71 4.37
CA GLN B 199 -19.22 31.23 3.00
C GLN B 199 -17.92 31.90 2.57
N SER B 200 -17.26 32.61 3.48
CA SER B 200 -15.95 33.18 3.18
C SER B 200 -14.92 32.09 2.89
N TYR B 201 -14.91 31.03 3.70
CA TYR B 201 -14.01 29.91 3.47
C TYR B 201 -14.28 29.19 2.16
N LYS B 202 -15.51 29.24 1.66
CA LYS B 202 -15.84 28.57 0.41
C LYS B 202 -15.07 29.12 -0.79
N LEU B 203 -14.54 30.34 -0.70
CA LEU B 203 -13.88 30.96 -1.85
C LEU B 203 -12.53 30.37 -2.18
N ALA B 204 -11.96 29.52 -1.31
CA ALA B 204 -10.64 28.96 -1.52
C ALA B 204 -10.68 27.45 -1.76
N ALA B 205 -11.82 26.93 -2.22
CA ALA B 205 -11.98 25.48 -2.35
C ALA B 205 -11.03 24.92 -3.39
N LYS B 206 -10.88 25.59 -4.54
CA LYS B 206 -10.00 25.08 -5.59
C LYS B 206 -8.54 25.04 -5.13
N ALA B 207 -8.09 26.12 -4.48
CA ALA B 207 -6.73 26.14 -3.97
C ALA B 207 -6.51 25.05 -2.93
N ILE B 208 -7.49 24.87 -2.04
CA ILE B 208 -7.35 23.86 -0.98
C ILE B 208 -7.27 22.47 -1.59
N THR B 209 -8.15 22.16 -2.55
CA THR B 209 -8.17 20.82 -3.10
C THR B 209 -6.94 20.55 -3.95
N ARG B 210 -6.42 21.56 -4.66
CA ARG B 210 -5.18 21.32 -5.40
C ARG B 210 -3.98 21.18 -4.48
N LEU B 211 -3.95 21.92 -3.37
CA LEU B 211 -2.90 21.73 -2.38
C LEU B 211 -2.95 20.33 -1.79
N GLN B 212 -4.16 19.83 -1.52
CA GLN B 212 -4.30 18.49 -0.97
C GLN B 212 -3.96 17.41 -1.99
N SER B 213 -4.23 17.65 -3.27
CA SER B 213 -4.01 16.65 -4.30
C SER B 213 -2.54 16.43 -4.63
N LEU B 214 -1.64 17.27 -4.13
CA LEU B 214 -0.23 17.13 -4.44
C LEU B 214 0.35 15.88 -3.80
N PRO B 215 1.33 15.25 -4.44
CA PRO B 215 2.05 14.15 -3.79
C PRO B 215 2.97 14.68 -2.69
N SER B 216 3.30 13.78 -1.77
CA SER B 216 4.09 14.15 -0.60
C SER B 216 5.57 13.99 -0.87
N GLY B 217 6.38 14.60 -0.01
CA GLY B 217 7.82 14.45 -0.04
C GLY B 217 8.61 15.57 -0.67
N SER B 218 7.97 16.66 -1.07
CA SER B 218 8.66 17.78 -1.72
C SER B 218 8.19 19.09 -1.09
N MET B 219 9.08 19.73 -0.34
CA MET B 219 8.75 21.01 0.29
C MET B 219 8.73 22.16 -0.71
N GLU B 220 9.71 22.18 -1.62
CA GLU B 220 9.78 23.28 -2.60
C GLU B 220 8.57 23.27 -3.53
N ARG B 221 8.11 22.08 -3.92
CA ARG B 221 6.89 21.98 -4.71
C ARG B 221 5.70 22.55 -3.95
N LEU B 222 5.60 22.24 -2.65
CA LEU B 222 4.52 22.76 -1.83
C LEU B 222 4.56 24.29 -1.78
N CYS B 223 5.75 24.85 -1.56
CA CYS B 223 5.88 26.31 -1.50
C CYS B 223 5.52 26.96 -2.82
N ASP B 224 5.98 26.38 -3.94
CA ASP B 224 5.68 26.93 -5.25
C ASP B 224 4.18 26.90 -5.52
N THR B 225 3.53 25.78 -5.21
CA THR B 225 2.08 25.70 -5.42
C THR B 225 1.35 26.71 -4.54
N MET B 226 1.79 26.86 -3.29
CA MET B 226 1.12 27.78 -2.37
C MET B 226 1.22 29.22 -2.88
N VAL B 227 2.42 29.63 -3.28
CA VAL B 227 2.59 31.01 -3.75
C VAL B 227 1.84 31.21 -5.07
N GLN B 228 1.83 30.20 -5.93
CA GLN B 228 1.13 30.34 -7.20
C GLN B 228 -0.38 30.51 -6.99
N GLU B 229 -0.96 29.72 -6.08
CA GLU B 229 -2.38 29.88 -5.79
C GLU B 229 -2.68 31.21 -5.11
N VAL B 230 -1.81 31.66 -4.21
CA VAL B 230 -2.03 32.98 -3.61
C VAL B 230 -2.02 34.06 -4.68
N PHE B 231 -1.06 33.98 -5.60
CA PHE B 231 -0.98 34.97 -6.69
C PHE B 231 -2.22 34.93 -7.56
N GLU B 232 -2.68 33.72 -7.92
CA GLU B 232 -3.86 33.62 -8.78
C GLU B 232 -5.11 34.12 -8.08
N LEU B 233 -5.28 33.76 -6.80
CA LEU B 233 -6.53 34.07 -6.10
C LEU B 233 -6.62 35.55 -5.74
N THR B 234 -5.52 36.13 -5.25
CA THR B 234 -5.59 37.51 -4.79
C THR B 234 -5.70 38.50 -5.94
N GLY B 235 -5.04 38.22 -7.06
CA GLY B 235 -4.98 39.16 -8.16
C GLY B 235 -3.88 40.19 -8.04
N TYR B 236 -2.92 39.97 -7.15
CA TYR B 236 -1.78 40.85 -6.97
C TYR B 236 -0.69 40.47 -7.97
N ASP B 237 0.50 41.03 -7.78
CA ASP B 237 1.69 40.63 -8.53
C ASP B 237 2.87 40.53 -7.58
N ARG B 238 3.84 39.70 -7.94
CA ARG B 238 5.06 39.51 -7.17
C ARG B 238 4.74 39.07 -5.74
N VAL B 239 4.10 37.90 -5.66
CA VAL B 239 3.86 37.27 -4.34
C VAL B 239 5.12 36.49 -4.02
N MET B 240 5.44 36.27 -2.75
CA MET B 240 6.69 35.64 -2.38
C MET B 240 6.56 34.98 -1.01
N ALA B 241 7.17 33.80 -0.88
CA ALA B 241 7.27 33.12 0.40
C ALA B 241 8.58 33.52 1.08
N TYR B 242 8.48 33.94 2.33
CA TYR B 242 9.62 34.52 3.05
C TYR B 242 9.78 33.71 4.34
N LYS B 243 10.78 32.85 4.37
CA LYS B 243 10.97 31.88 5.45
C LYS B 243 11.95 32.42 6.49
N PHE B 244 11.63 32.19 7.76
CA PHE B 244 12.51 32.60 8.86
C PHE B 244 13.45 31.47 9.22
N HIS B 245 14.73 31.79 9.36
CA HIS B 245 15.73 30.81 9.76
C HIS B 245 15.88 30.81 11.29
N GLU B 246 16.82 30.00 11.78
CA GLU B 246 17.01 29.86 13.22
C GLU B 246 17.55 31.14 13.84
N ASP B 247 18.30 31.94 13.09
CA ASP B 247 18.83 33.19 13.57
C ASP B 247 17.92 34.38 13.28
N ASP B 248 16.69 34.11 12.84
CA ASP B 248 15.63 35.07 12.53
C ASP B 248 15.89 35.86 11.25
N HIS B 249 17.03 35.68 10.59
CA HIS B 249 17.22 36.30 9.30
C HIS B 249 16.38 35.59 8.24
N GLY B 250 15.70 36.36 7.40
CA GLY B 250 14.74 35.84 6.47
C GLY B 250 15.32 35.59 5.09
N GLU B 251 14.78 34.57 4.42
CA GLU B 251 15.22 34.20 3.09
C GLU B 251 14.00 33.97 2.20
N VAL B 252 14.04 34.52 0.99
CA VAL B 252 12.98 34.27 0.02
C VAL B 252 13.12 32.86 -0.53
N VAL B 253 12.02 32.12 -0.57
CA VAL B 253 12.04 30.75 -1.04
C VAL B 253 11.39 30.59 -2.41
N SER B 254 10.29 31.28 -2.69
CA SER B 254 9.64 31.19 -3.98
C SER B 254 9.14 32.57 -4.38
N GLU B 255 8.65 32.67 -5.61
CA GLU B 255 8.17 33.93 -6.16
C GLU B 255 7.46 33.65 -7.48
N VAL B 256 6.48 34.51 -7.78
CA VAL B 256 5.74 34.46 -9.05
C VAL B 256 5.36 35.89 -9.41
N THR B 257 5.71 36.32 -10.62
CA THR B 257 5.41 37.66 -11.09
C THR B 257 4.93 37.60 -12.53
N LYS B 258 3.95 38.43 -12.88
CA LYS B 258 3.41 38.39 -14.24
C LYS B 258 4.31 39.08 -15.26
N PRO B 259 4.82 40.32 -15.05
CA PRO B 259 5.68 40.92 -16.08
C PRO B 259 7.13 40.50 -15.92
N GLY B 260 8.01 41.07 -16.74
CA GLY B 260 9.43 40.77 -16.63
C GLY B 260 10.19 41.72 -15.73
N LEU B 261 9.69 41.95 -14.52
CA LEU B 261 10.42 42.74 -13.54
C LEU B 261 11.51 41.88 -12.90
N GLU B 262 12.16 42.44 -11.88
CA GLU B 262 13.35 41.81 -11.32
C GLU B 262 12.97 40.67 -10.37
N PRO B 263 13.56 39.46 -10.47
CA PRO B 263 13.18 38.35 -9.60
C PRO B 263 13.83 38.43 -8.22
N TYR B 264 13.02 38.55 -7.16
CA TYR B 264 13.58 38.50 -5.78
C TYR B 264 13.46 37.05 -5.35
N LEU B 265 14.51 36.25 -5.53
CA LEU B 265 14.51 34.82 -5.24
C LEU B 265 15.90 34.43 -4.78
N GLY B 266 15.98 33.81 -3.60
CA GLY B 266 17.24 33.39 -3.04
C GLY B 266 17.98 34.45 -2.25
N LEU B 267 17.56 35.70 -2.34
CA LEU B 267 18.21 36.77 -1.59
C LEU B 267 17.92 36.63 -0.10
N HIS B 268 18.93 36.89 0.72
CA HIS B 268 18.78 36.88 2.16
C HIS B 268 18.70 38.30 2.69
N TYR B 269 17.93 38.48 3.77
CA TYR B 269 17.72 39.78 4.36
C TYR B 269 18.03 39.72 5.85
N PRO B 270 18.48 40.84 6.43
CA PRO B 270 18.84 40.83 7.85
C PRO B 270 17.64 40.57 8.74
N ALA B 271 17.91 40.02 9.92
CA ALA B 271 16.88 39.76 10.91
C ALA B 271 16.31 41.04 11.51
N THR B 272 16.93 42.19 11.28
CA THR B 272 16.45 43.46 11.79
C THR B 272 15.50 44.16 10.84
N ASP B 273 15.26 43.60 9.65
CA ASP B 273 14.28 44.18 8.74
C ASP B 273 12.87 44.13 9.33
N ILE B 274 12.52 43.01 9.95
CA ILE B 274 11.23 42.82 10.59
C ILE B 274 11.46 42.86 12.10
N PRO B 275 11.08 43.92 12.80
CA PRO B 275 11.34 43.99 14.24
C PRO B 275 10.62 42.89 15.01
N GLN B 276 11.09 42.66 16.23
CA GLN B 276 10.47 41.67 17.10
C GLN B 276 9.03 42.04 17.44
N ALA B 277 8.72 43.34 17.47
CA ALA B 277 7.37 43.78 17.78
C ALA B 277 6.38 43.28 16.74
N ALA B 278 6.68 43.50 15.46
CA ALA B 278 5.80 43.01 14.40
C ALA B 278 5.73 41.49 14.38
N ARG B 279 6.88 40.83 14.60
CA ARG B 279 6.91 39.37 14.58
C ARG B 279 6.02 38.80 15.68
N PHE B 280 6.02 39.42 16.87
CA PHE B 280 5.13 38.99 17.93
C PHE B 280 3.68 39.39 17.65
N LEU B 281 3.48 40.53 16.98
CA LEU B 281 2.13 40.98 16.67
C LEU B 281 1.48 40.12 15.60
N PHE B 282 2.26 39.39 14.81
CA PHE B 282 1.70 38.49 13.80
C PHE B 282 1.23 37.16 14.38
N MET B 283 1.45 36.93 15.68
CA MET B 283 0.84 35.78 16.32
C MET B 283 -0.68 35.88 16.25
N LYS B 284 -1.22 37.06 16.54
CA LYS B 284 -2.59 37.43 16.26
C LYS B 284 -2.61 38.26 14.98
N ASN B 285 -3.82 38.65 14.54
CA ASN B 285 -3.98 39.45 13.33
C ASN B 285 -3.21 38.85 12.17
N LYS B 286 -3.61 37.64 11.79
CA LYS B 286 -2.83 36.85 10.84
C LYS B 286 -2.82 37.42 9.43
N VAL B 287 -3.65 38.42 9.14
CA VAL B 287 -3.68 39.06 7.83
C VAL B 287 -3.60 40.56 8.03
N ARG B 288 -2.66 41.21 7.34
CA ARG B 288 -2.49 42.65 7.40
C ARG B 288 -2.56 43.22 5.98
N MET B 289 -3.25 44.35 5.83
CA MET B 289 -3.49 44.93 4.52
C MET B 289 -3.20 46.43 4.54
N ILE B 290 -2.49 46.88 3.51
CA ILE B 290 -2.25 48.30 3.27
C ILE B 290 -2.64 48.60 1.83
N VAL B 291 -3.49 49.59 1.63
CA VAL B 291 -4.02 49.89 0.30
C VAL B 291 -3.19 50.98 -0.39
N ASP B 292 -2.93 52.09 0.29
CA ASP B 292 -2.21 53.20 -0.29
C ASP B 292 -1.16 53.72 0.68
N CYS B 293 0.03 54.01 0.17
CA CYS B 293 1.10 54.53 1.02
C CYS B 293 0.90 56.01 1.35
N ASN B 294 0.39 56.79 0.40
CA ASN B 294 0.30 58.24 0.55
C ASN B 294 -1.12 58.70 0.91
N ALA B 295 -2.01 57.78 1.25
CA ALA B 295 -3.35 58.17 1.66
C ALA B 295 -3.31 58.94 2.98
N LYS B 296 -4.12 59.99 3.06
CA LYS B 296 -4.14 60.84 4.25
C LYS B 296 -4.91 60.12 5.35
N HIS B 297 -4.24 59.83 6.45
CA HIS B 297 -4.86 59.12 7.56
C HIS B 297 -5.84 60.02 8.30
N ALA B 298 -6.90 59.41 8.82
CA ALA B 298 -7.94 60.11 9.55
C ALA B 298 -7.76 59.87 11.05
N ARG B 299 -7.93 60.92 11.84
CA ARG B 299 -7.73 60.83 13.28
C ARG B 299 -8.94 60.20 13.96
N VAL B 300 -8.69 59.53 15.08
CA VAL B 300 -9.72 58.95 15.92
C VAL B 300 -9.64 59.62 17.28
N LEU B 301 -10.75 60.26 17.66
CA LEU B 301 -10.79 61.04 18.91
C LEU B 301 -11.60 60.30 19.98
N GLN B 302 -11.03 60.17 21.18
CA GLN B 302 -11.69 59.50 22.28
C GLN B 302 -12.54 60.49 23.07
N ASP B 303 -13.02 60.08 24.24
CA ASP B 303 -13.75 60.93 25.15
C ASP B 303 -12.86 61.38 26.30
N GLU B 304 -13.15 62.57 26.82
CA GLU B 304 -12.37 63.12 27.93
C GLU B 304 -12.73 62.51 29.28
N LYS B 305 -13.76 61.66 29.32
CA LYS B 305 -14.15 60.99 30.55
C LYS B 305 -13.24 59.79 30.78
N LEU B 306 -13.63 58.89 31.69
CA LEU B 306 -12.83 57.73 32.03
C LEU B 306 -12.74 56.78 30.83
N SER B 307 -12.04 55.66 31.05
CA SER B 307 -11.76 54.66 30.01
C SER B 307 -10.91 55.27 28.89
N PHE B 308 -9.80 55.88 29.28
CA PHE B 308 -8.85 56.42 28.31
C PHE B 308 -8.17 55.32 27.50
N ASP B 309 -8.15 54.09 28.01
CA ASP B 309 -7.48 53.01 27.31
C ASP B 309 -8.33 52.54 26.13
N LEU B 310 -7.78 52.69 24.93
CA LEU B 310 -8.47 52.27 23.71
C LEU B 310 -7.41 51.95 22.67
N THR B 311 -7.14 50.67 22.46
CA THR B 311 -6.08 50.22 21.57
C THR B 311 -6.66 49.81 20.22
N LEU B 312 -5.94 50.12 19.15
CA LEU B 312 -6.37 49.85 17.79
C LEU B 312 -5.53 48.78 17.10
N CYS B 313 -4.88 47.91 17.88
CA CYS B 313 -4.05 46.87 17.27
C CYS B 313 -4.89 45.88 16.47
N GLY B 314 -6.05 45.49 17.00
CA GLY B 314 -6.86 44.47 16.37
C GLY B 314 -7.66 44.91 15.17
N SER B 315 -7.81 46.21 14.98
CA SER B 315 -8.63 46.72 13.88
C SER B 315 -8.00 46.43 12.53
N THR B 316 -8.84 46.23 11.52
CA THR B 316 -8.37 46.07 10.15
C THR B 316 -8.03 47.40 9.49
N LEU B 317 -8.32 48.52 10.16
CA LEU B 317 -7.96 49.86 9.69
C LEU B 317 -6.96 50.42 10.68
N ARG B 318 -5.68 50.12 10.47
CA ARG B 318 -4.62 50.61 11.32
C ARG B 318 -3.56 51.28 10.45
N ALA B 319 -3.12 52.46 10.86
CA ALA B 319 -2.11 53.18 10.11
C ALA B 319 -0.75 52.50 10.25
N PRO B 320 -0.10 52.13 9.16
CA PRO B 320 1.23 51.52 9.28
C PRO B 320 2.25 52.53 9.79
N HIS B 321 3.28 52.00 10.45
CA HIS B 321 4.33 52.85 11.00
C HIS B 321 5.07 53.58 9.89
N SER B 322 5.53 54.79 10.20
CA SER B 322 6.16 55.64 9.19
C SER B 322 7.44 55.02 8.66
N CYS B 323 8.18 54.27 9.50
CA CYS B 323 9.39 53.62 9.03
C CYS B 323 9.09 52.58 7.97
N HIS B 324 8.11 51.70 8.23
CA HIS B 324 7.72 50.73 7.22
C HIS B 324 7.09 51.41 6.01
N LEU B 325 6.41 52.53 6.21
CA LEU B 325 5.88 53.29 5.08
C LEU B 325 7.01 53.76 4.17
N GLN B 326 8.08 54.30 4.76
CA GLN B 326 9.23 54.72 3.98
C GLN B 326 9.91 53.53 3.31
N TYR B 327 10.02 52.41 4.01
CA TYR B 327 10.62 51.22 3.41
C TYR B 327 9.84 50.76 2.20
N MET B 328 8.51 50.71 2.32
CA MET B 328 7.68 50.26 1.19
C MET B 328 7.71 51.27 0.05
N ALA B 329 7.81 52.56 0.38
CA ALA B 329 7.98 53.56 -0.68
C ALA B 329 9.30 53.36 -1.42
N ASN B 330 10.37 53.04 -0.70
CA ASN B 330 11.65 52.76 -1.34
C ASN B 330 11.62 51.46 -2.13
N MET B 331 10.72 50.55 -1.78
CA MET B 331 10.59 49.27 -2.45
C MET B 331 9.58 49.31 -3.60
N ASP B 332 9.42 50.48 -4.24
CA ASP B 332 8.55 50.74 -5.38
C ASP B 332 7.21 50.02 -5.30
N SER B 333 6.64 49.95 -4.10
CA SER B 333 5.32 49.37 -3.89
C SER B 333 4.51 50.29 -2.99
N ILE B 334 3.21 50.34 -3.23
CA ILE B 334 2.30 51.15 -2.42
C ILE B 334 1.10 50.37 -1.91
N ALA B 335 1.05 49.06 -2.16
CA ALA B 335 0.01 48.20 -1.61
C ALA B 335 0.66 46.92 -1.10
N SER B 336 0.03 46.30 -0.11
CA SER B 336 0.62 45.14 0.52
C SER B 336 -0.46 44.31 1.20
N LEU B 337 -0.31 42.98 1.10
CA LEU B 337 -1.17 42.03 1.81
C LEU B 337 -0.27 40.95 2.37
N VAL B 338 -0.06 40.96 3.69
CA VAL B 338 0.88 40.06 4.35
C VAL B 338 0.08 39.07 5.19
N MET B 339 0.30 37.78 4.95
CA MET B 339 -0.34 36.71 5.69
C MET B 339 0.73 35.89 6.39
N ALA B 340 0.58 35.72 7.70
CA ALA B 340 1.55 34.98 8.50
C ALA B 340 1.28 33.49 8.44
N VAL B 341 2.34 32.70 8.43
CA VAL B 341 2.25 31.25 8.46
C VAL B 341 2.73 30.79 9.83
N VAL B 342 1.82 30.21 10.60
CA VAL B 342 2.09 29.80 11.98
C VAL B 342 2.01 28.28 12.03
N VAL B 343 3.13 27.63 12.29
CA VAL B 343 3.18 26.18 12.41
C VAL B 343 3.04 25.84 13.88
N ASN B 344 2.08 24.98 14.21
CA ASN B 344 1.69 24.68 15.58
C ASN B 344 2.35 23.41 16.10
N GLU B 345 3.58 23.15 15.71
CA GLU B 345 4.28 21.94 16.07
C GLU B 345 5.17 22.18 17.31
N GLU B 346 5.95 21.16 17.66
CA GLU B 346 6.95 21.20 18.73
C GLU B 346 6.32 21.29 20.11
N ASP B 347 7.00 20.72 21.11
CA ASP B 347 6.49 20.73 22.48
C ASP B 347 7.40 21.55 23.38
N LYS B 361 0.58 23.94 22.54
CA LYS B 361 0.84 25.20 21.82
C LYS B 361 2.23 25.18 21.18
N ARG B 362 3.11 26.04 21.68
CA ARG B 362 4.48 26.16 21.17
C ARG B 362 4.48 26.46 19.67
N LYS B 363 3.60 27.37 19.25
CA LYS B 363 3.49 27.73 17.85
C LYS B 363 4.66 28.62 17.43
N ARG B 364 5.15 28.41 16.22
CA ARG B 364 6.31 29.13 15.69
C ARG B 364 5.95 29.78 14.36
N LEU B 365 6.43 31.00 14.18
CA LEU B 365 6.19 31.77 12.95
C LEU B 365 7.14 31.26 11.87
N TRP B 366 6.64 30.39 10.99
CA TRP B 366 7.49 29.83 9.94
C TRP B 366 7.93 30.90 8.95
N GLY B 367 7.04 31.82 8.61
CA GLY B 367 7.39 32.86 7.68
C GLY B 367 6.15 33.66 7.27
N LEU B 368 6.25 34.28 6.10
CA LEU B 368 5.18 35.12 5.58
C LEU B 368 4.95 34.82 4.12
N VAL B 369 3.76 35.19 3.64
CA VAL B 369 3.41 35.14 2.23
C VAL B 369 3.10 36.58 1.85
N VAL B 370 4.08 37.28 1.30
CA VAL B 370 4.00 38.73 1.10
C VAL B 370 3.65 39.02 -0.34
N CYS B 371 2.67 39.90 -0.55
CA CYS B 371 2.27 40.37 -1.86
C CYS B 371 2.48 41.88 -1.92
N HIS B 372 3.16 42.34 -2.95
CA HIS B 372 3.49 43.76 -3.11
C HIS B 372 3.00 44.25 -4.46
N ASN B 373 2.30 45.39 -4.46
CA ASN B 373 1.74 45.97 -5.66
C ASN B 373 2.32 47.37 -5.87
N THR B 374 2.61 47.71 -7.13
CA THR B 374 3.11 49.02 -7.47
C THR B 374 2.02 50.07 -7.61
N THR B 375 0.75 49.66 -7.60
CA THR B 375 -0.40 50.53 -7.70
C THR B 375 -1.39 50.19 -6.60
N PRO B 376 -2.23 51.15 -6.19
CA PRO B 376 -3.18 50.86 -5.10
C PRO B 376 -4.12 49.72 -5.48
N ARG B 377 -4.44 48.89 -4.50
CA ARG B 377 -5.28 47.72 -4.70
C ARG B 377 -6.13 47.50 -3.46
N PHE B 378 -7.39 47.12 -3.67
CA PHE B 378 -8.30 46.83 -2.57
C PHE B 378 -8.93 45.46 -2.80
N VAL B 379 -9.16 44.74 -1.71
CA VAL B 379 -9.66 43.37 -1.74
C VAL B 379 -10.78 43.23 -0.72
N PRO B 380 -11.90 42.61 -1.09
CA PRO B 380 -13.00 42.44 -0.13
C PRO B 380 -12.61 41.52 1.02
N PHE B 381 -13.25 41.75 2.17
CA PHE B 381 -12.95 40.99 3.38
C PHE B 381 -13.09 39.48 3.22
N PRO B 382 -14.13 38.94 2.57
CA PRO B 382 -14.19 37.48 2.42
C PRO B 382 -12.97 36.87 1.74
N LEU B 383 -12.37 37.58 0.78
CA LEU B 383 -11.17 37.06 0.14
C LEU B 383 -10.00 36.99 1.14
N ARG B 384 -9.89 38.02 1.99
CA ARG B 384 -8.80 38.08 2.99
C ARG B 384 -9.09 37.09 4.13
N TYR B 385 -10.32 36.64 4.31
CA TYR B 385 -10.64 35.61 5.32
C TYR B 385 -10.44 34.23 4.70
N ALA B 386 -10.61 34.12 3.39
CA ALA B 386 -10.36 32.85 2.69
C ALA B 386 -8.86 32.62 2.63
N CYS B 387 -8.06 33.68 2.66
CA CYS B 387 -6.58 33.57 2.62
C CYS B 387 -6.06 33.24 4.02
N GLU B 388 -6.73 33.71 5.06
CA GLU B 388 -6.34 33.35 6.45
C GLU B 388 -6.72 31.89 6.72
N PHE B 389 -7.44 31.24 5.80
CA PHE B 389 -7.78 29.80 5.94
C PHE B 389 -6.80 29.00 5.10
N LEU B 390 -6.51 29.48 3.89
CA LEU B 390 -5.53 28.80 3.06
C LEU B 390 -4.17 28.76 3.72
N ALA B 391 -3.82 29.82 4.46
CA ALA B 391 -2.57 29.84 5.20
C ALA B 391 -2.54 28.76 6.28
N GLN B 392 -3.68 28.55 6.97
CA GLN B 392 -3.75 27.48 7.96
C GLN B 392 -3.56 26.11 7.30
N VAL B 393 -4.19 25.89 6.15
CA VAL B 393 -4.02 24.62 5.44
C VAL B 393 -2.56 24.42 5.04
N PHE B 394 -1.93 25.48 4.54
CA PHE B 394 -0.52 25.41 4.15
C PHE B 394 0.37 25.09 5.34
N ALA B 395 0.11 25.70 6.50
CA ALA B 395 0.89 25.42 7.70
C ALA B 395 0.72 23.96 8.12
N ILE B 396 -0.50 23.43 8.03
CA ILE B 396 -0.73 22.03 8.37
C ILE B 396 0.10 21.13 7.47
N HIS B 397 0.09 21.40 6.17
CA HIS B 397 0.83 20.56 5.24
C HIS B 397 2.34 20.65 5.47
N VAL B 398 2.85 21.86 5.76
CA VAL B 398 4.28 22.00 6.04
C VAL B 398 4.66 21.22 7.29
N ASN B 399 3.82 21.30 8.34
CA ASN B 399 4.09 20.55 9.56
C ASN B 399 4.10 19.06 9.30
N LYS B 400 3.18 18.57 8.46
CA LYS B 400 3.14 17.14 8.19
C LYS B 400 4.26 16.69 7.26
N GLU B 401 4.84 17.59 6.46
CA GLU B 401 6.02 17.27 5.69
C GLU B 401 7.28 17.22 6.54
N VAL B 402 7.35 18.01 7.61
CA VAL B 402 8.53 18.00 8.48
C VAL B 402 8.75 16.61 9.05
N GLU B 403 7.69 15.94 9.50
CA GLU B 403 7.84 14.60 10.08
C GLU B 403 8.23 13.56 9.04
N LEU B 404 7.72 13.69 7.81
CA LEU B 404 8.15 12.81 6.74
C LEU B 404 9.64 12.99 6.46
N ASP B 405 10.12 14.23 6.55
CA ASP B 405 11.57 14.44 6.47
C ASP B 405 12.29 13.76 7.63
N ASN B 406 11.71 13.82 8.83
CA ASN B 406 12.36 13.24 10.00
C ASN B 406 12.47 11.72 9.92
N GLN B 407 11.52 11.05 9.25
CA GLN B 407 11.57 9.59 9.18
C GLN B 407 12.84 9.08 8.50
N MET B 408 13.38 9.84 7.54
CA MET B 408 14.50 9.37 6.74
C MET B 408 15.74 9.17 7.59
N VAL B 409 15.96 10.02 8.59
CA VAL B 409 17.14 9.88 9.43
C VAL B 409 17.13 8.55 10.17
N GLU B 410 15.98 8.19 10.76
CA GLU B 410 15.92 6.93 11.50
C GLU B 410 15.95 5.73 10.55
N LYS B 411 15.40 5.87 9.35
CA LYS B 411 15.56 4.81 8.36
C LYS B 411 17.03 4.59 8.01
N ASN B 412 17.78 5.68 7.84
CA ASN B 412 19.21 5.57 7.55
C ASN B 412 19.96 4.95 8.72
N ILE B 413 19.56 5.28 9.94
CA ILE B 413 20.20 4.68 11.11
C ILE B 413 19.95 3.17 11.14
N LEU B 414 18.72 2.74 10.82
CA LEU B 414 18.43 1.31 10.76
C LEU B 414 19.29 0.63 9.69
N ARG B 415 19.41 1.25 8.53
CA ARG B 415 20.26 0.69 7.47
C ARG B 415 21.72 0.58 7.93
N THR B 416 22.21 1.61 8.62
CA THR B 416 23.57 1.59 9.12
C THR B 416 23.77 0.47 10.14
N GLN B 417 22.78 0.26 11.01
CA GLN B 417 22.88 -0.83 11.98
C GLN B 417 22.93 -2.19 11.28
N THR B 418 22.09 -2.38 10.27
CA THR B 418 22.12 -3.64 9.51
C THR B 418 23.49 -3.85 8.87
N LEU B 419 24.04 -2.80 8.24
CA LEU B 419 25.34 -2.90 7.60
C LEU B 419 26.45 -3.16 8.60
N LEU B 420 26.34 -2.56 9.79
CA LEU B 420 27.31 -2.81 10.86
C LEU B 420 27.28 -4.26 11.30
N CYS B 421 26.08 -4.83 11.45
CA CYS B 421 25.98 -6.25 11.77
C CYS B 421 26.58 -7.11 10.67
N ASP B 422 26.35 -6.73 9.41
CA ASP B 422 26.94 -7.44 8.28
C ASP B 422 28.46 -7.49 8.40
N MET B 423 29.09 -6.35 8.64
CA MET B 423 30.54 -6.37 8.85
C MET B 423 30.93 -7.12 10.13
N LEU B 424 30.07 -7.14 11.14
CA LEU B 424 30.39 -7.91 12.33
C LEU B 424 30.48 -9.39 12.02
N MET B 425 29.66 -9.87 11.08
CA MET B 425 29.68 -11.29 10.72
C MET B 425 30.93 -11.71 9.96
N ARG B 426 31.76 -10.76 9.52
CA ARG B 426 32.96 -11.10 8.75
C ARG B 426 34.16 -11.26 9.68
N ASP B 427 35.35 -11.40 9.08
CA ASP B 427 36.59 -11.55 9.81
C ASP B 427 37.68 -10.72 9.12
N ALA B 428 38.65 -10.28 9.92
CA ALA B 428 39.85 -9.57 9.49
C ALA B 428 39.54 -8.19 8.92
N PRO B 429 40.50 -7.25 9.01
CA PRO B 429 40.25 -5.91 8.42
C PRO B 429 40.16 -5.93 6.90
N LEU B 430 40.60 -6.99 6.24
CA LEU B 430 40.51 -7.04 4.79
C LEU B 430 39.08 -7.17 4.31
N GLY B 431 38.21 -7.78 5.13
CA GLY B 431 36.86 -8.07 4.70
C GLY B 431 35.95 -6.86 4.59
N ILE B 432 36.23 -5.79 5.35
CA ILE B 432 35.36 -4.62 5.29
C ILE B 432 35.50 -3.93 3.93
N VAL B 433 36.65 -4.04 3.29
CA VAL B 433 36.89 -3.39 2.00
C VAL B 433 36.85 -4.38 0.84
N SER B 434 37.08 -5.67 1.07
CA SER B 434 37.15 -6.62 -0.04
C SER B 434 35.78 -6.89 -0.64
N GLN B 435 34.76 -7.07 0.20
CA GLN B 435 33.45 -7.51 -0.27
C GLN B 435 32.67 -6.33 -0.84
N SER B 436 31.39 -6.56 -1.18
CA SER B 436 30.63 -5.54 -1.92
C SER B 436 30.29 -4.34 -1.05
N PRO B 437 29.55 -4.47 0.07
CA PRO B 437 29.28 -3.28 0.90
C PRO B 437 30.49 -2.92 1.74
N ASN B 438 31.16 -1.85 1.37
CA ASN B 438 32.44 -1.47 1.93
C ASN B 438 32.27 -0.35 2.94
N ILE B 439 33.41 0.12 3.49
CA ILE B 439 33.37 1.23 4.44
C ILE B 439 32.97 2.53 3.76
N MET B 440 33.00 2.58 2.43
CA MET B 440 32.47 3.73 1.71
C MET B 440 30.96 3.82 1.81
N ASP B 441 30.29 2.74 2.20
CA ASP B 441 28.84 2.73 2.37
C ASP B 441 28.42 2.96 3.82
N LEU B 442 29.34 2.86 4.77
CA LEU B 442 29.01 3.15 6.16
C LEU B 442 28.56 4.59 6.33
N VAL B 443 29.28 5.52 5.72
CA VAL B 443 28.95 6.94 5.77
C VAL B 443 29.16 7.54 4.39
N LYS B 444 28.29 8.47 4.02
CA LYS B 444 28.42 9.14 2.74
C LYS B 444 29.73 9.93 2.68
N CYS B 445 30.48 9.74 1.61
CA CYS B 445 31.79 10.36 1.44
C CYS B 445 32.19 10.22 -0.02
N ASP B 446 33.45 10.57 -0.33
CA ASP B 446 33.97 10.47 -1.68
C ASP B 446 35.20 9.56 -1.79
N GLY B 447 35.82 9.19 -0.68
CA GLY B 447 36.94 8.27 -0.73
C GLY B 447 37.18 7.63 0.62
N ALA B 448 37.78 6.44 0.58
CA ALA B 448 38.09 5.70 1.80
C ALA B 448 39.52 5.18 1.72
N ALA B 449 40.17 5.13 2.87
CA ALA B 449 41.55 4.66 2.95
C ALA B 449 41.74 3.87 4.24
N LEU B 450 42.49 2.77 4.15
CA LEU B 450 42.80 1.92 5.29
C LEU B 450 44.30 1.74 5.35
N LEU B 451 44.91 2.08 6.49
CA LEU B 451 46.33 1.91 6.72
C LEU B 451 46.50 0.74 7.68
N TYR B 452 46.97 -0.40 7.14
CA TYR B 452 47.12 -1.63 7.90
C TYR B 452 48.53 -2.16 7.69
N LYS B 453 49.31 -2.19 8.77
CA LYS B 453 50.66 -2.76 8.79
C LYS B 453 51.50 -2.25 7.62
N ASP B 454 51.64 -0.92 7.57
CA ASP B 454 52.45 -0.24 6.57
C ASP B 454 51.97 -0.49 5.15
N LYS B 455 50.72 -0.90 4.97
CA LYS B 455 50.13 -1.08 3.66
C LYS B 455 48.86 -0.25 3.56
N ILE B 456 48.57 0.22 2.34
CA ILE B 456 47.45 1.11 2.09
C ILE B 456 46.45 0.41 1.19
N TRP B 457 45.19 0.40 1.60
CA TRP B 457 44.07 0.00 0.75
C TRP B 457 43.19 1.23 0.57
N LYS B 458 43.22 1.82 -0.61
CA LYS B 458 42.48 3.04 -0.90
C LYS B 458 41.47 2.79 -2.01
N LEU B 459 40.36 3.50 -1.94
CA LEU B 459 39.31 3.35 -2.96
C LEU B 459 38.48 4.62 -3.02
N GLY B 460 38.33 5.16 -4.21
CA GLY B 460 37.63 6.42 -4.39
C GLY B 460 38.57 7.60 -4.50
N THR B 461 38.04 8.77 -4.20
CA THR B 461 38.81 10.01 -4.27
C THR B 461 39.69 10.10 -3.04
N THR B 462 40.96 9.73 -3.19
CA THR B 462 41.95 9.77 -2.12
C THR B 462 43.23 10.39 -2.66
N PRO B 463 44.00 11.07 -1.81
CA PRO B 463 45.29 11.62 -2.24
C PRO B 463 46.34 10.51 -2.32
N SER B 464 47.57 10.93 -2.60
CA SER B 464 48.67 9.99 -2.81
C SER B 464 49.05 9.30 -1.51
N GLU B 465 49.72 8.15 -1.65
CA GLU B 465 50.07 7.33 -0.49
C GLU B 465 50.99 8.08 0.46
N PHE B 466 52.00 8.77 -0.07
CA PHE B 466 52.89 9.53 0.79
C PHE B 466 52.16 10.67 1.48
N HIS B 467 51.12 11.22 0.84
CA HIS B 467 50.29 12.22 1.51
C HIS B 467 49.62 11.64 2.74
N LEU B 468 49.07 10.42 2.61
CA LEU B 468 48.51 9.75 3.79
C LEU B 468 49.60 9.46 4.82
N GLN B 469 50.82 9.16 4.38
CA GLN B 469 51.90 8.91 5.33
C GLN B 469 52.20 10.16 6.15
N GLU B 470 52.30 11.32 5.50
CA GLU B 470 52.51 12.57 6.24
C GLU B 470 51.30 12.89 7.13
N ILE B 471 50.09 12.58 6.65
CA ILE B 471 48.90 12.79 7.46
C ILE B 471 48.99 11.98 8.76
N ALA B 472 49.33 10.70 8.64
CA ALA B 472 49.43 9.84 9.81
C ALA B 472 50.57 10.29 10.72
N SER B 473 51.68 10.76 10.13
CA SER B 473 52.77 11.27 10.95
C SER B 473 52.33 12.48 11.76
N TRP B 474 51.61 13.41 11.14
CA TRP B 474 51.13 14.57 11.88
C TRP B 474 50.11 14.16 12.95
N LEU B 475 49.27 13.19 12.64
CA LEU B 475 48.29 12.70 13.61
C LEU B 475 48.97 12.09 14.82
N CYS B 476 50.01 11.29 14.61
CA CYS B 476 50.75 10.69 15.70
C CYS B 476 51.76 11.63 16.33
N GLU B 477 51.97 12.82 15.75
CA GLU B 477 52.86 13.81 16.32
C GLU B 477 52.13 14.83 17.18
N TYR B 478 50.89 15.19 16.81
CA TYR B 478 50.17 16.25 17.51
C TYR B 478 48.94 15.76 18.24
N HIS B 479 48.35 14.64 17.82
CA HIS B 479 47.19 14.04 18.50
C HIS B 479 47.61 12.74 19.19
N MET B 480 47.85 12.82 20.51
CA MET B 480 47.95 11.62 21.34
C MET B 480 46.75 11.43 22.24
N ASP B 481 45.98 12.49 22.50
CA ASP B 481 44.91 12.43 23.50
C ASP B 481 43.59 11.94 22.94
N SER B 482 43.51 11.64 21.64
CA SER B 482 42.26 11.25 21.01
C SER B 482 42.49 10.11 20.03
N THR B 483 41.46 9.28 19.86
CA THR B 483 41.50 8.18 18.91
C THR B 483 40.92 8.56 17.55
N GLY B 484 40.52 9.80 17.37
CA GLY B 484 39.96 10.23 16.10
C GLY B 484 39.74 11.72 16.07
N LEU B 485 39.10 12.17 15.00
CA LEU B 485 38.70 13.56 14.84
C LEU B 485 37.87 13.69 13.57
N SER B 486 37.14 14.80 13.47
CA SER B 486 36.31 15.11 12.31
C SER B 486 36.52 16.58 11.99
N THR B 487 37.48 16.87 11.12
CA THR B 487 37.73 18.23 10.65
C THR B 487 37.08 18.39 9.27
N ASP B 488 36.14 19.32 9.17
CA ASP B 488 35.49 19.58 7.89
C ASP B 488 36.41 20.33 6.93
N SER B 489 37.38 21.09 7.45
CA SER B 489 38.34 21.80 6.63
C SER B 489 39.73 21.55 7.21
N LEU B 490 40.53 20.75 6.50
CA LEU B 490 41.90 20.52 6.93
C LEU B 490 42.72 21.81 6.87
N HIS B 491 42.34 22.74 5.98
CA HIS B 491 43.00 24.04 5.94
C HIS B 491 42.76 24.81 7.24
N ASP B 492 41.54 24.76 7.77
CA ASP B 492 41.25 25.45 9.02
C ASP B 492 42.08 24.87 10.17
N ALA B 493 42.22 23.55 10.22
CA ALA B 493 43.04 22.91 11.22
C ALA B 493 44.52 23.04 10.85
N GLY B 494 45.38 22.68 11.79
CA GLY B 494 46.81 22.80 11.58
C GLY B 494 47.40 21.72 10.71
N PHE B 495 47.77 22.07 9.48
CA PHE B 495 48.40 21.13 8.56
C PHE B 495 49.31 21.86 7.59
N PRO B 496 50.62 21.65 7.67
CA PRO B 496 51.54 22.38 6.77
C PRO B 496 51.30 22.10 5.29
N ARG B 497 50.93 20.87 4.94
CA ARG B 497 50.80 20.46 3.55
C ARG B 497 49.36 20.42 3.06
N ALA B 498 48.44 21.06 3.80
CA ALA B 498 47.03 21.05 3.39
C ALA B 498 46.83 21.81 2.09
N LEU B 499 47.64 22.83 1.82
CA LEU B 499 47.44 23.63 0.62
C LEU B 499 47.70 22.82 -0.65
N SER B 500 48.73 21.97 -0.65
CA SER B 500 49.10 21.20 -1.83
C SER B 500 48.32 19.90 -1.97
N LEU B 501 47.42 19.59 -1.02
CA LEU B 501 46.69 18.33 -1.09
C LEU B 501 45.68 18.33 -2.24
N GLY B 502 45.01 19.45 -2.46
CA GLY B 502 44.07 19.57 -3.56
C GLY B 502 42.70 20.05 -3.10
N ASP B 503 41.79 20.11 -4.07
CA ASP B 503 40.42 20.54 -3.81
C ASP B 503 39.51 19.40 -3.39
N SER B 504 39.79 18.18 -3.86
CA SER B 504 38.96 17.02 -3.56
C SER B 504 39.26 16.42 -2.20
N VAL B 505 39.93 17.16 -1.32
CA VAL B 505 40.34 16.69 0.00
C VAL B 505 40.03 17.77 1.02
N CYS B 506 40.51 17.58 2.25
CA CYS B 506 40.38 18.47 3.42
C CYS B 506 39.05 18.29 4.15
N GLY B 507 38.23 17.31 3.77
CA GLY B 507 37.11 16.91 4.60
C GLY B 507 37.38 15.52 5.13
N MET B 508 37.69 15.41 6.41
CA MET B 508 38.28 14.19 6.95
C MET B 508 37.46 13.61 8.10
N ALA B 509 37.51 12.29 8.21
CA ALA B 509 37.08 11.58 9.42
C ALA B 509 38.03 10.40 9.61
N ALA B 510 38.89 10.48 10.62
CA ALA B 510 39.95 9.50 10.82
C ALA B 510 39.80 8.86 12.19
N VAL B 511 40.14 7.57 12.27
CA VAL B 511 40.07 6.81 13.52
C VAL B 511 41.25 5.86 13.61
N ARG B 512 41.87 5.81 14.78
CA ARG B 512 43.02 4.96 15.06
C ARG B 512 42.54 3.65 15.68
N ILE B 513 42.57 2.57 14.90
CA ILE B 513 42.26 1.24 15.46
C ILE B 513 43.32 0.86 16.48
N SER B 514 44.60 1.05 16.12
CA SER B 514 45.72 0.70 16.98
C SER B 514 46.71 1.86 16.93
N SER B 515 47.92 1.61 17.42
CA SER B 515 48.93 2.67 17.45
C SER B 515 49.30 3.15 16.05
N LYS B 516 49.18 2.29 15.03
CA LYS B 516 49.61 2.66 13.70
C LYS B 516 48.52 2.46 12.65
N ASP B 517 47.73 1.40 12.79
CA ASP B 517 46.75 1.02 11.78
C ASP B 517 45.48 1.83 11.98
N MET B 518 45.08 2.59 10.95
CA MET B 518 43.99 3.55 11.09
C MET B 518 43.13 3.56 9.84
N ILE B 519 42.01 4.30 9.91
CA ILE B 519 41.05 4.40 8.82
C ILE B 519 40.74 5.87 8.57
N PHE B 520 40.61 6.24 7.29
CA PHE B 520 40.30 7.60 6.88
C PHE B 520 39.12 7.61 5.92
N TRP B 521 38.22 8.56 6.12
CA TRP B 521 37.14 8.88 5.18
C TRP B 521 37.37 10.29 4.68
N PHE B 522 37.34 10.48 3.36
CA PHE B 522 37.65 11.75 2.73
C PHE B 522 36.49 12.23 1.87
N ARG B 523 36.25 13.54 1.92
CA ARG B 523 35.18 14.20 1.17
C ARG B 523 35.77 15.28 0.29
N SER B 524 35.04 15.63 -0.76
CA SER B 524 35.46 16.68 -1.69
C SER B 524 34.89 18.02 -1.25
N HIS B 525 35.02 19.03 -2.11
CA HIS B 525 34.53 20.37 -1.82
C HIS B 525 33.11 20.55 -2.33
N THR B 526 32.29 21.26 -1.55
CA THR B 526 30.92 21.58 -1.93
C THR B 526 30.77 23.10 -2.01
N ALA B 527 30.28 23.58 -3.15
CA ALA B 527 30.14 25.01 -3.36
C ALA B 527 28.91 25.55 -2.64
N GLY B 528 28.95 26.84 -2.34
CA GLY B 528 27.85 27.52 -1.68
C GLY B 528 28.03 29.02 -1.65
N GLU B 529 27.00 29.77 -2.02
CA GLU B 529 27.08 31.22 -2.03
C GLU B 529 25.70 31.81 -1.78
N VAL B 530 25.69 33.06 -1.34
CA VAL B 530 24.46 33.79 -1.02
C VAL B 530 24.52 35.17 -1.65
N ARG B 531 23.35 35.78 -1.79
CA ARG B 531 23.19 37.06 -2.48
C ARG B 531 22.44 38.03 -1.57
N TRP B 532 22.94 38.19 -0.34
CA TRP B 532 22.28 38.97 0.71
C TRP B 532 21.61 40.24 0.18
N GLY B 533 20.32 40.40 0.44
CA GLY B 533 19.59 41.54 -0.04
C GLY B 533 19.72 42.76 0.85
N GLY B 534 20.95 43.24 1.02
CA GLY B 534 21.17 44.44 1.81
C GLY B 534 22.35 44.35 2.76
N ALA B 535 22.17 44.85 3.98
CA ALA B 535 23.21 44.87 4.99
C ALA B 535 23.06 43.65 5.88
N LYS B 536 24.13 42.86 5.99
CA LYS B 536 24.11 41.67 6.84
C LYS B 536 23.83 42.07 8.29
N HIS B 537 22.93 41.33 8.93
CA HIS B 537 22.49 41.70 10.26
C HIS B 537 23.63 41.65 11.28
N ASP B 538 24.45 40.60 11.22
CA ASP B 538 25.59 40.43 12.11
C ASP B 538 25.17 40.58 13.58
N PRO B 539 24.46 39.58 14.14
CA PRO B 539 23.81 39.60 15.46
C PRO B 539 24.66 40.20 16.57
N ARG B 546 13.72 52.45 16.76
CA ARG B 546 15.15 52.57 16.52
C ARG B 546 15.47 53.88 15.79
N ARG B 547 14.47 54.45 15.13
CA ARG B 547 14.63 55.64 14.31
C ARG B 547 15.78 55.49 13.32
N MET B 548 15.79 54.39 12.57
CA MET B 548 16.88 54.10 11.66
C MET B 548 16.61 54.64 10.26
N HIS B 549 15.34 54.81 9.87
CA HIS B 549 14.91 55.39 8.60
C HIS B 549 15.25 54.47 7.43
N PRO B 550 14.71 54.69 6.24
CA PRO B 550 15.01 53.79 5.11
C PRO B 550 16.47 53.87 4.69
N ARG B 551 16.91 52.79 4.06
CA ARG B 551 18.31 52.63 3.67
C ARG B 551 18.48 52.20 2.22
N SER B 552 17.40 51.75 1.56
CA SER B 552 17.42 51.34 0.16
C SER B 552 18.47 50.28 -0.12
N SER B 553 18.57 49.30 0.79
CA SER B 553 19.54 48.20 0.61
C SER B 553 18.87 47.06 -0.16
N PHE B 554 18.12 47.37 -1.20
CA PHE B 554 17.49 46.31 -2.03
C PHE B 554 18.24 46.25 -3.36
N LYS B 555 19.56 46.01 -3.30
CA LYS B 555 20.38 46.03 -4.55
C LYS B 555 21.03 44.67 -4.80
N ALA B 556 22.17 44.38 -4.17
CA ALA B 556 22.89 43.15 -4.46
C ALA B 556 23.96 42.90 -3.38
N PHE B 557 24.56 41.71 -3.48
CA PHE B 557 25.65 41.31 -2.57
C PHE B 557 26.15 39.93 -3.03
N LEU B 558 27.25 39.47 -2.45
CA LEU B 558 27.79 38.13 -2.80
C LEU B 558 28.74 37.68 -1.69
N GLU B 559 28.56 36.46 -1.20
CA GLU B 559 29.42 35.87 -0.17
C GLU B 559 29.68 34.42 -0.55
N VAL B 560 30.93 33.98 -0.43
CA VAL B 560 31.33 32.65 -0.86
C VAL B 560 32.05 31.94 0.28
N VAL B 561 32.24 30.63 0.11
CA VAL B 561 32.91 29.78 1.08
C VAL B 561 33.97 28.95 0.37
N LYS B 562 34.55 27.99 1.08
CA LYS B 562 35.69 27.23 0.57
C LYS B 562 35.53 25.75 0.89
N THR B 563 36.63 25.00 0.85
CA THR B 563 36.64 23.54 0.91
C THR B 563 36.14 22.99 2.28
N ARG B 564 35.58 23.86 3.12
CA ARG B 564 35.00 23.42 4.40
C ARG B 564 34.06 22.22 4.23
N SER B 565 33.45 22.07 3.06
CA SER B 565 32.67 20.88 2.71
C SER B 565 31.46 20.69 3.61
N LEU B 566 30.75 19.57 3.42
CA LEU B 566 29.59 19.28 4.23
C LEU B 566 30.01 18.96 5.66
N PRO B 567 29.22 19.34 6.66
CA PRO B 567 29.52 18.95 8.04
C PRO B 567 29.31 17.45 8.26
N TRP B 568 30.07 16.91 9.19
CA TRP B 568 29.91 15.52 9.62
C TRP B 568 28.89 15.46 10.74
N LYS B 569 27.83 14.68 10.53
CA LYS B 569 26.73 14.62 11.47
C LYS B 569 27.13 13.77 12.68
N ASP B 570 26.20 13.56 13.60
CA ASP B 570 26.49 12.85 14.84
C ASP B 570 26.37 11.33 14.67
N TYR B 571 25.31 10.86 14.02
CA TYR B 571 25.14 9.41 13.86
C TYR B 571 26.19 8.83 12.93
N GLU B 572 26.74 9.65 12.02
CA GLU B 572 27.86 9.18 11.20
C GLU B 572 29.07 8.86 12.07
N MET B 573 29.43 9.78 12.96
CA MET B 573 30.54 9.54 13.87
C MET B 573 30.23 8.38 14.82
N ASP B 574 28.96 8.21 15.18
CA ASP B 574 28.57 7.03 15.97
C ASP B 574 28.84 5.75 15.19
N ALA B 575 28.53 5.75 13.89
CA ALA B 575 28.79 4.57 13.06
C ALA B 575 30.28 4.27 12.97
N ILE B 576 31.10 5.30 12.76
CA ILE B 576 32.55 5.08 12.72
C ILE B 576 33.05 4.56 14.06
N HIS B 577 32.54 5.11 15.17
CA HIS B 577 32.96 4.63 16.49
C HIS B 577 32.57 3.17 16.71
N SER B 578 31.36 2.79 16.27
CA SER B 578 30.92 1.41 16.39
C SER B 578 31.80 0.48 15.55
N LEU B 579 32.16 0.90 14.35
CA LEU B 579 33.06 0.10 13.52
C LEU B 579 34.42 -0.06 14.19
N GLN B 580 34.92 1.01 14.81
CA GLN B 580 36.18 0.93 15.54
C GLN B 580 36.07 -0.07 16.69
N LEU B 581 34.95 -0.03 17.42
CA LEU B 581 34.76 -0.98 18.52
C LEU B 581 34.72 -2.42 18.00
N ILE B 582 34.03 -2.64 16.89
CA ILE B 582 33.92 -3.98 16.33
C ILE B 582 35.30 -4.49 15.92
N LEU B 583 36.08 -3.65 15.24
CA LEU B 583 37.40 -4.07 14.79
C LEU B 583 38.33 -4.31 15.98
N ARG B 584 38.27 -3.46 17.00
CA ARG B 584 39.11 -3.65 18.18
C ARG B 584 38.76 -4.94 18.90
N ASN B 585 37.46 -5.24 19.03
CA ASN B 585 37.05 -6.50 19.64
C ASN B 585 37.51 -7.69 18.81
N ALA B 586 37.42 -7.58 17.48
CA ALA B 586 37.82 -8.69 16.62
C ALA B 586 39.32 -8.93 16.68
N PHE B 587 40.12 -7.88 16.88
CA PHE B 587 41.57 -8.06 16.97
C PHE B 587 41.95 -8.90 18.19
N LYS B 588 41.33 -8.63 19.33
CA LYS B 588 41.67 -9.32 20.57
C LYS B 588 41.05 -10.72 20.62
N MET B 742 36.62 5.43 28.13
CA MET B 742 37.66 5.88 27.22
C MET B 742 37.01 6.24 25.88
N ASP B 743 37.76 6.12 24.79
CA ASP B 743 37.28 6.39 23.44
C ASP B 743 36.73 7.82 23.32
N LYS B 744 37.62 8.78 23.54
CA LYS B 744 37.31 10.19 23.44
C LYS B 744 38.09 10.78 22.26
N PHE B 745 37.40 11.48 21.37
CA PHE B 745 38.06 12.16 20.27
C PHE B 745 37.36 13.48 19.97
N THR B 746 38.10 14.36 19.30
CA THR B 746 37.73 15.76 19.16
C THR B 746 36.86 15.99 17.91
N ARG B 747 36.45 17.25 17.75
CA ARG B 747 35.74 17.70 16.57
C ARG B 747 36.16 19.14 16.27
N ILE B 748 36.46 19.43 15.01
CA ILE B 748 36.88 20.76 14.58
C ILE B 748 35.94 21.19 13.46
N GLU B 749 34.90 21.94 13.81
CA GLU B 749 33.87 22.35 12.86
C GLU B 749 34.07 23.80 12.40
N GLY B 750 34.06 24.75 13.33
CA GLY B 750 34.17 26.15 12.99
C GLY B 750 35.48 26.77 13.43
N ASP B 751 36.58 26.05 13.20
CA ASP B 751 37.95 26.41 13.58
C ASP B 751 38.12 26.61 15.08
N TYR B 752 37.10 26.29 15.88
CA TYR B 752 37.21 26.35 17.33
C TYR B 752 37.87 25.07 17.82
N LYS B 753 39.07 25.19 18.36
CA LYS B 753 39.84 24.02 18.76
C LYS B 753 39.34 23.45 20.08
N ALA B 754 39.71 22.19 20.33
CA ALA B 754 39.46 21.52 21.60
C ALA B 754 37.97 21.40 21.90
N ILE B 755 37.21 20.93 20.92
CA ILE B 755 35.81 20.57 21.11
C ILE B 755 35.77 19.06 21.34
N ILE B 756 35.77 18.66 22.61
CA ILE B 756 35.83 17.25 22.99
C ILE B 756 34.41 16.75 23.24
N GLN B 757 34.05 15.64 22.61
CA GLN B 757 32.75 15.03 22.83
C GLN B 757 32.87 13.52 22.77
N ASN B 758 32.07 12.84 23.58
CA ASN B 758 32.06 11.39 23.63
C ASN B 758 30.81 10.85 22.97
N PRO B 759 30.92 10.05 21.91
CA PRO B 759 29.74 9.47 21.28
C PRO B 759 29.31 8.17 21.94
N ASN B 760 28.28 7.55 21.36
CA ASN B 760 27.73 6.31 21.95
C ASN B 760 27.75 5.23 20.87
N PRO B 761 27.89 3.94 21.22
CA PRO B 761 27.87 2.86 20.22
C PRO B 761 26.48 2.70 19.61
N LEU B 762 26.46 2.11 18.41
CA LEU B 762 25.25 1.95 17.64
C LEU B 762 24.84 0.50 17.44
N ILE B 763 25.53 -0.44 18.08
CA ILE B 763 25.27 -1.87 17.88
C ILE B 763 23.87 -2.23 18.41
N PRO B 764 23.04 -2.92 17.63
CA PRO B 764 21.69 -3.24 18.09
C PRO B 764 21.70 -4.45 19.01
N PRO B 765 20.56 -4.78 19.63
CA PRO B 765 20.50 -6.01 20.44
C PRO B 765 20.66 -7.24 19.56
N ILE B 766 21.52 -8.15 20.00
CA ILE B 766 21.92 -9.31 19.21
C ILE B 766 21.80 -10.55 20.08
N PHE B 767 21.22 -11.62 19.53
CA PHE B 767 21.28 -12.92 20.20
C PHE B 767 21.39 -14.03 19.16
N GLY B 768 21.95 -15.14 19.60
CA GLY B 768 22.24 -16.23 18.70
C GLY B 768 22.16 -17.57 19.39
N THR B 769 21.65 -18.55 18.66
CA THR B 769 21.35 -19.87 19.19
C THR B 769 22.14 -20.95 18.45
N ASP B 770 22.29 -22.10 19.12
CA ASP B 770 22.92 -23.26 18.52
C ASP B 770 21.97 -23.88 17.48
N GLU B 771 22.44 -24.95 16.84
CA GLU B 771 21.60 -25.64 15.86
C GLU B 771 20.50 -26.44 16.54
N PHE B 772 20.74 -26.94 17.75
CA PHE B 772 19.70 -27.66 18.47
C PHE B 772 18.66 -26.72 19.04
N GLY B 773 19.08 -25.57 19.55
CA GLY B 773 18.16 -24.60 20.11
C GLY B 773 18.68 -23.90 21.35
N TRP B 774 19.81 -24.36 21.86
CA TRP B 774 20.41 -23.75 23.03
C TRP B 774 20.90 -22.34 22.71
N CYS B 775 20.78 -21.45 23.68
CA CYS B 775 21.21 -20.06 23.51
C CYS B 775 22.71 -19.94 23.76
N THR B 776 23.40 -19.23 22.85
CA THR B 776 24.84 -19.05 22.95
C THR B 776 25.24 -17.58 23.07
N GLU B 777 24.77 -16.73 22.18
CA GLU B 777 25.18 -15.33 22.13
C GLU B 777 24.08 -14.44 22.71
N TRP B 778 24.46 -13.61 23.67
CA TRP B 778 23.52 -12.69 24.33
C TRP B 778 24.34 -11.45 24.71
N ASN B 779 24.27 -10.42 23.89
CA ASN B 779 25.14 -9.26 24.03
C ASN B 779 24.58 -8.26 25.05
N PRO B 780 25.43 -7.34 25.54
CA PRO B 780 24.97 -6.40 26.58
C PRO B 780 23.79 -5.54 26.18
N ALA B 781 23.64 -5.20 24.90
CA ALA B 781 22.49 -4.41 24.48
C ALA B 781 21.19 -5.16 24.74
N MET B 782 21.18 -6.47 24.47
CA MET B 782 20.00 -7.29 24.77
C MET B 782 19.73 -7.31 26.27
N SER B 783 20.79 -7.39 27.08
CA SER B 783 20.62 -7.36 28.53
C SER B 783 20.01 -6.04 28.99
N LYS B 784 20.47 -4.92 28.43
CA LYS B 784 19.90 -3.63 28.78
C LYS B 784 18.44 -3.54 28.37
N LEU B 785 18.12 -4.04 27.18
CA LEU B 785 16.74 -3.90 26.67
C LEU B 785 15.77 -4.76 27.46
N THR B 786 16.13 -6.03 27.71
CA THR B 786 15.20 -6.93 28.37
C THR B 786 15.28 -6.85 29.89
N GLY B 787 16.47 -6.58 30.42
CA GLY B 787 16.69 -6.60 31.85
C GLY B 787 17.32 -7.88 32.37
N LEU B 788 17.35 -8.94 31.56
CA LEU B 788 17.99 -10.17 31.94
C LEU B 788 19.51 -10.03 31.86
N LYS B 789 20.21 -11.02 32.40
CA LYS B 789 21.66 -11.05 32.37
C LYS B 789 22.13 -12.25 31.56
N ARG B 790 23.30 -12.10 30.92
CA ARG B 790 23.80 -13.15 30.04
C ARG B 790 24.06 -14.44 30.79
N GLU B 791 24.48 -14.34 32.06
CA GLU B 791 24.76 -15.55 32.84
C GLU B 791 23.50 -16.36 33.09
N GLU B 792 22.38 -15.70 33.40
CA GLU B 792 21.15 -16.40 33.74
C GLU B 792 20.33 -16.77 32.51
N VAL B 793 20.74 -16.34 31.32
CA VAL B 793 20.12 -16.77 30.07
C VAL B 793 21.26 -17.28 29.18
N ILE B 794 21.57 -18.57 29.29
CA ILE B 794 22.57 -19.22 28.45
C ILE B 794 22.42 -20.72 28.64
N ASP B 795 22.80 -21.49 27.61
CA ASP B 795 22.63 -22.94 27.61
C ASP B 795 21.18 -23.32 27.94
N LYS B 796 20.25 -22.58 27.35
CA LYS B 796 18.82 -22.81 27.54
C LYS B 796 18.13 -22.78 26.19
N MET B 797 17.02 -23.49 26.09
CA MET B 797 16.22 -23.45 24.87
C MET B 797 15.65 -22.05 24.67
N LEU B 798 15.94 -21.44 23.51
CA LEU B 798 15.40 -20.10 23.23
C LEU B 798 13.89 -20.20 22.99
N LEU B 799 13.43 -21.28 22.37
CA LEU B 799 12.01 -21.49 22.13
C LEU B 799 11.48 -22.41 23.23
N GLY B 800 10.79 -21.82 24.21
CA GLY B 800 10.18 -22.58 25.28
C GLY B 800 10.62 -22.18 26.67
N GLU B 801 11.91 -21.88 26.83
CA GLU B 801 12.45 -21.49 28.13
C GLU B 801 12.78 -20.00 28.19
N VAL B 802 13.61 -19.50 27.28
CA VAL B 802 13.91 -18.07 27.24
C VAL B 802 12.69 -17.30 26.77
N PHE B 803 12.06 -17.76 25.69
CA PHE B 803 10.85 -17.16 25.15
C PHE B 803 9.72 -18.18 25.27
N GLY B 804 8.72 -17.88 26.08
CA GLY B 804 7.63 -18.80 26.28
C GLY B 804 6.41 -18.11 26.84
N THR B 805 5.26 -18.79 26.80
CA THR B 805 3.99 -18.15 27.23
C THR B 805 3.81 -18.29 28.74
N GLN B 806 4.43 -19.30 29.38
CA GLN B 806 4.30 -19.46 30.81
C GLN B 806 5.62 -19.93 31.40
N LYS B 807 5.96 -19.39 32.57
CA LYS B 807 7.18 -19.77 33.30
C LYS B 807 8.43 -19.60 32.44
N SER B 808 8.54 -18.44 31.82
CA SER B 808 9.67 -18.10 30.97
C SER B 808 10.23 -16.75 31.39
N CYS B 809 11.52 -16.54 31.10
CA CYS B 809 12.17 -15.27 31.43
C CYS B 809 11.49 -14.11 30.70
N CYS B 810 11.33 -14.23 29.39
CA CYS B 810 10.58 -13.27 28.59
C CYS B 810 9.28 -13.92 28.14
N ARG B 811 8.17 -13.23 28.35
CA ARG B 811 6.84 -13.81 28.17
C ARG B 811 6.26 -13.34 26.83
N LEU B 812 5.92 -14.30 25.98
CA LEU B 812 5.20 -14.00 24.75
C LEU B 812 3.71 -13.82 25.06
N LYS B 813 3.03 -13.09 24.18
CA LYS B 813 1.64 -12.73 24.43
C LYS B 813 0.74 -13.95 24.43
N ASN B 814 0.83 -14.78 23.40
CA ASN B 814 -0.04 -15.95 23.28
C ASN B 814 0.70 -17.02 22.48
N GLN B 815 -0.04 -18.07 22.09
CA GLN B 815 0.53 -19.20 21.37
C GLN B 815 0.83 -18.88 19.91
N GLU B 816 0.12 -17.92 19.32
CA GLU B 816 0.39 -17.54 17.94
C GLU B 816 1.80 -16.98 17.79
N ALA B 817 2.25 -16.17 18.76
CA ALA B 817 3.61 -15.66 18.73
C ALA B 817 4.63 -16.78 18.84
N PHE B 818 4.35 -17.77 19.69
CA PHE B 818 5.23 -18.93 19.81
C PHE B 818 5.35 -19.67 18.48
N VAL B 819 4.22 -19.93 17.84
CA VAL B 819 4.22 -20.63 16.56
C VAL B 819 4.97 -19.83 15.51
N ASN B 820 4.73 -18.51 15.47
CA ASN B 820 5.39 -17.66 14.48
C ASN B 820 6.89 -17.60 14.71
N LEU B 821 7.33 -17.55 15.98
CA LEU B 821 8.76 -17.54 16.27
C LEU B 821 9.41 -18.85 15.83
N GLY B 822 8.77 -19.98 16.11
CA GLY B 822 9.31 -21.25 15.62
C GLY B 822 9.37 -21.31 14.12
N ILE B 823 8.32 -20.83 13.44
CA ILE B 823 8.29 -20.81 11.98
C ILE B 823 9.43 -19.95 11.43
N VAL B 824 9.68 -18.78 12.04
CA VAL B 824 10.71 -17.87 11.49
C VAL B 824 12.10 -18.43 11.79
N LEU B 825 12.26 -19.13 12.89
CA LEU B 825 13.55 -19.75 13.15
C LEU B 825 13.84 -20.85 12.14
N ASN B 826 12.86 -21.74 11.91
CA ASN B 826 13.07 -22.82 10.95
C ASN B 826 13.27 -22.28 9.52
N ASN B 827 12.47 -21.28 9.14
CA ASN B 827 12.60 -20.71 7.80
C ASN B 827 13.96 -20.05 7.62
N ALA B 828 14.43 -19.31 8.63
CA ALA B 828 15.75 -18.69 8.54
C ALA B 828 16.84 -19.74 8.48
N VAL B 829 16.65 -20.90 9.09
CA VAL B 829 17.72 -21.94 8.91
C VAL B 829 17.61 -22.53 7.51
N THR B 830 16.39 -22.53 6.92
CA THR B 830 16.29 -23.01 5.55
C THR B 830 16.51 -21.89 4.53
N SER B 831 15.74 -20.81 4.61
CA SER B 831 15.79 -19.75 3.62
C SER B 831 17.03 -18.88 3.78
N GLN B 832 17.28 -18.06 2.77
CA GLN B 832 18.48 -17.24 2.68
C GLN B 832 18.15 -15.77 2.86
N ASP B 833 19.10 -15.04 3.46
CA ASP B 833 19.07 -13.59 3.69
C ASP B 833 18.10 -13.24 4.81
N PRO B 834 18.36 -12.17 5.55
CA PRO B 834 17.50 -11.83 6.69
C PRO B 834 16.06 -11.55 6.26
N GLU B 835 15.12 -11.99 7.08
CA GLU B 835 13.70 -11.69 6.90
C GLU B 835 13.21 -10.91 8.11
N LYS B 836 12.61 -9.75 7.86
CA LYS B 836 12.10 -8.91 8.92
C LYS B 836 10.70 -9.33 9.29
N VAL B 837 10.47 -9.60 10.58
CA VAL B 837 9.15 -9.97 11.07
C VAL B 837 8.83 -9.15 12.31
N SER B 838 7.55 -8.92 12.55
CA SER B 838 7.13 -8.26 13.78
C SER B 838 7.39 -9.18 14.97
N PHE B 839 7.89 -8.61 16.06
CA PHE B 839 8.22 -9.41 17.23
C PHE B 839 7.92 -8.60 18.49
N ALA B 840 7.09 -9.14 19.36
CA ALA B 840 6.69 -8.46 20.58
C ALA B 840 6.77 -9.42 21.75
N PHE B 841 7.12 -8.87 22.92
CA PHE B 841 7.22 -9.68 24.13
C PHE B 841 7.09 -8.78 25.34
N PHE B 842 7.22 -9.39 26.52
CA PHE B 842 7.14 -8.69 27.80
C PHE B 842 8.48 -8.80 28.50
N THR B 843 8.95 -7.68 29.05
CA THR B 843 10.22 -7.67 29.75
C THR B 843 10.09 -8.37 31.10
N ARG B 844 11.21 -8.42 31.84
CA ARG B 844 11.18 -8.97 33.19
C ARG B 844 10.32 -8.11 34.12
N GLY B 845 10.40 -6.80 33.97
CA GLY B 845 9.62 -5.89 34.79
C GLY B 845 8.20 -5.67 34.37
N GLY B 846 7.79 -6.23 33.24
CA GLY B 846 6.42 -6.11 32.79
C GLY B 846 6.14 -5.07 31.73
N LYS B 847 7.16 -4.56 31.05
CA LYS B 847 6.99 -3.54 30.02
C LYS B 847 6.91 -4.19 28.65
N TYR B 848 5.89 -3.83 27.88
CA TYR B 848 5.70 -4.37 26.55
C TYR B 848 6.76 -3.83 25.59
N VAL B 849 7.36 -4.73 24.81
CA VAL B 849 8.35 -4.36 23.80
C VAL B 849 7.87 -4.89 22.46
N GLU B 850 7.93 -4.05 21.44
CA GLU B 850 7.40 -4.36 20.11
C GLU B 850 8.37 -3.79 19.08
N CYS B 851 9.08 -4.67 18.37
CA CYS B 851 10.10 -4.24 17.43
C CYS B 851 10.10 -5.18 16.23
N LEU B 852 11.14 -5.10 15.41
CA LEU B 852 11.32 -6.00 14.27
C LEU B 852 12.47 -6.95 14.54
N LEU B 853 12.32 -8.18 14.07
CA LEU B 853 13.30 -9.24 14.25
C LEU B 853 13.87 -9.62 12.90
N CYS B 854 15.19 -9.66 12.79
CA CYS B 854 15.89 -10.08 11.58
C CYS B 854 16.76 -11.28 11.93
N VAL B 855 16.58 -12.38 11.20
CA VAL B 855 17.21 -13.65 11.52
C VAL B 855 17.99 -14.13 10.30
N SER B 856 19.15 -14.74 10.53
CA SER B 856 19.96 -15.26 9.44
C SER B 856 20.77 -16.44 9.92
N LYS B 857 21.03 -17.38 9.01
CA LYS B 857 21.78 -18.57 9.36
C LYS B 857 23.23 -18.23 9.66
N LYS B 858 23.81 -18.93 10.63
CA LYS B 858 25.23 -18.84 10.89
C LYS B 858 25.96 -19.91 10.10
N LEU B 859 27.23 -19.64 9.79
CA LEU B 859 28.03 -20.53 8.96
C LEU B 859 29.40 -20.73 9.58
N ASP B 860 30.00 -21.88 9.29
CA ASP B 860 31.35 -22.21 9.69
C ASP B 860 32.25 -22.19 8.46
N ARG B 861 33.51 -22.58 8.65
CA ARG B 861 34.46 -22.56 7.55
C ARG B 861 34.19 -23.62 6.50
N GLU B 862 33.41 -24.66 6.82
CA GLU B 862 33.13 -25.75 5.88
C GLU B 862 31.64 -26.06 5.85
N GLY B 863 30.89 -25.26 5.09
CA GLY B 863 29.56 -25.65 4.65
C GLY B 863 28.44 -25.63 5.67
N VAL B 864 28.56 -26.48 6.70
CA VAL B 864 27.42 -26.78 7.56
C VAL B 864 26.95 -25.55 8.32
N VAL B 865 25.65 -25.51 8.61
CA VAL B 865 25.07 -24.45 9.41
C VAL B 865 25.21 -24.80 10.88
N THR B 866 25.79 -23.90 11.66
CA THR B 866 26.12 -24.16 13.06
C THR B 866 25.34 -23.26 14.01
N GLY B 867 24.13 -22.85 13.64
CA GLY B 867 23.28 -22.11 14.53
C GLY B 867 22.52 -21.02 13.79
N VAL B 868 22.07 -20.03 14.56
CA VAL B 868 21.24 -18.94 14.05
C VAL B 868 21.67 -17.66 14.73
N PHE B 869 21.77 -16.58 13.94
CA PHE B 869 22.16 -15.28 14.42
C PHE B 869 21.06 -14.29 14.10
N CYS B 870 20.51 -13.68 15.16
CA CYS B 870 19.36 -12.77 14.99
C CYS B 870 19.59 -11.46 15.74
N PHE B 871 18.94 -10.38 15.31
CA PHE B 871 19.02 -9.11 16.00
C PHE B 871 17.73 -8.31 15.78
N LEU B 872 17.51 -7.36 16.69
CA LEU B 872 16.28 -6.60 16.74
C LEU B 872 16.49 -5.17 16.29
N GLN B 873 15.55 -4.66 15.51
CA GLN B 873 15.49 -3.26 15.12
C GLN B 873 14.34 -2.61 15.87
N LEU B 874 14.68 -1.60 16.69
CA LEU B 874 13.69 -0.93 17.53
C LEU B 874 13.18 0.32 16.81
N ALA B 875 12.49 0.08 15.71
CA ALA B 875 11.92 1.16 14.92
C ALA B 875 10.80 1.85 15.69
N SER B 876 10.58 3.12 15.37
CA SER B 876 9.53 3.88 16.02
C SER B 876 8.16 3.38 15.55
N HIS B 877 7.12 3.76 16.31
CA HIS B 877 5.79 3.22 16.08
C HIS B 877 5.27 3.63 14.70
N GLU B 878 5.47 4.89 14.31
CA GLU B 878 4.96 5.36 13.02
C GLU B 878 5.63 4.62 11.87
N LEU B 879 6.94 4.42 11.95
CA LEU B 879 7.63 3.67 10.90
C LEU B 879 7.13 2.23 10.84
N GLN B 880 6.87 1.62 12.00
CA GLN B 880 6.35 0.27 12.02
C GLN B 880 4.98 0.20 11.34
N GLN B 881 4.09 1.15 11.65
CA GLN B 881 2.79 1.17 11.01
C GLN B 881 2.91 1.38 9.50
N ALA B 882 3.79 2.29 9.08
CA ALA B 882 3.95 2.53 7.65
C ALA B 882 4.47 1.29 6.94
N LEU B 883 5.47 0.63 7.52
CA LEU B 883 6.00 -0.58 6.91
C LEU B 883 4.96 -1.69 6.87
N HIS B 884 4.18 -1.85 7.95
CA HIS B 884 3.15 -2.88 7.97
C HIS B 884 2.08 -2.62 6.93
N VAL B 885 1.65 -1.37 6.77
CA VAL B 885 0.64 -1.04 5.77
C VAL B 885 1.18 -1.27 4.37
N GLN B 886 2.43 -0.86 4.12
CA GLN B 886 3.03 -1.08 2.81
C GLN B 886 3.15 -2.58 2.51
N ARG B 887 3.56 -3.36 3.51
CA ARG B 887 3.67 -4.81 3.32
C ARG B 887 2.32 -5.45 3.03
N LEU B 888 1.28 -5.03 3.76
CA LEU B 888 -0.05 -5.59 3.56
C LEU B 888 -0.61 -5.23 2.19
N ALA B 889 -0.41 -3.97 1.77
CA ALA B 889 -1.02 -3.52 0.52
C ALA B 889 -0.30 -4.10 -0.70
N GLU B 890 1.03 -4.22 -0.62
CA GLU B 890 1.81 -4.62 -1.80
C GLU B 890 1.65 -6.08 -2.16
N ARG B 891 1.00 -6.89 -1.32
CA ARG B 891 0.83 -8.31 -1.63
C ARG B 891 -0.07 -8.54 -2.85
N THR B 892 -0.91 -7.57 -3.20
CA THR B 892 -1.84 -7.73 -4.31
C THR B 892 -1.26 -7.25 -5.64
N ALA B 893 -0.06 -6.70 -5.65
CA ALA B 893 0.57 -6.16 -6.86
C ALA B 893 1.89 -6.91 -7.08
N VAL B 894 1.81 -8.05 -7.77
CA VAL B 894 2.99 -8.84 -8.09
C VAL B 894 2.96 -9.22 -9.56
N LYS B 895 1.81 -9.03 -10.22
CA LYS B 895 1.65 -9.41 -11.61
C LYS B 895 2.06 -8.31 -12.59
N ARG B 896 2.04 -7.05 -12.15
CA ARG B 896 2.26 -5.94 -13.07
C ARG B 896 3.68 -5.95 -13.64
N LEU B 897 4.67 -6.12 -12.78
CA LEU B 897 6.06 -6.14 -13.24
C LEU B 897 6.33 -7.35 -14.13
N LYS B 898 5.73 -8.50 -13.80
CA LYS B 898 5.89 -9.68 -14.63
C LYS B 898 5.30 -9.45 -16.02
N ALA B 899 4.11 -8.86 -16.08
CA ALA B 899 3.49 -8.58 -17.37
C ALA B 899 4.32 -7.57 -18.16
N LEU B 900 4.84 -6.54 -17.49
CA LEU B 900 5.68 -5.56 -18.16
C LEU B 900 6.92 -6.20 -18.75
N ALA B 901 7.58 -7.07 -17.98
CA ALA B 901 8.77 -7.74 -18.47
C ALA B 901 8.45 -8.66 -19.65
N TYR B 902 7.32 -9.37 -19.57
CA TYR B 902 6.91 -10.23 -20.67
C TYR B 902 6.68 -9.42 -21.94
N ILE B 903 6.00 -8.28 -21.81
CA ILE B 903 5.76 -7.41 -22.96
C ILE B 903 7.08 -6.89 -23.53
N LYS B 904 8.01 -6.49 -22.65
CA LYS B 904 9.29 -6.00 -23.11
C LYS B 904 10.04 -7.07 -23.91
N ARG B 905 10.03 -8.31 -23.41
CA ARG B 905 10.71 -9.39 -24.12
C ARG B 905 10.06 -9.68 -25.47
N GLN B 906 8.73 -9.78 -25.49
CA GLN B 906 8.02 -10.09 -26.72
C GLN B 906 7.99 -8.94 -27.71
N ILE B 907 8.38 -7.74 -27.29
CA ILE B 907 8.62 -6.66 -28.25
C ILE B 907 10.09 -6.63 -28.69
N ARG B 908 11.01 -6.96 -27.78
CA ARG B 908 12.43 -6.95 -28.12
C ARG B 908 12.77 -8.00 -29.17
N ASN B 909 12.12 -9.17 -29.10
CA ASN B 909 12.43 -10.23 -30.05
C ASN B 909 12.16 -9.81 -31.49
N PRO B 910 10.93 -9.45 -31.89
CA PRO B 910 10.72 -9.03 -33.28
C PRO B 910 11.41 -7.73 -33.63
N LEU B 911 11.70 -6.88 -32.64
CA LEU B 911 12.52 -5.70 -32.92
C LEU B 911 13.91 -6.11 -33.38
N SER B 912 14.49 -7.13 -32.73
CA SER B 912 15.74 -7.69 -33.22
C SER B 912 15.56 -8.34 -34.59
N GLY B 913 14.39 -8.92 -34.85
CA GLY B 913 14.14 -9.49 -36.17
C GLY B 913 14.19 -8.45 -37.28
N ILE B 914 13.52 -7.32 -37.07
CA ILE B 914 13.56 -6.26 -38.08
C ILE B 914 14.95 -5.63 -38.13
N MET B 915 15.64 -5.53 -36.99
CA MET B 915 17.07 -5.17 -36.98
C MET B 915 17.85 -6.04 -37.97
N PHE B 916 17.61 -7.35 -37.92
CA PHE B 916 18.42 -8.29 -38.68
C PHE B 916 18.06 -8.25 -40.17
N THR B 917 16.77 -8.15 -40.49
CA THR B 917 16.36 -7.99 -41.88
C THR B 917 16.90 -6.68 -42.47
N ARG B 918 16.84 -5.60 -41.69
CA ARG B 918 17.40 -4.33 -42.15
C ARG B 918 18.91 -4.44 -42.31
N LYS B 919 19.56 -5.27 -41.49
CA LYS B 919 20.99 -5.50 -41.66
C LYS B 919 21.28 -6.10 -43.03
N MET B 920 20.50 -7.12 -43.41
CA MET B 920 20.61 -7.61 -44.79
C MET B 920 20.39 -6.52 -45.82
N ILE B 921 19.28 -5.77 -45.68
CA ILE B 921 18.93 -4.81 -46.73
C ILE B 921 20.01 -3.75 -46.89
N GLU B 922 20.51 -3.22 -45.76
CA GLU B 922 21.58 -2.23 -45.81
C GLU B 922 22.90 -2.83 -46.29
N GLY B 923 23.11 -4.14 -46.06
CA GLY B 923 24.36 -4.75 -46.48
C GLY B 923 24.58 -4.70 -47.98
N THR B 924 23.54 -4.96 -48.76
CA THR B 924 23.64 -4.94 -50.21
C THR B 924 23.65 -3.50 -50.73
N GLU B 925 24.54 -3.24 -51.69
CA GLU B 925 24.68 -1.90 -52.25
C GLU B 925 23.54 -1.60 -53.21
N LEU B 926 23.09 -0.35 -53.21
CA LEU B 926 21.99 0.09 -54.06
C LEU B 926 22.18 1.57 -54.38
N GLY B 927 21.14 2.18 -54.96
CA GLY B 927 21.15 3.60 -55.24
C GLY B 927 20.86 4.44 -54.02
N PRO B 928 20.86 5.76 -54.21
CA PRO B 928 20.89 6.66 -53.05
C PRO B 928 19.56 6.80 -52.32
N GLU B 929 18.43 6.81 -53.03
CA GLU B 929 17.18 7.20 -52.39
C GLU B 929 16.72 6.15 -51.37
N GLN B 930 16.72 4.87 -51.74
CA GLN B 930 16.32 3.87 -50.75
C GLN B 930 17.40 3.66 -49.69
N ARG B 931 18.65 4.02 -49.96
CA ARG B 931 19.64 4.08 -48.88
C ARG B 931 19.29 5.15 -47.86
N ARG B 932 18.85 6.32 -48.33
CA ARG B 932 18.39 7.36 -47.41
C ARG B 932 17.16 6.88 -46.63
N ILE B 933 16.24 6.20 -47.31
CA ILE B 933 15.08 5.65 -46.62
C ILE B 933 15.52 4.63 -45.58
N LEU B 934 16.53 3.82 -45.89
CA LEU B 934 17.07 2.87 -44.93
C LEU B 934 17.65 3.58 -43.71
N GLN B 935 18.38 4.67 -43.93
CA GLN B 935 18.94 5.42 -42.82
C GLN B 935 17.83 5.99 -41.93
N THR B 936 16.79 6.53 -42.54
CA THR B 936 15.66 7.07 -41.77
C THR B 936 14.97 5.96 -40.99
N SER B 937 14.76 4.80 -41.61
CA SER B 937 14.14 3.67 -40.93
C SER B 937 14.99 3.21 -39.75
N ALA B 938 16.31 3.16 -39.94
CA ALA B 938 17.21 2.78 -38.85
C ALA B 938 17.14 3.78 -37.72
N LEU B 939 17.07 5.08 -38.04
CA LEU B 939 16.95 6.09 -37.00
C LEU B 939 15.66 5.92 -36.21
N CYS B 940 14.54 5.72 -36.91
CA CYS B 940 13.26 5.53 -36.22
C CYS B 940 13.27 4.26 -35.38
N GLN B 941 13.88 3.20 -35.89
CA GLN B 941 13.96 1.94 -35.15
C GLN B 941 14.85 2.07 -33.91
N LYS B 942 15.94 2.83 -34.00
CA LYS B 942 16.74 3.13 -32.83
C LYS B 942 15.95 3.97 -31.83
N GLN B 943 15.13 4.91 -32.31
CA GLN B 943 14.25 5.66 -31.42
C GLN B 943 13.30 4.73 -30.68
N LEU B 944 12.71 3.77 -31.41
CA LEU B 944 11.84 2.78 -30.78
C LEU B 944 12.60 1.99 -29.73
N SER B 945 13.82 1.56 -30.05
CA SER B 945 14.60 0.77 -29.12
C SER B 945 14.91 1.55 -27.84
N LYS B 946 15.30 2.82 -27.98
CA LYS B 946 15.63 3.59 -26.78
C LYS B 946 14.37 4.00 -26.01
N ILE B 947 13.22 4.07 -26.68
CA ILE B 947 11.97 4.23 -25.94
C ILE B 947 11.68 2.97 -25.13
N LEU B 948 11.99 1.80 -25.69
CA LEU B 948 11.69 0.54 -25.02
C LEU B 948 12.44 0.41 -23.70
N ASP B 949 13.73 0.77 -23.67
CA ASP B 949 14.52 0.51 -22.48
C ASP B 949 14.17 1.41 -21.31
N ASP B 950 13.35 2.44 -21.50
CA ASP B 950 12.90 3.27 -20.40
C ASP B 950 11.98 2.46 -19.48
N SER B 951 12.13 2.68 -18.18
CA SER B 951 11.43 1.86 -17.19
C SER B 951 10.17 2.55 -16.66
N ASP B 952 10.31 3.75 -16.11
CA ASP B 952 9.23 4.42 -15.41
C ASP B 952 8.91 5.76 -16.06
N LEU B 953 7.61 6.09 -16.05
CA LEU B 953 7.16 7.39 -16.56
C LEU B 953 7.48 8.52 -15.60
N GLU B 954 7.50 8.24 -14.30
CA GLU B 954 7.65 9.30 -13.31
C GLU B 954 8.95 10.06 -13.48
N SER B 955 9.99 9.42 -14.03
CA SER B 955 11.24 10.13 -14.28
C SER B 955 11.04 11.26 -15.28
N ILE B 956 10.26 11.03 -16.33
CA ILE B 956 9.99 12.07 -17.30
C ILE B 956 9.11 13.16 -16.71
N ILE B 957 8.11 12.76 -15.92
CA ILE B 957 7.20 13.73 -15.30
C ILE B 957 7.95 14.64 -14.34
N GLU B 958 8.84 14.06 -13.53
CA GLU B 958 9.58 14.84 -12.54
C GLU B 958 10.62 15.75 -13.17
N GLY B 959 10.89 15.61 -14.46
CA GLY B 959 11.90 16.44 -15.11
C GLY B 959 13.31 16.18 -14.65
N CYS B 960 13.69 14.91 -14.50
CA CYS B 960 15.04 14.54 -14.09
C CYS B 960 15.64 13.48 -15.01
N LEU B 961 15.08 13.31 -16.20
CA LEU B 961 15.57 12.29 -17.13
C LEU B 961 16.94 12.68 -17.67
N ASP B 962 17.83 11.69 -17.74
CA ASP B 962 19.16 11.90 -18.29
C ASP B 962 19.10 12.17 -19.79
N LEU B 963 20.01 13.00 -20.27
CA LEU B 963 20.06 13.41 -21.67
C LEU B 963 21.32 12.86 -22.32
N GLU B 964 21.16 12.21 -23.48
CA GLU B 964 22.36 11.78 -24.24
C GLU B 964 22.67 12.90 -25.24
N MET B 965 23.86 13.50 -25.15
CA MET B 965 24.20 14.62 -26.05
C MET B 965 25.07 14.11 -27.19
N LYS B 966 24.65 14.37 -28.44
CA LYS B 966 25.44 13.96 -29.61
C LYS B 966 25.12 14.84 -30.80
N GLU B 967 25.91 14.67 -31.87
CA GLU B 967 25.72 15.44 -33.09
C GLU B 967 24.47 15.00 -33.84
N PHE B 968 23.92 15.94 -34.60
CA PHE B 968 22.85 15.63 -35.55
C PHE B 968 22.73 16.78 -36.54
N THR B 969 21.83 16.60 -37.50
CA THR B 969 21.45 17.65 -38.43
C THR B 969 19.95 17.81 -38.39
N LEU B 970 19.48 19.04 -38.65
CA LEU B 970 18.04 19.30 -38.61
C LEU B 970 17.31 18.60 -39.76
N ASN B 971 17.97 18.43 -40.90
CA ASN B 971 17.32 17.84 -42.07
C ASN B 971 16.88 16.41 -41.79
N GLU B 972 17.78 15.60 -41.21
CA GLU B 972 17.44 14.20 -40.97
C GLU B 972 16.33 14.06 -39.95
N VAL B 973 16.37 14.87 -38.88
CA VAL B 973 15.34 14.81 -37.86
C VAL B 973 13.99 15.23 -38.44
N LEU B 974 13.97 16.32 -39.21
CA LEU B 974 12.73 16.77 -39.82
C LEU B 974 12.19 15.73 -40.78
N THR B 975 13.06 15.13 -41.59
CA THR B 975 12.61 14.11 -42.54
C THR B 975 12.05 12.90 -41.84
N ALA B 976 12.71 12.43 -40.78
CA ALA B 976 12.20 11.29 -40.03
C ALA B 976 10.86 11.59 -39.39
N SER B 977 10.74 12.77 -38.76
CA SER B 977 9.48 13.13 -38.11
C SER B 977 8.35 13.25 -39.13
N THR B 978 8.63 13.81 -40.31
CA THR B 978 7.61 13.94 -41.33
C THR B 978 7.26 12.57 -41.91
N SER B 979 8.24 11.68 -42.02
CA SER B 979 7.99 10.34 -42.52
C SER B 979 7.13 9.53 -41.56
N GLN B 980 7.30 9.73 -40.25
CA GLN B 980 6.50 8.99 -39.28
C GLN B 980 5.01 9.26 -39.44
N VAL B 981 4.62 10.36 -40.09
CA VAL B 981 3.22 10.74 -40.21
C VAL B 981 2.78 11.02 -41.65
N MET B 982 3.66 10.79 -42.63
CA MET B 982 3.22 10.87 -44.03
C MET B 982 2.03 9.96 -44.31
N MET B 983 2.03 8.76 -43.72
CA MET B 983 0.93 7.83 -43.98
C MET B 983 -0.40 8.39 -43.48
N LYS B 984 -0.40 8.96 -42.27
CA LYS B 984 -1.62 9.54 -41.74
C LYS B 984 -2.01 10.82 -42.47
N SER B 985 -1.03 11.59 -42.94
CA SER B 985 -1.33 12.78 -43.72
C SER B 985 -2.00 12.41 -45.05
N ASN B 986 -1.49 11.37 -45.72
CA ASN B 986 -2.09 10.91 -46.95
C ASN B 986 -3.42 10.20 -46.72
N GLY B 987 -3.64 9.64 -45.53
CA GLY B 987 -4.92 9.05 -45.22
C GLY B 987 -6.06 10.06 -45.28
N LYS B 988 -5.83 11.25 -44.76
CA LYS B 988 -6.80 12.33 -44.84
C LYS B 988 -6.57 13.25 -46.03
N SER B 989 -5.61 12.93 -46.90
CA SER B 989 -5.28 13.72 -48.08
C SER B 989 -4.84 15.14 -47.70
N VAL B 990 -4.31 15.30 -46.49
CA VAL B 990 -3.84 16.60 -46.03
C VAL B 990 -2.40 16.79 -46.48
N ARG B 991 -2.14 17.88 -47.18
CA ARG B 991 -0.80 18.18 -47.67
C ARG B 991 0.05 18.78 -46.56
N ILE B 992 1.31 18.36 -46.49
CA ILE B 992 2.27 18.87 -45.52
C ILE B 992 3.44 19.48 -46.28
N THR B 993 3.78 20.71 -45.95
CA THR B 993 4.84 21.45 -46.62
C THR B 993 5.93 21.82 -45.62
N ASN B 994 7.15 21.92 -46.12
CA ASN B 994 8.31 22.33 -45.32
C ASN B 994 8.87 23.62 -45.91
N GLU B 995 8.73 24.72 -45.16
CA GLU B 995 9.22 26.02 -45.60
C GLU B 995 10.55 26.39 -44.97
N THR B 996 11.22 25.45 -44.32
CA THR B 996 12.54 25.71 -43.75
C THR B 996 13.55 25.98 -44.85
N GLY B 997 14.36 27.01 -44.65
CA GLY B 997 15.38 27.34 -45.64
C GLY B 997 16.49 26.34 -45.69
N GLU B 998 17.26 26.40 -46.79
CA GLU B 998 18.37 25.46 -46.99
C GLU B 998 19.43 25.63 -45.91
N GLU B 999 19.71 26.88 -45.52
CA GLU B 999 20.72 27.12 -44.49
C GLU B 999 20.32 26.47 -43.17
N VAL B 1000 19.07 26.66 -42.74
CA VAL B 1000 18.60 26.06 -41.50
C VAL B 1000 18.47 24.55 -41.66
N MET B 1001 18.02 24.09 -42.83
CA MET B 1001 17.82 22.65 -43.04
C MET B 1001 19.14 21.88 -42.93
N SER B 1002 20.20 22.42 -43.50
CA SER B 1002 21.49 21.73 -43.53
C SER B 1002 22.38 22.08 -42.33
N ASP B 1003 21.84 22.80 -41.35
CA ASP B 1003 22.63 23.15 -40.18
C ASP B 1003 22.98 21.91 -39.37
N THR B 1004 24.16 21.93 -38.78
CA THR B 1004 24.63 20.84 -37.92
C THR B 1004 24.60 21.31 -36.48
N LEU B 1005 23.94 20.54 -35.61
CA LEU B 1005 23.72 20.94 -34.23
C LEU B 1005 24.11 19.82 -33.29
N TYR B 1006 24.25 20.18 -32.01
CA TYR B 1006 24.59 19.18 -30.97
C TYR B 1006 23.40 19.14 -30.02
N GLY B 1007 22.94 17.95 -29.69
CA GLY B 1007 21.79 17.79 -28.82
C GLY B 1007 21.31 16.35 -28.82
N ASP B 1008 20.07 16.16 -28.36
CA ASP B 1008 19.42 14.86 -28.33
C ASP B 1008 18.40 14.83 -29.47
N SER B 1009 18.81 14.24 -30.61
CA SER B 1009 17.97 14.26 -31.79
C SER B 1009 16.80 13.31 -31.72
N ILE B 1010 16.92 12.21 -30.95
CA ILE B 1010 15.87 11.21 -30.90
C ILE B 1010 14.63 11.77 -30.18
N ARG B 1011 14.83 12.40 -29.03
CA ARG B 1011 13.72 12.99 -28.30
C ARG B 1011 13.07 14.11 -29.10
N LEU B 1012 13.89 14.94 -29.76
CA LEU B 1012 13.36 16.01 -30.60
C LEU B 1012 12.52 15.44 -31.74
N GLN B 1013 13.00 14.37 -32.38
CA GLN B 1013 12.25 13.73 -33.46
C GLN B 1013 10.93 13.17 -32.94
N GLN B 1014 10.96 12.53 -31.77
CA GLN B 1014 9.74 12.02 -31.16
C GLN B 1014 8.73 13.14 -30.92
N VAL B 1015 9.19 14.25 -30.35
CA VAL B 1015 8.30 15.37 -30.03
C VAL B 1015 7.70 15.96 -31.30
N LEU B 1016 8.55 16.22 -32.30
CA LEU B 1016 8.07 16.81 -33.55
C LEU B 1016 7.12 15.86 -34.27
N ALA B 1017 7.41 14.57 -34.25
CA ALA B 1017 6.55 13.60 -34.91
C ALA B 1017 5.19 13.54 -34.25
N ASP B 1018 5.15 13.57 -32.91
CA ASP B 1018 3.85 13.55 -32.23
C ASP B 1018 3.06 14.83 -32.51
N PHE B 1019 3.75 15.98 -32.50
CA PHE B 1019 3.06 17.24 -32.80
C PHE B 1019 2.49 17.22 -34.22
N MET B 1020 3.30 16.80 -35.19
CA MET B 1020 2.81 16.70 -36.57
C MET B 1020 1.69 15.67 -36.66
N LEU B 1021 1.75 14.63 -35.84
CA LEU B 1021 0.73 13.58 -35.88
C LEU B 1021 -0.64 14.12 -35.51
N MET B 1022 -0.76 14.79 -34.35
CA MET B 1022 -2.11 15.23 -34.02
C MET B 1022 -2.47 16.49 -34.81
N ALA B 1023 -1.47 17.21 -35.34
CA ALA B 1023 -1.77 18.30 -36.26
C ALA B 1023 -2.45 17.77 -37.51
N VAL B 1024 -1.98 16.62 -38.02
CA VAL B 1024 -2.70 15.93 -39.08
C VAL B 1024 -4.07 15.48 -38.60
N ASN B 1025 -4.14 14.98 -37.36
CA ASN B 1025 -5.40 14.46 -36.83
C ASN B 1025 -6.47 15.55 -36.77
N PHE B 1026 -6.12 16.74 -36.30
CA PHE B 1026 -7.07 17.83 -36.13
C PHE B 1026 -7.05 18.83 -37.29
N THR B 1027 -6.71 18.36 -38.48
CA THR B 1027 -6.83 19.16 -39.70
C THR B 1027 -7.83 18.49 -40.62
N PRO B 1028 -8.90 19.18 -41.02
CA PRO B 1028 -9.91 18.55 -41.89
C PRO B 1028 -9.31 18.15 -43.23
N SER B 1029 -9.91 17.14 -43.86
CA SER B 1029 -9.41 16.61 -45.11
C SER B 1029 -9.31 17.70 -46.17
N GLY B 1030 -8.20 17.70 -46.91
CA GLY B 1030 -7.93 18.71 -47.89
C GLY B 1030 -7.18 19.92 -47.37
N GLY B 1031 -6.92 20.00 -46.06
CA GLY B 1031 -6.21 21.12 -45.49
C GLY B 1031 -4.72 21.05 -45.72
N GLN B 1032 -4.02 22.06 -45.19
CA GLN B 1032 -2.59 22.18 -45.36
C GLN B 1032 -1.91 22.39 -44.00
N LEU B 1033 -0.77 21.75 -43.83
CA LEU B 1033 0.04 21.88 -42.62
C LEU B 1033 1.45 22.25 -43.04
N THR B 1034 1.90 23.44 -42.63
CA THR B 1034 3.22 23.95 -42.95
C THR B 1034 4.11 23.90 -41.72
N VAL B 1035 5.27 23.28 -41.84
CA VAL B 1035 6.25 23.18 -40.77
C VAL B 1035 7.48 23.99 -41.18
N SER B 1036 7.86 24.95 -40.35
CA SER B 1036 9.01 25.80 -40.63
C SER B 1036 9.94 25.81 -39.42
N ALA B 1037 11.24 25.89 -39.69
CA ALA B 1037 12.26 25.89 -38.65
C ALA B 1037 13.23 27.04 -38.88
N SER B 1038 13.62 27.70 -37.79
CA SER B 1038 14.59 28.79 -37.85
C SER B 1038 15.59 28.64 -36.71
N LEU B 1039 16.79 29.16 -36.94
CA LEU B 1039 17.88 29.05 -35.97
C LEU B 1039 18.39 30.44 -35.63
N ARG B 1040 18.57 30.71 -34.34
CA ARG B 1040 19.12 31.97 -33.88
C ARG B 1040 20.38 31.74 -33.04
N LEU B 1050 25.30 29.38 -28.09
CA LEU B 1050 23.91 29.10 -27.76
C LEU B 1050 23.03 29.18 -29.00
N ALA B 1051 22.37 28.08 -29.34
CA ALA B 1051 21.51 28.00 -30.52
C ALA B 1051 20.06 27.88 -30.06
N ASN B 1052 19.20 28.73 -30.61
CA ASN B 1052 17.77 28.68 -30.34
C ASN B 1052 17.05 28.21 -31.59
N LEU B 1053 16.35 27.08 -31.48
CA LEU B 1053 15.59 26.52 -32.59
C LEU B 1053 14.12 26.86 -32.41
N GLU B 1054 13.58 27.63 -33.34
CA GLU B 1054 12.17 28.00 -33.34
C GLU B 1054 11.45 27.19 -34.41
N ILE B 1055 10.35 26.54 -34.00
CA ILE B 1055 9.62 25.63 -34.86
C ILE B 1055 8.16 26.06 -34.91
N ARG B 1056 7.66 26.30 -36.12
CA ARG B 1056 6.30 26.76 -36.34
C ARG B 1056 5.53 25.66 -37.07
N LEU B 1057 4.39 25.27 -36.51
CA LEU B 1057 3.53 24.26 -37.14
C LEU B 1057 2.16 24.90 -37.37
N THR B 1058 1.93 25.39 -38.58
CA THR B 1058 0.67 26.06 -38.92
C THR B 1058 -0.20 25.10 -39.72
N HIS B 1059 -1.27 24.61 -39.09
CA HIS B 1059 -2.18 23.69 -39.74
C HIS B 1059 -3.57 24.32 -39.87
N THR B 1060 -4.19 24.13 -41.03
CA THR B 1060 -5.50 24.69 -41.27
C THR B 1060 -6.57 23.92 -40.48
N GLY B 1061 -7.73 24.57 -40.32
CA GLY B 1061 -8.85 23.98 -39.63
C GLY B 1061 -9.27 24.80 -38.44
N ALA B 1062 -10.34 24.32 -37.78
CA ALA B 1062 -10.84 25.01 -36.59
C ALA B 1062 -9.83 24.97 -35.46
N GLY B 1063 -9.18 23.83 -35.26
CA GLY B 1063 -8.13 23.69 -34.26
C GLY B 1063 -8.52 22.71 -33.17
N ILE B 1064 -7.54 22.48 -32.29
CA ILE B 1064 -7.72 21.55 -31.18
C ILE B 1064 -8.68 22.17 -30.16
N PRO B 1065 -9.63 21.40 -29.62
CA PRO B 1065 -10.53 21.96 -28.61
C PRO B 1065 -9.78 22.43 -27.37
N GLU B 1066 -10.37 23.42 -26.68
CA GLU B 1066 -9.67 24.10 -25.60
C GLU B 1066 -9.45 23.20 -24.39
N PHE B 1067 -10.28 22.16 -24.21
CA PHE B 1067 -10.08 21.26 -23.08
C PHE B 1067 -8.75 20.51 -23.21
N LEU B 1068 -8.41 20.06 -24.43
CA LEU B 1068 -7.11 19.45 -24.64
C LEU B 1068 -5.98 20.45 -24.40
N LEU B 1069 -6.22 21.73 -24.68
CA LEU B 1069 -5.20 22.74 -24.42
C LEU B 1069 -4.96 22.92 -22.92
N ASN B 1070 -6.05 23.05 -22.15
CA ASN B 1070 -5.90 23.13 -20.70
C ASN B 1070 -5.28 21.85 -20.14
N GLN B 1071 -5.49 20.72 -20.83
CA GLN B 1071 -4.82 19.49 -20.43
C GLN B 1071 -3.32 19.56 -20.68
N MET B 1072 -2.92 20.06 -21.86
CA MET B 1072 -1.50 20.01 -22.18
C MET B 1072 -0.71 21.03 -21.37
N PHE B 1073 -1.35 22.16 -21.01
CA PHE B 1073 -0.70 23.09 -20.11
C PHE B 1073 -0.52 22.53 -18.71
N GLY B 1074 -1.16 21.41 -18.39
CA GLY B 1074 -1.06 20.81 -17.08
C GLY B 1074 -2.03 21.36 -16.05
N THR B 1075 -2.99 22.18 -16.46
CA THR B 1075 -3.95 22.77 -15.55
C THR B 1075 -5.20 21.92 -15.35
N GLU B 1076 -5.36 20.84 -16.10
CA GLU B 1076 -6.53 19.96 -15.98
C GLU B 1076 -6.09 18.59 -15.50
N GLU B 1077 -6.73 18.10 -14.44
CA GLU B 1077 -6.38 16.80 -13.89
C GLU B 1077 -6.88 15.67 -14.79
N ASP B 1078 -8.02 15.86 -15.43
CA ASP B 1078 -8.57 14.85 -16.34
C ASP B 1078 -7.75 14.85 -17.62
N VAL B 1079 -6.85 13.88 -17.74
CA VAL B 1079 -5.89 13.81 -18.84
C VAL B 1079 -6.13 12.52 -19.61
N SER B 1080 -6.32 12.63 -20.92
CA SER B 1080 -6.49 11.47 -21.78
C SER B 1080 -5.14 10.96 -22.28
N GLU B 1081 -5.18 9.83 -22.99
CA GLU B 1081 -3.94 9.25 -23.52
C GLU B 1081 -3.25 10.20 -24.48
N GLU B 1082 -4.03 10.83 -25.38
CA GLU B 1082 -3.48 11.93 -26.16
C GLU B 1082 -2.93 13.01 -25.24
N GLY B 1083 -3.72 13.43 -24.25
CA GLY B 1083 -3.24 14.40 -23.29
C GLY B 1083 -2.02 13.94 -22.53
N LEU B 1084 -1.91 12.63 -22.30
CA LEU B 1084 -0.68 12.08 -21.73
C LEU B 1084 0.50 12.36 -22.66
N SER B 1085 0.30 12.13 -23.95
CA SER B 1085 1.36 12.45 -24.91
C SER B 1085 1.73 13.93 -24.84
N LEU B 1086 0.70 14.77 -24.72
CA LEU B 1086 0.94 16.23 -24.68
C LEU B 1086 1.79 16.58 -23.46
N MET B 1087 1.38 16.14 -22.27
CA MET B 1087 2.13 16.56 -21.05
C MET B 1087 3.57 16.02 -21.15
N VAL B 1088 3.75 14.74 -21.47
CA VAL B 1088 5.10 14.21 -21.63
C VAL B 1088 5.91 15.09 -22.57
N SER B 1089 5.31 15.50 -23.71
CA SER B 1089 6.02 16.34 -24.65
C SER B 1089 6.38 17.69 -24.05
N ARG B 1090 5.44 18.30 -23.32
CA ARG B 1090 5.69 19.61 -22.72
C ARG B 1090 6.76 19.52 -21.63
N LYS B 1091 6.73 18.46 -20.82
CA LYS B 1091 7.76 18.28 -19.82
C LYS B 1091 9.13 18.09 -20.45
N LEU B 1092 9.20 17.33 -21.54
CA LEU B 1092 10.47 17.16 -22.24
C LEU B 1092 10.97 18.47 -22.83
N VAL B 1093 10.06 19.27 -23.39
CA VAL B 1093 10.44 20.57 -23.93
C VAL B 1093 10.94 21.48 -22.82
N LYS B 1094 10.27 21.44 -21.66
CA LYS B 1094 10.75 22.21 -20.50
C LYS B 1094 12.15 21.75 -20.08
N LEU B 1095 12.41 20.44 -20.17
CA LEU B 1095 13.76 19.94 -19.92
C LEU B 1095 14.75 20.46 -20.95
N MET B 1096 14.29 20.73 -22.17
CA MET B 1096 15.14 21.23 -23.24
C MET B 1096 15.20 22.76 -23.28
N ASN B 1097 14.89 23.42 -22.16
CA ASN B 1097 14.96 24.89 -22.05
C ASN B 1097 14.08 25.56 -23.09
N GLY B 1098 12.78 25.27 -23.02
CA GLY B 1098 11.83 25.85 -23.94
C GLY B 1098 10.39 25.71 -23.48
N ASP B 1099 9.44 26.06 -24.35
CA ASP B 1099 8.03 25.96 -24.03
C ASP B 1099 7.24 25.68 -25.31
N VAL B 1100 6.04 25.14 -25.13
CA VAL B 1100 5.14 24.84 -26.22
C VAL B 1100 3.92 25.77 -26.12
N GLN B 1101 3.62 26.45 -27.22
CA GLN B 1101 2.54 27.43 -27.23
C GLN B 1101 1.57 27.13 -28.37
N TYR B 1102 0.32 27.53 -28.16
CA TYR B 1102 -0.75 27.31 -29.13
C TYR B 1102 -1.38 28.64 -29.50
N LEU B 1103 -1.55 28.88 -30.81
CA LEU B 1103 -2.15 30.11 -31.31
C LEU B 1103 -3.31 29.76 -32.21
N ARG B 1104 -4.41 30.49 -32.06
CA ARG B 1104 -5.61 30.31 -32.87
C ARG B 1104 -5.89 31.56 -33.68
N GLN B 1105 -6.06 31.39 -34.98
CA GLN B 1105 -6.47 32.46 -35.87
C GLN B 1105 -7.49 31.89 -36.85
N ALA B 1106 -8.07 32.77 -37.66
CA ALA B 1106 -9.18 32.36 -38.52
C ALA B 1106 -8.75 31.26 -39.47
N GLY B 1107 -9.23 30.04 -39.21
CA GLY B 1107 -8.92 28.89 -40.03
C GLY B 1107 -7.53 28.33 -39.87
N LYS B 1108 -6.75 28.78 -38.89
CA LYS B 1108 -5.37 28.33 -38.76
C LYS B 1108 -4.98 28.20 -37.29
N SER B 1109 -4.52 27.02 -36.90
CA SER B 1109 -4.00 26.78 -35.57
C SER B 1109 -2.51 26.49 -35.68
N SER B 1110 -1.72 27.15 -34.84
CA SER B 1110 -0.27 27.16 -34.99
C SER B 1110 0.40 26.78 -33.68
N PHE B 1111 1.33 25.83 -33.76
CA PHE B 1111 2.16 25.42 -32.64
C PHE B 1111 3.49 26.16 -32.68
N ILE B 1112 3.85 26.78 -31.55
CA ILE B 1112 5.16 27.39 -31.33
C ILE B 1112 5.97 26.41 -30.47
N ILE B 1113 7.14 26.03 -30.97
CA ILE B 1113 8.08 25.19 -30.23
C ILE B 1113 9.41 25.93 -30.14
N THR B 1114 9.94 26.05 -28.93
CA THR B 1114 11.24 26.68 -28.69
C THR B 1114 12.17 25.65 -28.07
N ALA B 1115 13.34 25.48 -28.66
CA ALA B 1115 14.31 24.50 -28.18
C ALA B 1115 15.68 25.14 -28.06
N GLU B 1116 16.46 24.64 -27.10
CA GLU B 1116 17.84 25.07 -26.90
C GLU B 1116 18.76 23.96 -27.38
N LEU B 1117 19.64 24.28 -28.34
CA LEU B 1117 20.57 23.32 -28.90
C LEU B 1117 21.93 23.97 -29.02
N ALA B 1118 22.97 23.13 -29.05
CA ALA B 1118 24.34 23.58 -29.17
C ALA B 1118 24.78 23.50 -30.62
N ALA B 1119 25.45 24.56 -31.10
CA ALA B 1119 25.91 24.61 -32.48
C ALA B 1119 27.41 24.81 -32.55
CAH O6E C . -18.78 -48.54 21.49
CAC O6E C . -18.59 -48.55 19.98
CBJ O6E C . -18.75 -47.17 19.32
CBD O6E C . -19.01 -47.32 17.81
CAT O6E C . -20.45 -47.52 17.43
CAX O6E C . -18.38 -46.04 17.28
OBQ O6E C . -18.70 -45.43 16.27
NBP O6E C . -17.39 -45.68 18.16
CBN O6E C . -17.49 -46.35 19.36
CAQ O6E C . -16.61 -46.25 20.40
CAY O6E C . -15.42 -45.51 20.44
NAN O6E C . -14.91 -44.73 19.44
CBE O6E C . -14.51 -45.43 21.54
CAU O6E C . -14.67 -46.14 22.86
CBK O6E C . -13.48 -44.61 21.17
CAD O6E C . -12.29 -44.24 22.00
CAI O6E C . -11.09 -45.16 21.76
CAM O6E C . -9.89 -44.93 22.67
OBG O6E C . -10.03 -45.12 23.89
OBA O6E C . -8.82 -44.55 22.15
CBO O6E C . -13.74 -44.15 19.84
CAO O6E C . -12.93 -43.31 19.08
CAV O6E C . -12.99 -42.81 17.80
NAE O6E C . -14.01 -43.02 16.91
CBB O6E C . -11.93 -42.02 17.18
CAA O6E C . -10.73 -41.45 17.87
CAF O6E C . -9.69 -42.47 18.30
CAL O6E C . -8.85 -43.09 17.21
OBF O6E C . -9.04 -42.72 16.04
OAZ O6E C . -7.99 -43.93 17.55
CBH O6E C . -12.29 -41.89 15.87
CAR O6E C . -11.48 -41.19 14.82
CBL O6E C . -13.59 -42.51 15.71
CAP O6E C . -14.40 -42.50 14.58
CAW O6E C . -14.21 -42.24 13.22
CBC O6E C . -15.26 -41.99 12.28
CAS O6E C . -16.67 -41.64 12.65
NAJ O6E C . -13.03 -42.29 12.49
CBM O6E C . -13.30 -42.48 11.17
OAK O6E C . -12.52 -42.89 10.32
CBI O6E C . -14.73 -42.10 10.98
CAB O6E C . -15.43 -41.88 9.79
CAG O6E C . -14.93 -41.96 8.58
CAH O6E D . 14.03 51.66 10.02
CAC O6E D . 12.80 50.79 9.98
CBJ O6E D . 13.11 49.28 9.96
CBD O6E D . 13.97 48.86 8.75
CAT O6E D . 15.34 48.38 9.12
CAX O6E D . 13.12 47.78 8.07
OBQ O6E D . 13.46 47.13 7.09
NBP O6E D . 11.94 47.64 8.75
CBN O6E D . 11.81 48.52 9.80
CAQ O6E D . 10.71 48.68 10.59
CAY O6E D . 9.48 48.05 10.48
NAN O6E D . 9.15 47.10 9.53
CBE O6E D . 8.32 48.25 11.30
CAU O6E D . 8.25 49.21 12.45
CBK O6E D . 7.33 47.43 10.84
CAD O6E D . 5.94 47.30 11.39
CAI O6E D . 4.94 48.25 10.73
CAM O6E D . 3.49 48.10 11.21
OBG O6E D . 3.26 47.22 12.06
OBA O6E D . 2.63 48.86 10.73
CBO O6E D . 7.85 46.69 9.72
CAO O6E D . 7.15 45.75 8.97
CAV O6E D . 7.46 44.94 7.91
NAE O6E D . 8.69 44.82 7.33
CBB O6E D . 6.50 44.08 7.24
CAA O6E D . 5.07 43.89 7.64
CAF O6E D . 4.13 44.89 7.00
CAL O6E D . 2.72 44.89 7.58
OBF O6E D . 1.88 45.65 7.06
OAZ O6E D . 2.49 44.14 8.54
CBH O6E D . 7.17 43.51 6.20
CAR O6E D . 6.57 42.57 5.19
CBL O6E D . 8.56 43.96 6.27
CAP O6E D . 9.63 43.54 5.50
CAW O6E D . 9.82 42.86 4.30
CBC O6E D . 11.08 42.39 3.80
CAS O6E D . 12.35 42.38 4.60
NAJ O6E D . 8.88 42.58 3.31
CBM O6E D . 9.50 42.31 2.13
OAK O6E D . 9.01 42.36 1.02
CBI O6E D . 10.90 41.94 2.48
CAB O6E D . 11.85 41.29 1.70
CAG O6E D . 11.68 40.86 0.48
#